data_2JR5
#
_entry.id   2JR5
#
_entity_poly.entity_id   1
_entity_poly.type   'polypeptide(L)'
_entity_poly.pdbx_seq_one_letter_code
;MYTAEQKARIKWACRRGMLELDVVIMPFFEECFDSLTESEQDDFVALLESDDPDLFAWVMGHGRCENLGLAAMVDKIVAH
NLSKVRLEHHHHHH
;
_entity_poly.pdbx_strand_id   A
#
# COMPACT_ATOMS: atom_id res chain seq x y z
N MET A 1 2.65 -5.19 -20.43
CA MET A 1 2.90 -4.91 -18.99
C MET A 1 1.61 -5.03 -18.18
N TYR A 2 1.58 -6.04 -17.32
CA TYR A 2 0.49 -6.26 -16.36
C TYR A 2 -0.80 -6.70 -17.06
N THR A 3 -1.69 -7.30 -16.28
CA THR A 3 -2.98 -7.76 -16.80
C THR A 3 -4.09 -7.42 -15.81
N ALA A 4 -5.31 -7.31 -16.33
CA ALA A 4 -6.49 -7.14 -15.47
C ALA A 4 -6.68 -8.37 -14.60
N GLU A 5 -6.18 -9.50 -15.10
CA GLU A 5 -6.20 -10.76 -14.38
C GLU A 5 -5.39 -10.65 -13.10
N GLN A 6 -4.21 -10.05 -13.21
CA GLN A 6 -3.34 -9.82 -12.06
C GLN A 6 -4.00 -8.84 -11.07
N LYS A 7 -4.69 -7.83 -11.62
CA LYS A 7 -5.40 -6.85 -10.80
C LYS A 7 -6.45 -7.52 -9.93
N ALA A 8 -7.08 -8.57 -10.45
CA ALA A 8 -8.09 -9.32 -9.71
C ALA A 8 -7.51 -9.98 -8.47
N ARG A 9 -6.27 -10.46 -8.59
CA ARG A 9 -5.59 -11.08 -7.46
C ARG A 9 -5.38 -10.07 -6.34
N ILE A 10 -5.10 -8.83 -6.72
CA ILE A 10 -4.92 -7.74 -5.77
C ILE A 10 -6.22 -7.46 -5.04
N LYS A 11 -7.30 -7.43 -5.79
CA LYS A 11 -8.63 -7.14 -5.26
C LYS A 11 -8.99 -8.10 -4.13
N TRP A 12 -8.66 -9.37 -4.30
CA TRP A 12 -8.94 -10.38 -3.29
C TRP A 12 -8.01 -10.23 -2.08
N ALA A 13 -6.80 -9.75 -2.31
CA ALA A 13 -5.76 -9.73 -1.27
C ALA A 13 -5.87 -8.52 -0.35
N CYS A 14 -6.30 -7.37 -0.88
CA CYS A 14 -6.37 -6.14 -0.09
C CYS A 14 -7.44 -6.24 0.98
N ARG A 15 -8.42 -7.12 0.75
CA ARG A 15 -9.53 -7.32 1.67
C ARG A 15 -9.06 -7.92 3.00
N ARG A 16 -8.75 -7.06 3.96
CA ARG A 16 -8.42 -7.52 5.31
C ARG A 16 -9.62 -7.26 6.24
N GLY A 17 -9.42 -7.51 7.53
CA GLY A 17 -10.48 -7.27 8.50
C GLY A 17 -10.56 -5.81 8.90
N MET A 18 -9.64 -5.02 8.40
CA MET A 18 -9.65 -3.58 8.64
C MET A 18 -9.78 -2.84 7.32
N LEU A 19 -10.67 -1.87 7.29
CA LEU A 19 -11.02 -1.15 6.07
C LEU A 19 -9.92 -0.17 5.66
N GLU A 20 -9.14 0.27 6.63
CA GLU A 20 -8.10 1.26 6.41
C GLU A 20 -7.12 0.82 5.33
N LEU A 21 -6.75 -0.46 5.34
CA LEU A 21 -5.81 -0.98 4.36
C LEU A 21 -6.48 -1.14 3.00
N ASP A 22 -7.67 -1.71 2.99
CA ASP A 22 -8.40 -1.97 1.75
C ASP A 22 -8.71 -0.67 1.02
N VAL A 23 -9.06 0.37 1.77
CA VAL A 23 -9.46 1.64 1.18
C VAL A 23 -8.26 2.42 0.62
N VAL A 24 -7.06 2.10 1.09
CA VAL A 24 -5.87 2.79 0.60
C VAL A 24 -5.15 1.94 -0.45
N ILE A 25 -5.81 0.87 -0.89
CA ILE A 25 -5.26 0.03 -1.94
C ILE A 25 -6.19 -0.02 -3.15
N MET A 26 -7.47 -0.28 -2.90
CA MET A 26 -8.45 -0.49 -3.96
C MET A 26 -8.45 0.66 -4.99
N PRO A 27 -8.67 1.93 -4.56
CA PRO A 27 -8.69 3.06 -5.47
C PRO A 27 -7.31 3.69 -5.66
N PHE A 28 -6.43 3.45 -4.70
CA PHE A 28 -5.09 4.01 -4.74
C PHE A 28 -4.27 3.35 -5.86
N PHE A 29 -4.46 2.06 -6.06
CA PHE A 29 -3.78 1.33 -7.11
C PHE A 29 -4.09 1.96 -8.47
N GLU A 30 -5.31 2.44 -8.63
CA GLU A 30 -5.75 3.07 -9.87
C GLU A 30 -4.85 4.24 -10.21
N GLU A 31 -4.45 4.98 -9.19
CA GLU A 31 -3.57 6.12 -9.35
C GLU A 31 -2.09 5.70 -9.36
N CYS A 32 -1.72 4.87 -8.40
CA CYS A 32 -0.32 4.52 -8.17
C CYS A 32 0.22 3.61 -9.27
N PHE A 33 -0.66 2.91 -9.95
CA PHE A 33 -0.27 2.02 -11.05
C PHE A 33 0.54 2.78 -12.10
N ASP A 34 0.19 4.03 -12.31
CA ASP A 34 0.90 4.89 -13.25
C ASP A 34 2.33 5.15 -12.80
N SER A 35 2.55 5.09 -11.49
CA SER A 35 3.84 5.38 -10.90
C SER A 35 4.58 4.09 -10.52
N LEU A 36 3.91 2.95 -10.66
CA LEU A 36 4.50 1.68 -10.29
C LEU A 36 4.96 0.89 -11.51
N THR A 37 6.22 0.48 -11.48
CA THR A 37 6.76 -0.36 -12.53
C THR A 37 6.57 -1.83 -12.18
N GLU A 38 6.74 -2.71 -13.17
CA GLU A 38 6.52 -4.14 -12.97
C GLU A 38 7.39 -4.69 -11.84
N SER A 39 8.65 -4.25 -11.82
CA SER A 39 9.59 -4.67 -10.77
C SER A 39 9.06 -4.32 -9.38
N GLU A 40 8.49 -3.13 -9.25
CA GLU A 40 7.89 -2.70 -7.98
C GLU A 40 6.61 -3.48 -7.73
N GLN A 41 5.85 -3.67 -8.79
CA GLN A 41 4.56 -4.36 -8.72
C GLN A 41 4.72 -5.82 -8.33
N ASP A 42 5.79 -6.46 -8.79
CA ASP A 42 6.06 -7.86 -8.46
C ASP A 42 6.21 -8.04 -6.96
N ASP A 43 7.01 -7.18 -6.35
CA ASP A 43 7.28 -7.24 -4.93
C ASP A 43 6.02 -6.89 -4.15
N PHE A 44 5.22 -5.99 -4.73
CA PHE A 44 3.94 -5.60 -4.15
C PHE A 44 2.96 -6.76 -4.14
N VAL A 45 2.82 -7.41 -5.29
CA VAL A 45 1.91 -8.55 -5.42
C VAL A 45 2.38 -9.73 -4.55
N ALA A 46 3.69 -9.90 -4.47
CA ALA A 46 4.28 -10.94 -3.62
C ALA A 46 3.87 -10.74 -2.16
N LEU A 47 3.82 -9.49 -1.75
CA LEU A 47 3.43 -9.14 -0.38
C LEU A 47 1.96 -9.45 -0.12
N LEU A 48 1.13 -9.19 -1.13
CA LEU A 48 -0.32 -9.22 -0.98
C LEU A 48 -0.87 -10.58 -0.54
N GLU A 49 -0.11 -11.63 -0.80
CA GLU A 49 -0.55 -12.97 -0.40
C GLU A 49 -0.44 -13.16 1.11
N SER A 50 0.28 -12.27 1.76
CA SER A 50 0.42 -12.30 3.21
C SER A 50 -0.19 -11.02 3.78
N ASP A 51 0.19 -10.69 5.01
CA ASP A 51 -0.24 -9.44 5.61
C ASP A 51 0.95 -8.49 5.71
N ASP A 52 0.69 -7.28 6.20
CA ASP A 52 1.72 -6.26 6.30
C ASP A 52 1.86 -5.75 7.74
N PRO A 53 2.25 -6.61 8.70
CA PRO A 53 2.37 -6.23 10.11
C PRO A 53 3.41 -5.13 10.34
N ASP A 54 4.63 -5.37 9.84
CA ASP A 54 5.71 -4.41 10.00
C ASP A 54 5.44 -3.17 9.17
N LEU A 55 4.81 -3.39 8.02
CA LEU A 55 4.51 -2.31 7.08
C LEU A 55 3.41 -1.41 7.63
N PHE A 56 2.42 -2.01 8.29
CA PHE A 56 1.38 -1.26 8.97
C PHE A 56 2.00 -0.32 10.00
N ALA A 57 3.05 -0.78 10.64
CA ALA A 57 3.76 0.00 11.63
C ALA A 57 4.52 1.16 10.97
N TRP A 58 4.88 1.01 9.69
CA TRP A 58 5.49 2.12 8.94
C TRP A 58 4.48 3.24 8.73
N VAL A 59 3.23 2.84 8.52
CA VAL A 59 2.13 3.80 8.35
C VAL A 59 1.89 4.56 9.65
N MET A 60 2.14 3.88 10.77
CA MET A 60 1.95 4.49 12.09
C MET A 60 3.23 5.19 12.54
N GLY A 61 4.32 4.95 11.84
CA GLY A 61 5.59 5.60 12.15
C GLY A 61 6.34 4.90 13.27
N HIS A 62 6.42 3.58 13.20
CA HIS A 62 7.13 2.80 14.22
C HIS A 62 7.32 1.36 13.74
N GLY A 63 7.79 1.20 12.51
CA GLY A 63 7.93 -0.13 11.95
C GLY A 63 9.34 -0.48 11.55
N ARG A 64 9.52 -1.68 11.02
CA ARG A 64 10.82 -2.15 10.57
C ARG A 64 10.69 -2.93 9.26
N CYS A 65 11.38 -2.47 8.23
CA CYS A 65 11.36 -3.14 6.94
C CYS A 65 12.75 -3.07 6.33
N GLU A 66 13.42 -4.20 6.29
CA GLU A 66 14.80 -4.25 5.85
C GLU A 66 14.92 -4.23 4.33
N ASN A 67 13.96 -4.84 3.65
CA ASN A 67 13.95 -4.84 2.21
C ASN A 67 13.25 -3.59 1.71
N LEU A 68 14.05 -2.59 1.38
CA LEU A 68 13.53 -1.28 1.00
C LEU A 68 12.78 -1.33 -0.32
N GLY A 69 12.83 -2.47 -0.99
CA GLY A 69 11.99 -2.68 -2.15
C GLY A 69 10.52 -2.61 -1.77
N LEU A 70 10.19 -3.21 -0.64
CA LEU A 70 8.83 -3.13 -0.10
C LEU A 70 8.56 -1.72 0.43
N ALA A 71 9.49 -1.22 1.24
CA ALA A 71 9.36 0.09 1.85
C ALA A 71 9.24 1.20 0.80
N ALA A 72 9.82 0.96 -0.36
CA ALA A 72 9.79 1.93 -1.46
C ALA A 72 8.36 2.24 -1.87
N MET A 73 7.57 1.21 -2.11
CA MET A 73 6.20 1.41 -2.55
C MET A 73 5.35 1.93 -1.40
N VAL A 74 5.71 1.57 -0.17
CA VAL A 74 5.04 2.09 1.02
C VAL A 74 5.24 3.59 1.12
N ASP A 75 6.49 4.02 0.92
CA ASP A 75 6.85 5.44 0.93
C ASP A 75 6.02 6.20 -0.10
N LYS A 76 5.87 5.60 -1.27
CA LYS A 76 5.09 6.19 -2.36
C LYS A 76 3.61 6.29 -1.98
N ILE A 77 3.13 5.32 -1.20
CA ILE A 77 1.76 5.37 -0.67
C ILE A 77 1.64 6.47 0.37
N VAL A 78 2.59 6.51 1.30
CA VAL A 78 2.57 7.48 2.39
C VAL A 78 2.58 8.92 1.87
N ALA A 79 3.36 9.16 0.82
CA ALA A 79 3.45 10.49 0.22
C ALA A 79 2.07 11.00 -0.19
N HIS A 80 1.24 10.11 -0.72
CA HIS A 80 -0.11 10.46 -1.13
C HIS A 80 -1.01 10.68 0.10
N ASN A 81 -0.78 9.91 1.15
CA ASN A 81 -1.53 10.02 2.39
C ASN A 81 -1.22 11.33 3.12
N LEU A 82 0.03 11.76 3.04
CA LEU A 82 0.48 12.96 3.71
C LEU A 82 -0.34 14.19 3.33
N SER A 83 -0.82 14.24 2.09
CA SER A 83 -1.60 15.37 1.64
C SER A 83 -2.99 15.34 2.24
N LYS A 84 -3.51 14.15 2.48
CA LYS A 84 -4.77 13.98 3.17
C LYS A 84 -4.64 14.47 4.61
N VAL A 85 -3.52 14.11 5.23
CA VAL A 85 -3.26 14.46 6.62
C VAL A 85 -3.12 15.97 6.79
N ARG A 86 -2.39 16.59 5.88
CA ARG A 86 -2.17 18.03 5.94
C ARG A 86 -3.44 18.80 5.56
N LEU A 87 -4.30 18.16 4.78
CA LEU A 87 -5.54 18.78 4.32
C LEU A 87 -6.58 18.81 5.44
N GLU A 88 -7.19 17.66 5.71
CA GLU A 88 -8.25 17.58 6.71
C GLU A 88 -7.91 16.56 7.79
N HIS A 89 -6.63 16.21 7.90
CA HIS A 89 -6.14 15.24 8.88
C HIS A 89 -6.60 13.83 8.51
N HIS A 90 -6.56 12.92 9.48
CA HIS A 90 -6.91 11.53 9.23
C HIS A 90 -7.64 10.94 10.44
N HIS A 91 -8.23 9.76 10.28
CA HIS A 91 -8.86 9.08 11.40
C HIS A 91 -8.38 7.64 11.52
N HIS A 92 -7.78 7.36 12.66
CA HIS A 92 -7.20 6.06 12.98
C HIS A 92 -6.58 6.18 14.37
N HIS A 93 -5.55 7.01 14.44
CA HIS A 93 -5.01 7.52 15.69
C HIS A 93 -4.56 8.95 15.42
N HIS A 94 -5.07 9.88 16.21
CA HIS A 94 -4.91 11.32 15.95
C HIS A 94 -5.70 11.71 14.70
N MET A 1 2.36 -5.69 -15.25
CA MET A 1 1.25 -5.97 -16.17
C MET A 1 0.02 -6.41 -15.39
N TYR A 2 -0.94 -5.52 -15.22
CA TYR A 2 -2.11 -5.80 -14.41
C TYR A 2 -3.37 -5.30 -15.09
N THR A 3 -4.28 -6.21 -15.40
CA THR A 3 -5.56 -5.88 -15.98
C THR A 3 -6.63 -5.85 -14.91
N ALA A 4 -7.89 -5.71 -15.32
CA ALA A 4 -9.01 -5.76 -14.39
C ALA A 4 -9.07 -7.12 -13.70
N GLU A 5 -8.62 -8.14 -14.41
CA GLU A 5 -8.59 -9.50 -13.87
C GLU A 5 -7.50 -9.61 -12.82
N GLN A 6 -6.35 -9.01 -13.09
CA GLN A 6 -5.25 -8.98 -12.14
C GLN A 6 -5.59 -8.10 -10.95
N LYS A 7 -6.36 -7.05 -11.21
CA LYS A 7 -6.81 -6.16 -10.17
C LYS A 7 -7.75 -6.90 -9.23
N ALA A 8 -8.53 -7.82 -9.79
CA ALA A 8 -9.48 -8.61 -9.01
C ALA A 8 -8.78 -9.52 -7.99
N ARG A 9 -7.66 -10.13 -8.38
CA ARG A 9 -6.92 -10.98 -7.45
C ARG A 9 -6.27 -10.15 -6.37
N ILE A 10 -5.95 -8.90 -6.70
CA ILE A 10 -5.38 -7.97 -5.72
C ILE A 10 -6.45 -7.48 -4.75
N LYS A 11 -7.59 -7.05 -5.28
CA LYS A 11 -8.68 -6.51 -4.46
C LYS A 11 -9.22 -7.57 -3.50
N TRP A 12 -9.26 -8.83 -3.94
CA TRP A 12 -9.70 -9.91 -3.09
C TRP A 12 -8.66 -10.25 -2.01
N ALA A 13 -7.42 -9.89 -2.26
CA ALA A 13 -6.34 -10.15 -1.32
C ALA A 13 -6.33 -9.12 -0.20
N CYS A 14 -6.38 -7.84 -0.56
CA CYS A 14 -6.36 -6.77 0.42
C CYS A 14 -7.69 -6.66 1.16
N ARG A 15 -8.78 -6.70 0.41
CA ARG A 15 -10.10 -6.62 0.98
C ARG A 15 -10.50 -8.00 1.49
N ARG A 16 -11.59 -8.07 2.25
CA ARG A 16 -12.01 -9.30 2.94
C ARG A 16 -11.06 -9.58 4.12
N GLY A 17 -9.77 -9.68 3.82
CA GLY A 17 -8.78 -9.88 4.85
C GLY A 17 -8.60 -8.64 5.69
N MET A 18 -8.25 -7.53 5.06
CA MET A 18 -8.03 -6.28 5.77
C MET A 18 -9.06 -5.23 5.35
N LEU A 19 -10.10 -5.08 6.14
CA LEU A 19 -11.14 -4.11 5.86
C LEU A 19 -10.71 -2.72 6.32
N GLU A 20 -9.84 -2.67 7.30
CA GLU A 20 -9.31 -1.41 7.80
C GLU A 20 -8.19 -0.89 6.92
N LEU A 21 -7.44 -1.80 6.32
CA LEU A 21 -6.26 -1.43 5.54
C LEU A 21 -6.57 -1.29 4.06
N ASP A 22 -7.76 -1.67 3.65
CA ASP A 22 -8.16 -1.56 2.23
C ASP A 22 -8.03 -0.12 1.75
N VAL A 23 -8.38 0.80 2.64
CA VAL A 23 -8.37 2.23 2.36
C VAL A 23 -6.96 2.73 2.01
N VAL A 24 -5.94 2.07 2.54
CA VAL A 24 -4.57 2.49 2.30
C VAL A 24 -3.86 1.58 1.30
N ILE A 25 -4.60 0.66 0.71
CA ILE A 25 -4.01 -0.26 -0.25
C ILE A 25 -4.54 -0.02 -1.67
N MET A 26 -5.83 -0.25 -1.88
CA MET A 26 -6.39 -0.21 -3.23
C MET A 26 -6.20 1.14 -3.93
N PRO A 27 -6.62 2.26 -3.33
CA PRO A 27 -6.48 3.57 -3.97
C PRO A 27 -5.01 4.01 -4.07
N PHE A 28 -4.22 3.65 -3.07
CA PHE A 28 -2.80 4.00 -3.06
C PHE A 28 -2.03 3.24 -4.12
N PHE A 29 -2.40 1.98 -4.35
CA PHE A 29 -1.77 1.18 -5.39
C PHE A 29 -2.00 1.81 -6.75
N GLU A 30 -3.22 2.30 -6.98
CA GLU A 30 -3.56 2.96 -8.24
C GLU A 30 -2.69 4.18 -8.46
N GLU A 31 -2.39 4.85 -7.36
CA GLU A 31 -1.53 6.02 -7.37
C GLU A 31 -0.06 5.64 -7.60
N CYS A 32 0.44 4.71 -6.81
CA CYS A 32 1.85 4.33 -6.87
C CYS A 32 2.17 3.49 -8.10
N PHE A 33 1.15 2.82 -8.64
CA PHE A 33 1.31 2.00 -9.85
C PHE A 33 1.95 2.81 -10.99
N ASP A 34 1.58 4.09 -11.06
CA ASP A 34 2.16 4.99 -12.05
C ASP A 34 3.62 5.30 -11.73
N SER A 35 3.95 5.32 -10.44
CA SER A 35 5.27 5.75 -9.99
C SER A 35 6.17 4.53 -9.68
N LEU A 36 5.68 3.34 -9.99
CA LEU A 36 6.46 2.12 -9.76
C LEU A 36 6.75 1.42 -11.06
N THR A 37 7.82 0.65 -11.09
CA THR A 37 8.11 -0.21 -12.22
C THR A 37 7.60 -1.62 -11.94
N GLU A 38 7.62 -2.47 -12.95
CA GLU A 38 7.15 -3.85 -12.80
C GLU A 38 7.89 -4.56 -11.67
N SER A 39 9.19 -4.33 -11.60
CA SER A 39 10.03 -4.90 -10.55
C SER A 39 9.50 -4.57 -9.16
N GLU A 40 9.20 -3.29 -8.94
CA GLU A 40 8.69 -2.82 -7.65
C GLU A 40 7.30 -3.42 -7.41
N GLN A 41 6.52 -3.49 -8.46
CA GLN A 41 5.17 -4.03 -8.41
C GLN A 41 5.17 -5.50 -7.99
N ASP A 42 6.13 -6.25 -8.50
CA ASP A 42 6.28 -7.67 -8.14
C ASP A 42 6.57 -7.82 -6.66
N ASP A 43 7.40 -6.94 -6.16
CA ASP A 43 7.78 -6.93 -4.74
C ASP A 43 6.58 -6.62 -3.86
N PHE A 44 5.78 -5.65 -4.29
CA PHE A 44 4.57 -5.25 -3.57
C PHE A 44 3.54 -6.38 -3.56
N VAL A 45 3.31 -6.99 -4.72
CA VAL A 45 2.34 -8.08 -4.85
C VAL A 45 2.74 -9.26 -3.96
N ALA A 46 4.03 -9.51 -3.86
CA ALA A 46 4.54 -10.56 -2.97
C ALA A 46 4.16 -10.27 -1.52
N LEU A 47 4.21 -9.00 -1.12
CA LEU A 47 3.84 -8.60 0.23
C LEU A 47 2.36 -8.85 0.51
N LEU A 48 1.53 -8.68 -0.51
CA LEU A 48 0.08 -8.84 -0.36
C LEU A 48 -0.28 -10.23 0.18
N GLU A 49 0.47 -11.25 -0.24
CA GLU A 49 0.22 -12.61 0.21
C GLU A 49 0.94 -12.90 1.53
N SER A 50 1.85 -12.01 1.90
CA SER A 50 2.60 -12.15 3.14
C SER A 50 1.83 -11.50 4.29
N ASP A 51 2.47 -11.37 5.44
CA ASP A 51 1.88 -10.68 6.57
C ASP A 51 2.25 -9.21 6.54
N ASP A 52 1.61 -8.40 7.39
CA ASP A 52 1.81 -6.97 7.35
C ASP A 52 2.22 -6.39 8.71
N PRO A 53 3.24 -6.94 9.39
CA PRO A 53 3.65 -6.45 10.69
C PRO A 53 4.62 -5.26 10.57
N ASP A 54 5.71 -5.48 9.86
CA ASP A 54 6.68 -4.42 9.60
C ASP A 54 6.08 -3.41 8.63
N LEU A 55 5.25 -3.89 7.71
CA LEU A 55 4.57 -3.02 6.75
C LEU A 55 3.72 -1.99 7.50
N PHE A 56 2.93 -2.47 8.45
CA PHE A 56 2.09 -1.60 9.27
C PHE A 56 2.95 -0.58 10.01
N ALA A 57 4.10 -1.04 10.49
CA ALA A 57 4.99 -0.20 11.29
C ALA A 57 5.60 0.93 10.46
N TRP A 58 5.93 0.64 9.20
CA TRP A 58 6.53 1.66 8.33
C TRP A 58 5.55 2.77 8.04
N VAL A 59 4.30 2.40 7.78
CA VAL A 59 3.27 3.38 7.48
C VAL A 59 2.99 4.26 8.71
N MET A 60 3.14 3.68 9.89
CA MET A 60 2.90 4.39 11.12
C MET A 60 4.12 5.22 11.53
N GLY A 61 5.29 4.86 11.01
CA GLY A 61 6.49 5.66 11.23
C GLY A 61 7.42 5.10 12.29
N HIS A 62 7.31 3.80 12.56
CA HIS A 62 8.16 3.16 13.55
C HIS A 62 8.54 1.75 13.09
N GLY A 63 8.89 1.61 11.83
CA GLY A 63 9.12 0.29 11.28
C GLY A 63 10.52 0.08 10.77
N ARG A 64 10.99 -1.16 10.90
CA ARG A 64 12.24 -1.60 10.29
C ARG A 64 11.94 -2.85 9.48
N CYS A 65 12.60 -3.01 8.34
CA CYS A 65 12.25 -4.08 7.42
C CYS A 65 13.47 -4.89 7.01
N GLU A 66 13.23 -6.10 6.51
CA GLU A 66 14.31 -6.96 6.02
C GLU A 66 15.07 -6.29 4.88
N ASN A 67 14.33 -5.80 3.90
CA ASN A 67 14.92 -5.22 2.71
C ASN A 67 14.37 -3.82 2.46
N LEU A 68 15.26 -2.86 2.18
CA LEU A 68 14.85 -1.48 1.99
C LEU A 68 14.18 -1.27 0.63
N GLY A 69 14.39 -2.19 -0.29
CA GLY A 69 13.68 -2.15 -1.55
C GLY A 69 12.18 -2.24 -1.34
N LEU A 70 11.79 -3.11 -0.42
CA LEU A 70 10.40 -3.19 0.03
C LEU A 70 9.94 -1.86 0.58
N ALA A 71 10.75 -1.29 1.45
CA ALA A 71 10.44 -0.03 2.11
C ALA A 71 10.34 1.12 1.11
N ALA A 72 11.03 0.99 -0.02
CA ALA A 72 11.05 2.03 -1.03
C ALA A 72 9.66 2.28 -1.59
N MET A 73 8.98 1.23 -2.02
CA MET A 73 7.65 1.39 -2.60
C MET A 73 6.61 1.68 -1.51
N VAL A 74 6.86 1.20 -0.30
CA VAL A 74 5.99 1.53 0.84
C VAL A 74 6.14 3.00 1.21
N ASP A 75 7.37 3.51 1.10
CA ASP A 75 7.68 4.90 1.43
C ASP A 75 6.88 5.86 0.55
N LYS A 76 6.71 5.48 -0.71
CA LYS A 76 5.91 6.29 -1.64
C LYS A 76 4.45 6.31 -1.19
N ILE A 77 4.00 5.20 -0.63
CA ILE A 77 2.65 5.11 -0.09
C ILE A 77 2.52 5.99 1.14
N VAL A 78 3.51 5.91 2.03
CA VAL A 78 3.54 6.70 3.24
C VAL A 78 3.51 8.19 2.92
N ALA A 79 4.35 8.61 1.97
CA ALA A 79 4.41 10.01 1.56
C ALA A 79 3.06 10.50 1.06
N HIS A 80 2.37 9.65 0.31
CA HIS A 80 1.07 10.00 -0.23
C HIS A 80 0.05 10.11 0.90
N ASN A 81 0.17 9.22 1.88
CA ASN A 81 -0.71 9.21 3.03
C ASN A 81 -0.45 10.42 3.93
N LEU A 82 0.82 10.72 4.16
CA LEU A 82 1.20 11.85 4.99
C LEU A 82 0.61 13.16 4.46
N SER A 83 0.53 13.25 3.14
CA SER A 83 -0.02 14.43 2.50
C SER A 83 -1.50 14.59 2.82
N LYS A 84 -2.28 13.52 2.66
CA LYS A 84 -3.71 13.58 2.95
C LYS A 84 -3.96 13.73 4.45
N VAL A 85 -2.99 13.31 5.25
CA VAL A 85 -3.08 13.47 6.71
C VAL A 85 -2.81 14.91 7.10
N ARG A 86 -1.80 15.51 6.47
CA ARG A 86 -1.40 16.88 6.79
C ARG A 86 -2.43 17.88 6.31
N LEU A 87 -3.25 17.46 5.33
CA LEU A 87 -4.32 18.29 4.82
C LEU A 87 -5.34 18.63 5.91
N GLU A 88 -5.68 17.61 6.70
CA GLU A 88 -6.62 17.75 7.83
C GLU A 88 -8.06 18.01 7.39
N HIS A 89 -8.24 18.80 6.34
CA HIS A 89 -9.57 19.16 5.85
C HIS A 89 -10.29 17.93 5.30
N HIS A 90 -10.97 17.22 6.18
CA HIS A 90 -11.71 16.01 5.84
C HIS A 90 -12.38 15.46 7.09
N HIS A 91 -13.22 14.45 6.91
CA HIS A 91 -13.83 13.78 8.05
C HIS A 91 -13.63 12.27 7.96
N HIS A 92 -12.98 11.72 8.97
CA HIS A 92 -12.68 10.29 9.01
C HIS A 92 -13.96 9.47 9.06
N HIS A 93 -13.98 8.41 8.25
CA HIS A 93 -15.10 7.47 8.26
C HIS A 93 -14.73 6.28 9.13
N HIS A 94 -13.45 6.22 9.45
CA HIS A 94 -12.91 5.25 10.40
C HIS A 94 -11.81 5.94 11.21
N MET A 1 2.51 -5.79 -14.92
CA MET A 1 1.25 -5.29 -15.52
C MET A 1 0.10 -6.18 -15.08
N TYR A 2 -1.08 -5.62 -14.97
CA TYR A 2 -2.22 -6.36 -14.44
C TYR A 2 -3.51 -5.99 -15.16
N THR A 3 -4.36 -6.98 -15.35
CA THR A 3 -5.69 -6.76 -15.91
C THR A 3 -6.73 -6.77 -14.80
N ALA A 4 -7.99 -6.66 -15.16
CA ALA A 4 -9.09 -6.75 -14.19
C ALA A 4 -9.07 -8.11 -13.50
N GLU A 5 -8.60 -9.12 -14.21
CA GLU A 5 -8.50 -10.47 -13.68
C GLU A 5 -7.51 -10.51 -12.52
N GLN A 6 -6.34 -9.91 -12.73
CA GLN A 6 -5.31 -9.87 -11.70
C GLN A 6 -5.73 -8.96 -10.55
N LYS A 7 -6.43 -7.88 -10.89
CA LYS A 7 -6.93 -6.93 -9.90
C LYS A 7 -7.89 -7.60 -8.93
N ALA A 8 -8.65 -8.58 -9.42
CA ALA A 8 -9.55 -9.35 -8.57
C ALA A 8 -8.76 -10.03 -7.45
N ARG A 9 -7.61 -10.58 -7.80
CA ARG A 9 -6.75 -11.23 -6.81
C ARG A 9 -6.19 -10.20 -5.82
N ILE A 10 -5.90 -9.02 -6.34
CA ILE A 10 -5.41 -7.92 -5.52
C ILE A 10 -6.48 -7.49 -4.51
N LYS A 11 -7.73 -7.39 -4.99
CA LYS A 11 -8.85 -7.01 -4.15
C LYS A 11 -9.00 -7.98 -2.97
N TRP A 12 -8.77 -9.26 -3.23
CA TRP A 12 -8.83 -10.27 -2.17
C TRP A 12 -7.63 -10.15 -1.23
N ALA A 13 -6.52 -9.64 -1.75
CA ALA A 13 -5.32 -9.46 -0.95
C ALA A 13 -5.43 -8.24 -0.04
N CYS A 14 -6.45 -7.43 -0.25
CA CYS A 14 -6.70 -6.28 0.61
C CYS A 14 -7.17 -6.74 2.00
N ARG A 15 -7.81 -7.90 2.04
CA ARG A 15 -8.35 -8.42 3.29
C ARG A 15 -7.26 -9.18 4.05
N ARG A 16 -6.45 -8.44 4.80
CA ARG A 16 -5.46 -9.05 5.68
C ARG A 16 -5.82 -8.78 7.13
N GLY A 17 -5.50 -7.59 7.61
CA GLY A 17 -5.88 -7.22 8.97
C GLY A 17 -6.56 -5.88 9.02
N MET A 18 -6.50 -5.13 7.93
CA MET A 18 -7.05 -3.77 7.90
C MET A 18 -7.78 -3.50 6.59
N LEU A 19 -9.11 -3.61 6.59
CA LEU A 19 -9.93 -3.36 5.41
C LEU A 19 -9.82 -1.90 4.97
N GLU A 20 -9.59 -1.03 5.94
CA GLU A 20 -9.47 0.40 5.67
C GLU A 20 -8.28 0.71 4.76
N LEU A 21 -7.33 -0.23 4.67
CA LEU A 21 -6.18 -0.07 3.79
C LEU A 21 -6.57 -0.23 2.33
N ASP A 22 -7.60 -1.04 2.08
CA ASP A 22 -8.06 -1.33 0.71
C ASP A 22 -8.28 -0.06 -0.09
N VAL A 23 -8.80 0.96 0.56
CA VAL A 23 -9.12 2.23 -0.09
C VAL A 23 -7.85 3.01 -0.45
N VAL A 24 -6.82 2.90 0.38
CA VAL A 24 -5.63 3.71 0.21
C VAL A 24 -4.48 2.92 -0.40
N ILE A 25 -4.71 1.67 -0.74
CA ILE A 25 -3.67 0.84 -1.34
C ILE A 25 -3.89 0.64 -2.83
N MET A 26 -5.03 0.07 -3.19
CA MET A 26 -5.28 -0.36 -4.56
C MET A 26 -5.26 0.82 -5.55
N PRO A 27 -6.05 1.89 -5.34
CA PRO A 27 -6.09 3.04 -6.28
C PRO A 27 -4.76 3.78 -6.34
N PHE A 28 -4.07 3.82 -5.21
CA PHE A 28 -2.77 4.49 -5.12
C PHE A 28 -1.73 3.71 -5.91
N PHE A 29 -1.85 2.39 -5.88
CA PHE A 29 -0.97 1.52 -6.62
C PHE A 29 -1.11 1.74 -8.12
N GLU A 30 -2.34 1.97 -8.58
CA GLU A 30 -2.59 2.23 -10.00
C GLU A 30 -1.78 3.44 -10.46
N GLU A 31 -1.67 4.42 -9.57
CA GLU A 31 -0.90 5.62 -9.85
C GLU A 31 0.60 5.35 -9.73
N CYS A 32 1.01 4.75 -8.61
CA CYS A 32 2.42 4.49 -8.35
C CYS A 32 3.01 3.51 -9.38
N PHE A 33 2.17 2.60 -9.86
CA PHE A 33 2.56 1.61 -10.85
C PHE A 33 3.18 2.25 -12.08
N ASP A 34 2.69 3.43 -12.45
CA ASP A 34 3.24 4.19 -13.58
C ASP A 34 4.74 4.42 -13.41
N SER A 35 5.16 4.71 -12.18
CA SER A 35 6.56 4.99 -11.90
C SER A 35 7.28 3.73 -11.41
N LEU A 36 6.55 2.64 -11.29
CA LEU A 36 7.13 1.36 -10.91
C LEU A 36 7.38 0.49 -12.14
N THR A 37 8.47 -0.25 -12.10
CA THR A 37 8.78 -1.20 -13.15
C THR A 37 8.12 -2.54 -12.87
N GLU A 38 8.13 -3.45 -13.84
CA GLU A 38 7.57 -4.80 -13.65
C GLU A 38 8.20 -5.49 -12.44
N SER A 39 9.50 -5.29 -12.27
CA SER A 39 10.23 -5.84 -11.13
C SER A 39 9.61 -5.35 -9.82
N GLU A 40 9.37 -4.05 -9.74
CA GLU A 40 8.79 -3.43 -8.55
C GLU A 40 7.32 -3.83 -8.41
N GLN A 41 6.66 -3.98 -9.55
CA GLN A 41 5.29 -4.45 -9.61
C GLN A 41 5.18 -5.83 -8.95
N ASP A 42 6.16 -6.69 -9.21
CA ASP A 42 6.22 -8.01 -8.60
C ASP A 42 6.42 -7.91 -7.10
N ASP A 43 7.35 -7.04 -6.69
CA ASP A 43 7.63 -6.81 -5.28
C ASP A 43 6.39 -6.33 -4.53
N PHE A 44 5.62 -5.45 -5.15
CA PHE A 44 4.42 -4.90 -4.54
C PHE A 44 3.35 -5.98 -4.38
N VAL A 45 3.14 -6.77 -5.42
CA VAL A 45 2.16 -7.86 -5.38
C VAL A 45 2.52 -8.86 -4.27
N ALA A 46 3.81 -9.18 -4.18
CA ALA A 46 4.31 -10.08 -3.15
C ALA A 46 3.96 -9.56 -1.75
N LEU A 47 4.00 -8.24 -1.59
CA LEU A 47 3.66 -7.61 -0.33
C LEU A 47 2.20 -7.87 0.04
N LEU A 48 1.32 -7.71 -0.94
CA LEU A 48 -0.11 -7.90 -0.70
C LEU A 48 -0.45 -9.37 -0.46
N GLU A 49 0.38 -10.25 -0.99
CA GLU A 49 0.21 -11.68 -0.79
C GLU A 49 0.61 -12.10 0.62
N SER A 50 1.29 -11.21 1.32
CA SER A 50 1.66 -11.44 2.70
C SER A 50 0.64 -10.79 3.63
N ASP A 51 0.95 -10.71 4.91
CA ASP A 51 0.06 -10.08 5.88
C ASP A 51 0.45 -8.61 6.03
N ASP A 52 -0.22 -7.86 6.91
CA ASP A 52 0.05 -6.44 7.04
C ASP A 52 0.45 -6.03 8.47
N PRO A 53 1.43 -6.71 9.11
CA PRO A 53 1.84 -6.37 10.47
C PRO A 53 2.85 -5.24 10.49
N ASP A 54 3.96 -5.44 9.78
CA ASP A 54 5.00 -4.41 9.68
C ASP A 54 4.49 -3.26 8.82
N LEU A 55 3.71 -3.59 7.79
CA LEU A 55 3.16 -2.59 6.90
C LEU A 55 2.29 -1.60 7.69
N PHE A 56 1.46 -2.13 8.57
CA PHE A 56 0.62 -1.31 9.44
C PHE A 56 1.49 -0.35 10.27
N ALA A 57 2.67 -0.83 10.65
CA ALA A 57 3.59 -0.05 11.47
C ALA A 57 4.25 1.07 10.67
N TRP A 58 4.42 0.88 9.36
CA TRP A 58 4.99 1.93 8.52
C TRP A 58 4.01 3.08 8.37
N VAL A 59 2.73 2.74 8.32
CA VAL A 59 1.67 3.75 8.21
C VAL A 59 1.58 4.56 9.50
N MET A 60 1.93 3.93 10.62
CA MET A 60 1.98 4.62 11.90
C MET A 60 3.34 5.31 12.08
N GLY A 61 4.30 4.92 11.26
CA GLY A 61 5.61 5.56 11.27
C GLY A 61 6.55 4.95 12.28
N HIS A 62 6.60 3.62 12.35
CA HIS A 62 7.52 2.95 13.26
C HIS A 62 7.77 1.51 12.79
N GLY A 63 7.75 1.29 11.49
CA GLY A 63 7.96 -0.04 10.96
C GLY A 63 9.38 -0.25 10.49
N ARG A 64 9.70 -1.49 10.12
CA ARG A 64 11.03 -1.83 9.66
C ARG A 64 11.00 -3.06 8.75
N CYS A 65 10.92 -2.82 7.45
CA CYS A 65 10.89 -3.90 6.48
C CYS A 65 12.27 -4.51 6.30
N GLU A 66 12.31 -5.71 5.72
CA GLU A 66 13.56 -6.41 5.48
C GLU A 66 14.50 -5.59 4.59
N ASN A 67 13.95 -5.04 3.51
CA ASN A 67 14.72 -4.17 2.63
C ASN A 67 13.92 -2.94 2.28
N LEU A 68 14.60 -1.86 1.94
CA LEU A 68 13.95 -0.59 1.65
C LEU A 68 13.28 -0.61 0.28
N GLY A 69 13.66 -1.57 -0.55
CA GLY A 69 13.00 -1.75 -1.83
C GLY A 69 11.51 -1.97 -1.68
N LEU A 70 11.14 -2.85 -0.75
CA LEU A 70 9.73 -3.09 -0.46
C LEU A 70 9.12 -1.90 0.27
N ALA A 71 9.95 -1.23 1.06
CA ALA A 71 9.50 -0.08 1.85
C ALA A 71 9.16 1.11 0.95
N ALA A 72 9.86 1.20 -0.18
CA ALA A 72 9.64 2.28 -1.14
C ALA A 72 8.22 2.25 -1.67
N MET A 73 7.65 1.05 -1.75
CA MET A 73 6.28 0.88 -2.22
C MET A 73 5.32 1.54 -1.26
N VAL A 74 5.51 1.27 0.04
CA VAL A 74 4.70 1.87 1.08
C VAL A 74 4.95 3.37 1.14
N ASP A 75 6.20 3.75 0.95
CA ASP A 75 6.61 5.16 0.95
C ASP A 75 5.78 5.98 -0.03
N LYS A 76 5.64 5.46 -1.25
CA LYS A 76 4.90 6.16 -2.30
C LYS A 76 3.42 6.25 -1.97
N ILE A 77 2.91 5.21 -1.32
CA ILE A 77 1.53 5.21 -0.85
C ILE A 77 1.34 6.26 0.25
N VAL A 78 2.24 6.26 1.22
CA VAL A 78 2.20 7.21 2.32
C VAL A 78 2.35 8.64 1.81
N ALA A 79 3.19 8.83 0.80
CA ALA A 79 3.38 10.14 0.20
C ALA A 79 2.06 10.70 -0.33
N HIS A 80 1.28 9.83 -0.97
CA HIS A 80 -0.03 10.21 -1.48
C HIS A 80 -1.01 10.41 -0.32
N ASN A 81 -0.98 9.46 0.62
CA ASN A 81 -1.90 9.47 1.75
C ASN A 81 -1.66 10.70 2.65
N LEU A 82 -0.41 11.08 2.80
CA LEU A 82 -0.03 12.22 3.63
C LEU A 82 -0.79 13.47 3.24
N SER A 83 -0.97 13.65 1.94
CA SER A 83 -1.69 14.80 1.43
C SER A 83 -3.16 14.72 1.81
N LYS A 84 -3.73 13.52 1.81
CA LYS A 84 -5.09 13.33 2.26
C LYS A 84 -5.19 13.51 3.77
N VAL A 85 -4.11 13.17 4.46
CA VAL A 85 -4.03 13.32 5.91
C VAL A 85 -3.98 14.79 6.29
N ARG A 86 -3.31 15.59 5.47
CA ARG A 86 -3.24 17.03 5.72
C ARG A 86 -4.50 17.72 5.21
N LEU A 87 -5.10 17.15 4.17
CA LEU A 87 -6.37 17.60 3.63
C LEU A 87 -7.43 17.53 4.73
N GLU A 88 -7.55 16.35 5.34
CA GLU A 88 -8.43 16.18 6.49
C GLU A 88 -7.60 16.09 7.76
N HIS A 89 -7.12 17.25 8.22
CA HIS A 89 -6.28 17.29 9.40
C HIS A 89 -7.16 17.25 10.65
N HIS A 90 -7.63 16.05 10.97
CA HIS A 90 -8.42 15.82 12.17
C HIS A 90 -8.02 14.49 12.78
N HIS A 91 -8.67 14.10 13.87
CA HIS A 91 -8.32 12.86 14.56
C HIS A 91 -8.48 11.65 13.65
N HIS A 92 -7.44 10.84 13.58
CA HIS A 92 -7.48 9.62 12.79
C HIS A 92 -7.48 8.41 13.71
N HIS A 93 -6.93 8.60 14.91
CA HIS A 93 -6.99 7.59 15.94
C HIS A 93 -8.32 7.68 16.66
N HIS A 94 -9.11 6.62 16.61
CA HIS A 94 -10.41 6.61 17.24
C HIS A 94 -10.54 5.41 18.16
N MET A 1 2.29 -4.22 -16.61
CA MET A 1 1.96 -5.43 -17.40
C MET A 1 0.86 -6.25 -16.71
N TYR A 2 0.65 -6.00 -15.41
CA TYR A 2 -0.38 -6.68 -14.65
C TYR A 2 -1.77 -6.38 -15.23
N THR A 3 -2.46 -7.41 -15.70
CA THR A 3 -3.72 -7.26 -16.41
C THR A 3 -4.85 -6.82 -15.48
N ALA A 4 -5.96 -6.42 -16.08
CA ALA A 4 -7.13 -5.96 -15.34
C ALA A 4 -7.74 -7.10 -14.52
N GLU A 5 -7.81 -8.27 -15.12
CA GLU A 5 -8.33 -9.45 -14.45
C GLU A 5 -7.44 -9.80 -13.25
N GLN A 6 -6.15 -9.66 -13.45
CA GLN A 6 -5.17 -9.92 -12.41
C GLN A 6 -5.24 -8.88 -11.29
N LYS A 7 -5.60 -7.65 -11.66
CA LYS A 7 -5.79 -6.59 -10.67
C LYS A 7 -6.91 -6.93 -9.70
N ALA A 8 -7.94 -7.63 -10.20
CA ALA A 8 -9.04 -8.07 -9.36
C ALA A 8 -8.55 -9.04 -8.29
N ARG A 9 -7.58 -9.86 -8.66
CA ARG A 9 -6.99 -10.83 -7.74
C ARG A 9 -6.22 -10.09 -6.66
N ILE A 10 -5.66 -8.95 -7.03
CA ILE A 10 -4.98 -8.07 -6.09
C ILE A 10 -5.98 -7.52 -5.08
N LYS A 11 -7.15 -7.11 -5.56
CA LYS A 11 -8.22 -6.64 -4.69
C LYS A 11 -8.62 -7.71 -3.69
N TRP A 12 -8.68 -8.95 -4.14
CA TRP A 12 -9.00 -10.07 -3.26
C TRP A 12 -7.94 -10.26 -2.19
N ALA A 13 -6.71 -9.85 -2.49
CA ALA A 13 -5.61 -9.93 -1.53
C ALA A 13 -5.76 -8.87 -0.46
N CYS A 14 -6.23 -7.70 -0.85
CA CYS A 14 -6.50 -6.61 0.09
C CYS A 14 -7.62 -7.00 1.05
N ARG A 15 -8.47 -7.90 0.60
CA ARG A 15 -9.58 -8.40 1.42
C ARG A 15 -9.06 -9.40 2.47
N ARG A 16 -7.77 -9.68 2.45
CA ARG A 16 -7.21 -10.70 3.33
C ARG A 16 -6.60 -10.09 4.57
N GLY A 17 -7.33 -10.16 5.68
CA GLY A 17 -6.79 -9.76 6.97
C GLY A 17 -6.71 -8.25 7.17
N MET A 18 -6.16 -7.55 6.19
CA MET A 18 -5.93 -6.11 6.29
C MET A 18 -7.21 -5.32 6.02
N LEU A 19 -8.29 -5.70 6.69
CA LEU A 19 -9.60 -5.11 6.47
C LEU A 19 -9.60 -3.58 6.58
N GLU A 20 -8.88 -3.04 7.56
CA GLU A 20 -8.83 -1.59 7.74
C GLU A 20 -7.89 -0.93 6.74
N LEU A 21 -6.98 -1.71 6.18
CA LEU A 21 -6.03 -1.20 5.22
C LEU A 21 -6.62 -1.22 3.82
N ASP A 22 -7.57 -2.13 3.62
CA ASP A 22 -8.28 -2.26 2.34
C ASP A 22 -8.85 -0.91 1.89
N VAL A 23 -9.48 -0.22 2.83
CA VAL A 23 -10.09 1.07 2.55
C VAL A 23 -9.04 2.15 2.27
N VAL A 24 -7.86 1.98 2.87
CA VAL A 24 -6.80 2.97 2.76
C VAL A 24 -5.96 2.76 1.50
N ILE A 25 -5.58 1.50 1.25
CA ILE A 25 -4.72 1.17 0.13
C ILE A 25 -5.44 1.34 -1.22
N MET A 26 -6.74 1.07 -1.23
CA MET A 26 -7.52 1.10 -2.47
C MET A 26 -7.34 2.42 -3.26
N PRO A 27 -7.56 3.60 -2.66
CA PRO A 27 -7.37 4.88 -3.35
C PRO A 27 -5.90 5.21 -3.59
N PHE A 28 -5.04 4.74 -2.70
CA PHE A 28 -3.61 5.01 -2.81
C PHE A 28 -3.03 4.28 -4.01
N PHE A 29 -3.45 3.03 -4.19
CA PHE A 29 -3.01 2.21 -5.30
C PHE A 29 -3.31 2.88 -6.64
N GLU A 30 -4.48 3.50 -6.73
CA GLU A 30 -4.91 4.12 -7.97
C GLU A 30 -3.97 5.22 -8.42
N GLU A 31 -3.52 6.03 -7.47
CA GLU A 31 -2.64 7.15 -7.78
C GLU A 31 -1.17 6.72 -7.83
N CYS A 32 -0.78 5.80 -6.97
CA CYS A 32 0.62 5.37 -6.87
C CYS A 32 0.98 4.36 -7.97
N PHE A 33 -0.02 3.68 -8.51
CA PHE A 33 0.19 2.66 -9.53
C PHE A 33 0.96 3.21 -10.72
N ASP A 34 0.72 4.47 -11.06
CA ASP A 34 1.40 5.09 -12.19
C ASP A 34 2.92 5.04 -12.02
N SER A 35 3.38 5.18 -10.78
CA SER A 35 4.81 5.14 -10.51
C SER A 35 5.23 3.74 -10.04
N LEU A 36 4.26 2.86 -9.86
CA LEU A 36 4.54 1.48 -9.50
C LEU A 36 5.03 0.71 -10.71
N THR A 37 6.33 0.46 -10.77
CA THR A 37 6.89 -0.38 -11.82
C THR A 37 6.47 -1.83 -11.59
N GLU A 38 6.77 -2.70 -12.53
CA GLU A 38 6.46 -4.12 -12.38
C GLU A 38 7.12 -4.66 -11.12
N SER A 39 8.33 -4.18 -10.88
CA SER A 39 9.09 -4.54 -9.69
C SER A 39 8.39 -4.05 -8.41
N GLU A 40 7.98 -2.78 -8.38
CA GLU A 40 7.26 -2.24 -7.22
C GLU A 40 6.00 -3.05 -6.99
N GLN A 41 5.32 -3.35 -8.09
CA GLN A 41 4.11 -4.15 -8.05
C GLN A 41 4.38 -5.56 -7.55
N ASP A 42 5.51 -6.12 -7.95
CA ASP A 42 5.86 -7.50 -7.60
C ASP A 42 6.06 -7.64 -6.10
N ASP A 43 6.80 -6.70 -5.53
CA ASP A 43 7.06 -6.65 -4.10
C ASP A 43 5.76 -6.53 -3.31
N PHE A 44 4.86 -5.70 -3.83
CA PHE A 44 3.57 -5.46 -3.22
C PHE A 44 2.70 -6.72 -3.29
N VAL A 45 2.67 -7.37 -4.45
CA VAL A 45 1.86 -8.58 -4.65
C VAL A 45 2.36 -9.72 -3.77
N ALA A 46 3.68 -9.84 -3.65
CA ALA A 46 4.29 -10.89 -2.84
C ALA A 46 3.86 -10.77 -1.37
N LEU A 47 3.78 -9.54 -0.89
CA LEU A 47 3.33 -9.27 0.47
C LEU A 47 1.85 -9.60 0.66
N LEU A 48 1.02 -9.09 -0.26
CA LEU A 48 -0.44 -9.12 -0.12
C LEU A 48 -1.05 -10.52 0.06
N GLU A 49 -0.31 -11.57 -0.28
CA GLU A 49 -0.86 -12.92 -0.22
C GLU A 49 -1.27 -13.30 1.20
N SER A 50 -0.37 -13.11 2.16
CA SER A 50 -0.68 -13.39 3.56
C SER A 50 0.27 -12.66 4.49
N ASP A 51 -0.30 -11.75 5.27
CA ASP A 51 0.39 -11.03 6.35
C ASP A 51 1.46 -10.07 5.82
N ASP A 52 1.33 -8.80 6.21
CA ASP A 52 2.24 -7.74 5.75
C ASP A 52 2.97 -7.12 6.94
N PRO A 53 4.01 -7.79 7.46
CA PRO A 53 4.75 -7.31 8.62
C PRO A 53 5.67 -6.15 8.26
N ASP A 54 6.37 -6.28 7.13
CA ASP A 54 7.27 -5.24 6.65
C ASP A 54 6.50 -3.96 6.42
N LEU A 55 5.35 -4.10 5.79
CA LEU A 55 4.48 -2.97 5.49
C LEU A 55 4.05 -2.28 6.78
N PHE A 56 3.57 -3.08 7.73
CA PHE A 56 3.05 -2.58 9.00
C PHE A 56 4.14 -1.83 9.78
N ALA A 57 5.36 -2.35 9.74
CA ALA A 57 6.47 -1.77 10.50
C ALA A 57 6.94 -0.45 9.92
N TRP A 58 7.08 -0.37 8.60
CA TRP A 58 7.60 0.83 7.97
C TRP A 58 6.60 1.99 8.06
N VAL A 59 5.32 1.66 8.08
CA VAL A 59 4.28 2.69 8.21
C VAL A 59 4.29 3.33 9.60
N MET A 60 4.47 2.51 10.63
CA MET A 60 4.47 3.02 12.01
C MET A 60 5.79 3.71 12.34
N GLY A 61 6.83 3.35 11.61
CA GLY A 61 8.13 3.97 11.81
C GLY A 61 9.06 3.11 12.65
N HIS A 62 8.88 1.80 12.53
CA HIS A 62 9.72 0.85 13.25
C HIS A 62 10.19 -0.20 12.25
N GLY A 63 10.58 0.27 11.08
CA GLY A 63 10.83 -0.61 9.97
C GLY A 63 12.22 -1.20 9.95
N ARG A 64 12.95 -0.89 8.88
CA ARG A 64 14.18 -1.59 8.50
C ARG A 64 13.83 -2.99 7.99
N CYS A 65 14.41 -3.34 6.88
CA CYS A 65 14.08 -4.59 6.20
C CYS A 65 15.25 -5.04 5.34
N GLU A 66 15.20 -6.30 4.93
CA GLU A 66 16.24 -6.87 4.09
C GLU A 66 16.06 -6.42 2.63
N ASN A 67 14.81 -6.25 2.23
CA ASN A 67 14.50 -5.87 0.86
C ASN A 67 13.90 -4.47 0.83
N LEU A 68 14.63 -3.52 0.27
CA LEU A 68 14.18 -2.14 0.21
C LEU A 68 13.09 -1.94 -0.82
N GLY A 69 12.92 -2.92 -1.71
CA GLY A 69 11.84 -2.87 -2.67
C GLY A 69 10.50 -2.82 -1.98
N LEU A 70 10.38 -3.56 -0.89
CA LEU A 70 9.19 -3.54 -0.06
C LEU A 70 8.97 -2.15 0.52
N ALA A 71 10.05 -1.54 0.98
CA ALA A 71 10.00 -0.21 1.57
C ALA A 71 9.69 0.85 0.53
N ALA A 72 10.13 0.62 -0.70
CA ALA A 72 9.95 1.57 -1.79
C ALA A 72 8.48 1.89 -2.01
N MET A 73 7.64 0.86 -2.03
CA MET A 73 6.21 1.06 -2.25
C MET A 73 5.55 1.63 -0.98
N VAL A 74 6.12 1.33 0.18
CA VAL A 74 5.59 1.84 1.45
C VAL A 74 5.82 3.34 1.56
N ASP A 75 6.99 3.80 1.13
CA ASP A 75 7.34 5.23 1.20
C ASP A 75 6.34 6.08 0.44
N LYS A 76 5.84 5.53 -0.67
CA LYS A 76 4.84 6.22 -1.48
C LYS A 76 3.57 6.44 -0.66
N ILE A 77 3.23 5.45 0.16
CA ILE A 77 2.06 5.54 1.03
C ILE A 77 2.32 6.58 2.12
N VAL A 78 3.55 6.62 2.63
CA VAL A 78 3.95 7.58 3.64
C VAL A 78 3.77 9.01 3.13
N ALA A 79 4.15 9.24 1.89
CA ALA A 79 4.00 10.54 1.26
C ALA A 79 2.54 10.99 1.28
N HIS A 80 1.63 10.06 1.02
CA HIS A 80 0.22 10.38 1.04
C HIS A 80 -0.28 10.60 2.47
N ASN A 81 0.19 9.79 3.41
CA ASN A 81 -0.26 9.93 4.81
C ASN A 81 0.23 11.24 5.39
N LEU A 82 1.42 11.68 4.97
CA LEU A 82 1.94 12.98 5.33
C LEU A 82 0.96 14.07 4.91
N SER A 83 0.35 13.87 3.75
CA SER A 83 -0.65 14.78 3.23
C SER A 83 -1.94 14.69 4.06
N LYS A 84 -2.21 13.49 4.60
CA LYS A 84 -3.35 13.31 5.49
C LYS A 84 -3.14 14.09 6.78
N VAL A 85 -1.90 14.15 7.24
CA VAL A 85 -1.55 14.85 8.47
C VAL A 85 -1.72 16.36 8.29
N ARG A 86 -1.37 16.86 7.11
CA ARG A 86 -1.47 18.30 6.84
C ARG A 86 -2.91 18.70 6.53
N LEU A 87 -3.73 17.70 6.22
CA LEU A 87 -5.15 17.91 5.99
C LEU A 87 -5.94 17.75 7.30
N GLU A 88 -5.65 16.67 8.00
CA GLU A 88 -6.33 16.32 9.26
C GLU A 88 -7.84 16.30 9.11
N HIS A 89 -8.47 17.38 9.57
CA HIS A 89 -9.92 17.45 9.64
C HIS A 89 -10.44 18.85 9.35
N HIS A 90 -9.90 19.48 8.31
CA HIS A 90 -10.44 20.75 7.83
C HIS A 90 -11.87 20.53 7.33
N HIS A 91 -12.09 19.34 6.78
CA HIS A 91 -13.43 18.88 6.46
C HIS A 91 -13.60 17.49 7.09
N HIS A 92 -14.77 17.22 7.63
CA HIS A 92 -14.96 15.98 8.38
C HIS A 92 -16.29 15.32 8.08
N HIS A 93 -16.21 14.06 7.64
CA HIS A 93 -17.36 13.18 7.46
C HIS A 93 -16.87 11.77 7.13
N HIS A 94 -17.71 10.77 7.38
CA HIS A 94 -17.32 9.40 7.11
C HIS A 94 -17.45 9.10 5.62
N MET A 1 2.01 -6.36 -18.81
CA MET A 1 0.87 -5.41 -18.77
C MET A 1 -0.18 -5.86 -17.75
N TYR A 2 0.02 -7.03 -17.15
CA TYR A 2 -0.94 -7.62 -16.21
C TYR A 2 -2.27 -7.91 -16.90
N THR A 3 -2.49 -9.17 -17.19
CA THR A 3 -3.69 -9.60 -17.89
C THR A 3 -4.91 -9.45 -17.00
N ALA A 4 -6.08 -9.59 -17.60
CA ALA A 4 -7.33 -9.56 -16.86
C ALA A 4 -7.39 -10.75 -15.89
N GLU A 5 -6.78 -11.85 -16.32
CA GLU A 5 -6.68 -13.05 -15.51
C GLU A 5 -5.70 -12.82 -14.36
N GLN A 6 -4.60 -12.14 -14.65
CA GLN A 6 -3.57 -11.85 -13.66
C GLN A 6 -4.09 -10.85 -12.61
N LYS A 7 -5.01 -9.99 -13.03
CA LYS A 7 -5.65 -9.03 -12.13
C LYS A 7 -6.29 -9.74 -10.93
N ALA A 8 -6.76 -10.96 -11.15
CA ALA A 8 -7.51 -11.70 -10.14
C ALA A 8 -6.70 -11.87 -8.85
N ARG A 9 -5.45 -12.31 -8.96
CA ARG A 9 -4.63 -12.55 -7.76
C ARG A 9 -4.42 -11.26 -6.98
N ILE A 10 -4.37 -10.15 -7.69
CA ILE A 10 -4.23 -8.84 -7.06
C ILE A 10 -5.51 -8.48 -6.30
N LYS A 11 -6.63 -8.58 -7.00
CA LYS A 11 -7.93 -8.15 -6.46
C LYS A 11 -8.38 -9.05 -5.30
N TRP A 12 -8.14 -10.35 -5.43
CA TRP A 12 -8.51 -11.32 -4.40
C TRP A 12 -7.71 -11.09 -3.11
N ALA A 13 -6.54 -10.47 -3.25
CA ALA A 13 -5.64 -10.27 -2.13
C ALA A 13 -5.54 -8.78 -1.76
N CYS A 14 -6.58 -8.02 -2.09
CA CYS A 14 -6.61 -6.59 -1.83
C CYS A 14 -6.58 -6.28 -0.33
N ARG A 15 -7.07 -7.24 0.47
CA ARG A 15 -7.12 -7.12 1.93
C ARG A 15 -8.20 -6.14 2.39
N ARG A 16 -8.51 -6.18 3.68
CA ARG A 16 -9.52 -5.30 4.29
C ARG A 16 -9.14 -4.97 5.72
N GLY A 17 -7.88 -5.18 6.05
CA GLY A 17 -7.39 -5.09 7.42
C GLY A 17 -7.69 -3.77 8.12
N MET A 18 -7.50 -2.66 7.43
CA MET A 18 -7.59 -1.35 8.09
C MET A 18 -8.08 -0.29 7.12
N LEU A 19 -9.12 0.45 7.53
CA LEU A 19 -9.70 1.49 6.68
C LEU A 19 -8.67 2.53 6.25
N GLU A 20 -7.84 2.98 7.20
CA GLU A 20 -6.79 3.94 6.90
C GLU A 20 -5.84 3.44 5.82
N LEU A 21 -5.68 2.12 5.76
CA LEU A 21 -4.85 1.50 4.74
C LEU A 21 -5.65 1.40 3.43
N ASP A 22 -6.81 0.77 3.53
CA ASP A 22 -7.68 0.51 2.37
C ASP A 22 -7.96 1.76 1.56
N VAL A 23 -8.28 2.87 2.24
CA VAL A 23 -8.71 4.09 1.55
C VAL A 23 -7.55 4.77 0.82
N VAL A 24 -6.32 4.49 1.21
CA VAL A 24 -5.18 5.16 0.60
C VAL A 24 -4.40 4.22 -0.32
N ILE A 25 -4.88 3.00 -0.48
CA ILE A 25 -4.23 2.03 -1.35
C ILE A 25 -4.96 1.87 -2.68
N MET A 26 -6.26 1.59 -2.63
CA MET A 26 -7.03 1.24 -3.82
C MET A 26 -6.95 2.32 -4.91
N PRO A 27 -7.29 3.60 -4.61
CA PRO A 27 -7.21 4.67 -5.61
C PRO A 27 -5.77 5.08 -5.89
N PHE A 28 -4.90 4.86 -4.92
CA PHE A 28 -3.50 5.22 -5.06
C PHE A 28 -2.81 4.32 -6.07
N PHE A 29 -3.21 3.05 -6.09
CA PHE A 29 -2.68 2.09 -7.06
C PHE A 29 -2.95 2.59 -8.47
N GLU A 30 -4.13 3.16 -8.67
CA GLU A 30 -4.52 3.70 -9.97
C GLU A 30 -3.63 4.89 -10.34
N GLU A 31 -3.36 5.73 -9.35
CA GLU A 31 -2.54 6.92 -9.55
C GLU A 31 -1.08 6.55 -9.77
N CYS A 32 -0.53 5.75 -8.87
CA CYS A 32 0.90 5.47 -8.85
C CYS A 32 1.29 4.52 -9.97
N PHE A 33 0.32 3.77 -10.50
CA PHE A 33 0.56 2.88 -11.63
C PHE A 33 1.15 3.65 -12.81
N ASP A 34 0.71 4.88 -12.98
CA ASP A 34 1.22 5.76 -14.03
C ASP A 34 2.71 6.03 -13.85
N SER A 35 3.16 6.09 -12.60
CA SER A 35 4.54 6.41 -12.30
C SER A 35 5.39 5.14 -12.18
N LEU A 36 4.79 4.08 -11.65
CA LEU A 36 5.52 2.84 -11.38
C LEU A 36 5.62 1.96 -12.62
N THR A 37 6.42 0.91 -12.51
CA THR A 37 6.53 -0.10 -13.54
C THR A 37 6.11 -1.46 -12.98
N GLU A 38 5.93 -2.43 -13.86
CA GLU A 38 5.47 -3.76 -13.47
C GLU A 38 6.43 -4.42 -12.50
N SER A 39 7.72 -4.15 -12.67
CA SER A 39 8.74 -4.64 -11.75
C SER A 39 8.42 -4.22 -10.30
N GLU A 40 8.03 -2.96 -10.14
CA GLU A 40 7.65 -2.44 -8.82
C GLU A 40 6.30 -3.03 -8.39
N GLN A 41 5.38 -3.10 -9.35
CA GLN A 41 4.04 -3.62 -9.09
C GLN A 41 4.08 -5.07 -8.65
N ASP A 42 4.98 -5.84 -9.25
CA ASP A 42 5.13 -7.27 -8.95
C ASP A 42 5.41 -7.48 -7.47
N ASP A 43 6.32 -6.68 -6.94
CA ASP A 43 6.69 -6.76 -5.54
C ASP A 43 5.48 -6.45 -4.66
N PHE A 44 4.71 -5.45 -5.07
CA PHE A 44 3.48 -5.08 -4.38
C PHE A 44 2.44 -6.21 -4.44
N VAL A 45 2.27 -6.80 -5.63
CA VAL A 45 1.30 -7.87 -5.83
C VAL A 45 1.65 -9.09 -4.98
N ALA A 46 2.92 -9.47 -4.99
CA ALA A 46 3.37 -10.63 -4.23
C ALA A 46 3.11 -10.43 -2.73
N LEU A 47 3.23 -9.19 -2.28
CA LEU A 47 2.98 -8.84 -0.90
C LEU A 47 1.52 -9.11 -0.52
N LEU A 48 0.61 -8.77 -1.42
CA LEU A 48 -0.83 -8.83 -1.14
C LEU A 48 -1.28 -10.25 -0.75
N GLU A 49 -0.65 -11.26 -1.34
CA GLU A 49 -0.98 -12.65 -1.02
C GLU A 49 -0.38 -13.05 0.32
N SER A 50 0.56 -12.25 0.79
CA SER A 50 1.20 -12.50 2.07
C SER A 50 0.52 -11.64 3.15
N ASP A 51 1.23 -11.32 4.21
CA ASP A 51 0.67 -10.48 5.25
C ASP A 51 1.55 -9.26 5.45
N ASP A 52 1.08 -8.31 6.26
CA ASP A 52 1.75 -7.03 6.43
C ASP A 52 2.05 -6.75 7.90
N PRO A 53 2.95 -7.53 8.52
CA PRO A 53 3.24 -7.37 9.94
C PRO A 53 4.15 -6.17 10.19
N ASP A 54 5.29 -6.17 9.55
CA ASP A 54 6.25 -5.08 9.66
C ASP A 54 5.73 -3.82 8.97
N LEU A 55 5.12 -4.01 7.81
CA LEU A 55 4.64 -2.88 7.02
C LEU A 55 3.50 -2.13 7.71
N PHE A 56 2.64 -2.86 8.41
CA PHE A 56 1.61 -2.26 9.24
C PHE A 56 2.23 -1.31 10.26
N ALA A 57 3.40 -1.71 10.77
CA ALA A 57 4.12 -0.92 11.75
C ALA A 57 4.72 0.33 11.12
N TRP A 58 5.10 0.24 9.84
CA TRP A 58 5.61 1.40 9.12
C TRP A 58 4.54 2.48 9.02
N VAL A 59 3.33 2.08 8.68
CA VAL A 59 2.20 3.01 8.58
C VAL A 59 1.91 3.63 9.95
N MET A 60 2.03 2.81 10.99
CA MET A 60 1.80 3.27 12.35
C MET A 60 2.99 4.05 12.90
N GLY A 61 4.09 4.04 12.14
CA GLY A 61 5.22 4.89 12.45
C GLY A 61 6.16 4.29 13.47
N HIS A 62 6.20 2.97 13.57
CA HIS A 62 7.09 2.28 14.51
C HIS A 62 7.42 0.88 14.05
N GLY A 63 8.40 0.74 13.17
CA GLY A 63 8.80 -0.59 12.74
C GLY A 63 9.83 -0.57 11.64
N ARG A 64 10.64 -1.61 11.60
CA ARG A 64 11.61 -1.81 10.53
C ARG A 64 11.08 -2.88 9.57
N CYS A 65 11.78 -3.11 8.48
CA CYS A 65 11.34 -4.10 7.51
C CYS A 65 12.44 -5.12 7.23
N GLU A 66 12.05 -6.32 6.79
CA GLU A 66 13.01 -7.34 6.44
C GLU A 66 13.79 -6.94 5.19
N ASN A 67 13.07 -6.42 4.22
CA ASN A 67 13.67 -5.95 2.98
C ASN A 67 13.00 -4.66 2.53
N LEU A 68 13.83 -3.66 2.25
CA LEU A 68 13.34 -2.30 2.01
C LEU A 68 12.65 -2.15 0.66
N GLY A 69 12.79 -3.15 -0.20
CA GLY A 69 12.12 -3.13 -1.49
C GLY A 69 10.61 -2.97 -1.33
N LEU A 70 10.03 -3.76 -0.44
CA LEU A 70 8.62 -3.66 -0.12
C LEU A 70 8.31 -2.32 0.52
N ALA A 71 9.14 -1.93 1.49
CA ALA A 71 8.95 -0.69 2.23
C ALA A 71 9.01 0.53 1.32
N ALA A 72 9.75 0.43 0.22
CA ALA A 72 9.90 1.53 -0.72
C ALA A 72 8.55 1.93 -1.34
N MET A 73 7.83 0.94 -1.86
CA MET A 73 6.52 1.20 -2.47
C MET A 73 5.48 1.47 -1.38
N VAL A 74 5.68 0.91 -0.20
CA VAL A 74 4.82 1.18 0.94
C VAL A 74 4.96 2.64 1.37
N ASP A 75 6.18 3.16 1.28
CA ASP A 75 6.45 4.57 1.61
C ASP A 75 5.54 5.49 0.80
N LYS A 76 5.37 5.16 -0.47
CA LYS A 76 4.49 5.92 -1.36
C LYS A 76 3.06 5.92 -0.81
N ILE A 77 2.63 4.78 -0.28
CA ILE A 77 1.31 4.65 0.29
C ILE A 77 1.20 5.43 1.60
N VAL A 78 2.21 5.27 2.46
CA VAL A 78 2.23 5.95 3.74
C VAL A 78 2.23 7.47 3.54
N ALA A 79 3.04 7.95 2.60
CA ALA A 79 3.10 9.37 2.31
C ALA A 79 1.74 9.90 1.86
N HIS A 80 1.00 9.07 1.14
CA HIS A 80 -0.34 9.44 0.68
C HIS A 80 -1.31 9.47 1.86
N ASN A 81 -1.11 8.55 2.79
CA ASN A 81 -1.94 8.49 4.00
C ASN A 81 -1.66 9.69 4.90
N LEU A 82 -0.40 10.09 4.99
CA LEU A 82 0.01 11.21 5.82
C LEU A 82 -0.76 12.47 5.45
N SER A 83 -1.10 12.63 4.19
CA SER A 83 -1.83 13.79 3.72
C SER A 83 -3.23 13.85 4.30
N LYS A 84 -3.96 12.74 4.27
CA LYS A 84 -5.31 12.72 4.83
C LYS A 84 -5.24 12.81 6.35
N VAL A 85 -4.13 12.36 6.91
CA VAL A 85 -3.91 12.42 8.36
C VAL A 85 -3.63 13.85 8.80
N ARG A 86 -2.74 14.53 8.06
CA ARG A 86 -2.36 15.90 8.37
C ARG A 86 -3.52 16.85 8.11
N LEU A 87 -4.46 16.40 7.31
CA LEU A 87 -5.65 17.17 7.00
C LEU A 87 -6.62 17.18 8.19
N GLU A 88 -6.48 16.16 9.05
CA GLU A 88 -7.29 16.04 10.26
C GLU A 88 -8.78 15.98 9.94
N HIS A 89 -9.11 15.46 8.76
CA HIS A 89 -10.48 15.48 8.29
C HIS A 89 -11.29 14.32 8.87
N HIS A 90 -11.43 14.32 10.20
CA HIS A 90 -12.27 13.36 10.94
C HIS A 90 -11.68 11.95 10.96
N HIS A 91 -11.30 11.43 9.80
CA HIS A 91 -10.75 10.08 9.72
C HIS A 91 -9.30 10.07 10.20
N HIS A 92 -9.06 9.32 11.26
CA HIS A 92 -7.76 9.31 11.98
C HIS A 92 -7.64 10.54 12.87
N HIS A 93 -7.44 10.31 14.15
CA HIS A 93 -7.40 11.40 15.13
C HIS A 93 -6.17 11.28 16.03
N HIS A 94 -5.54 12.41 16.29
CA HIS A 94 -4.43 12.47 17.25
C HIS A 94 -4.94 13.07 18.55
N MET A 1 3.42 -7.98 -16.79
CA MET A 1 2.13 -7.40 -17.17
C MET A 1 1.06 -7.71 -16.13
N TYR A 2 0.07 -6.85 -16.04
CA TYR A 2 -1.07 -7.06 -15.15
C TYR A 2 -2.35 -6.79 -15.89
N THR A 3 -3.00 -7.85 -16.33
CA THR A 3 -4.20 -7.74 -17.12
C THR A 3 -5.44 -7.61 -16.23
N ALA A 4 -6.61 -7.54 -16.87
CA ALA A 4 -7.88 -7.38 -16.15
C ALA A 4 -8.09 -8.49 -15.14
N GLU A 5 -7.71 -9.72 -15.50
CA GLU A 5 -7.83 -10.85 -14.60
C GLU A 5 -6.98 -10.63 -13.34
N GLN A 6 -5.76 -10.16 -13.53
CA GLN A 6 -4.86 -9.88 -12.42
C GLN A 6 -5.35 -8.69 -11.61
N LYS A 7 -5.98 -7.73 -12.27
CA LYS A 7 -6.54 -6.56 -11.58
C LYS A 7 -7.51 -7.01 -10.49
N ALA A 8 -8.32 -8.00 -10.82
CA ALA A 8 -9.27 -8.55 -9.87
C ALA A 8 -8.54 -9.28 -8.75
N ARG A 9 -7.54 -10.08 -9.11
CA ARG A 9 -6.80 -10.87 -8.13
C ARG A 9 -6.08 -9.95 -7.14
N ILE A 10 -5.50 -8.87 -7.64
CA ILE A 10 -4.80 -7.91 -6.80
C ILE A 10 -5.76 -7.24 -5.83
N LYS A 11 -6.92 -6.82 -6.34
CA LYS A 11 -7.92 -6.16 -5.51
C LYS A 11 -8.50 -7.12 -4.47
N TRP A 12 -8.65 -8.39 -4.85
CA TRP A 12 -9.08 -9.42 -3.92
C TRP A 12 -8.10 -9.55 -2.77
N ALA A 13 -6.81 -9.33 -3.05
CA ALA A 13 -5.76 -9.48 -2.05
C ALA A 13 -5.45 -8.16 -1.34
N CYS A 14 -6.12 -7.09 -1.75
CA CYS A 14 -5.94 -5.79 -1.11
C CYS A 14 -6.56 -5.79 0.29
N ARG A 15 -7.54 -6.68 0.46
CA ARG A 15 -8.21 -6.82 1.74
C ARG A 15 -7.53 -7.88 2.57
N ARG A 16 -8.20 -8.36 3.63
CA ARG A 16 -7.65 -9.36 4.54
C ARG A 16 -6.63 -8.71 5.48
N GLY A 17 -6.62 -9.14 6.72
CA GLY A 17 -5.65 -8.64 7.68
C GLY A 17 -6.06 -7.32 8.31
N MET A 18 -6.18 -6.29 7.48
CA MET A 18 -6.45 -4.94 7.97
C MET A 18 -7.58 -4.28 7.19
N LEU A 19 -8.59 -3.78 7.92
CA LEU A 19 -9.77 -3.19 7.32
C LEU A 19 -9.48 -1.80 6.77
N GLU A 20 -8.66 -1.04 7.49
CA GLU A 20 -8.29 0.31 7.05
C GLU A 20 -7.50 0.26 5.76
N LEU A 21 -6.80 -0.84 5.55
CA LEU A 21 -6.01 -1.02 4.33
C LEU A 21 -6.92 -1.19 3.12
N ASP A 22 -8.02 -1.90 3.30
CA ASP A 22 -9.01 -2.12 2.23
C ASP A 22 -9.43 -0.82 1.56
N VAL A 23 -9.72 0.19 2.37
CA VAL A 23 -10.27 1.45 1.86
C VAL A 23 -9.19 2.40 1.34
N VAL A 24 -7.92 2.10 1.60
CA VAL A 24 -6.84 2.99 1.18
C VAL A 24 -5.99 2.39 0.05
N ILE A 25 -5.81 1.08 0.06
CA ILE A 25 -4.95 0.42 -0.92
C ILE A 25 -5.48 0.59 -2.34
N MET A 26 -6.79 0.45 -2.51
CA MET A 26 -7.39 0.55 -3.84
C MET A 26 -7.17 1.95 -4.46
N PRO A 27 -7.54 3.05 -3.77
CA PRO A 27 -7.30 4.42 -4.26
C PRO A 27 -5.82 4.69 -4.51
N PHE A 28 -4.97 4.23 -3.59
CA PHE A 28 -3.53 4.43 -3.70
C PHE A 28 -2.98 3.68 -4.91
N PHE A 29 -3.54 2.50 -5.18
CA PHE A 29 -3.14 1.71 -6.34
C PHE A 29 -3.42 2.47 -7.63
N GLU A 30 -4.59 3.09 -7.70
CA GLU A 30 -5.00 3.85 -8.88
C GLU A 30 -3.97 4.94 -9.19
N GLU A 31 -3.49 5.57 -8.13
CA GLU A 31 -2.51 6.63 -8.25
C GLU A 31 -1.11 6.09 -8.59
N CYS A 32 -0.66 5.12 -7.79
CA CYS A 32 0.73 4.65 -7.87
C CYS A 32 0.96 3.73 -9.07
N PHE A 33 -0.10 3.11 -9.58
CA PHE A 33 0.01 2.16 -10.70
C PHE A 33 0.72 2.81 -11.90
N ASP A 34 0.42 4.07 -12.14
CA ASP A 34 1.00 4.80 -13.27
C ASP A 34 2.49 5.06 -13.06
N SER A 35 2.92 5.05 -11.81
CA SER A 35 4.31 5.39 -11.48
C SER A 35 5.16 4.15 -11.26
N LEU A 36 4.56 3.09 -10.71
CA LEU A 36 5.30 1.90 -10.33
C LEU A 36 5.65 1.04 -11.53
N THR A 37 6.86 0.50 -11.53
CA THR A 37 7.29 -0.45 -12.53
C THR A 37 6.86 -1.86 -12.14
N GLU A 38 7.07 -2.84 -13.02
CA GLU A 38 6.69 -4.22 -12.75
C GLU A 38 7.32 -4.75 -11.46
N SER A 39 8.62 -4.51 -11.30
CA SER A 39 9.36 -4.97 -10.13
C SER A 39 8.75 -4.39 -8.85
N GLU A 40 8.46 -3.10 -8.86
CA GLU A 40 7.84 -2.43 -7.73
C GLU A 40 6.43 -2.99 -7.50
N GLN A 41 5.71 -3.17 -8.59
CA GLN A 41 4.37 -3.72 -8.55
C GLN A 41 4.36 -5.14 -7.96
N ASP A 42 5.38 -5.92 -8.33
CA ASP A 42 5.51 -7.29 -7.85
C ASP A 42 5.66 -7.36 -6.35
N ASP A 43 6.51 -6.50 -5.80
CA ASP A 43 6.71 -6.45 -4.36
C ASP A 43 5.46 -5.94 -3.66
N PHE A 44 4.74 -5.06 -4.33
CA PHE A 44 3.49 -4.53 -3.79
C PHE A 44 2.46 -5.65 -3.66
N VAL A 45 2.35 -6.47 -4.70
CA VAL A 45 1.44 -7.61 -4.68
C VAL A 45 1.89 -8.62 -3.62
N ALA A 46 3.19 -8.83 -3.53
CA ALA A 46 3.76 -9.72 -2.53
C ALA A 46 3.42 -9.25 -1.11
N LEU A 47 3.32 -7.93 -0.93
CA LEU A 47 2.95 -7.35 0.35
C LEU A 47 1.52 -7.71 0.72
N LEU A 48 0.64 -7.73 -0.29
CA LEU A 48 -0.78 -8.04 -0.08
C LEU A 48 -0.97 -9.48 0.36
N GLU A 49 -0.02 -10.34 -0.04
CA GLU A 49 -0.04 -11.74 0.34
C GLU A 49 0.42 -11.91 1.79
N SER A 50 1.01 -10.86 2.34
CA SER A 50 1.50 -10.88 3.71
C SER A 50 0.53 -10.16 4.64
N ASP A 51 0.76 -10.25 5.95
CA ASP A 51 -0.04 -9.52 6.92
C ASP A 51 0.39 -8.07 7.00
N ASP A 52 -0.10 -7.33 8.00
CA ASP A 52 0.20 -5.90 8.10
C ASP A 52 1.01 -5.52 9.36
N PRO A 53 2.11 -6.22 9.70
CA PRO A 53 2.93 -5.85 10.84
C PRO A 53 4.02 -4.86 10.44
N ASP A 54 4.74 -5.20 9.36
CA ASP A 54 5.77 -4.33 8.82
C ASP A 54 5.13 -3.06 8.27
N LEU A 55 3.98 -3.24 7.63
CA LEU A 55 3.25 -2.13 7.06
C LEU A 55 2.84 -1.14 8.15
N PHE A 56 2.23 -1.65 9.22
CA PHE A 56 1.82 -0.82 10.34
C PHE A 56 3.02 -0.09 10.94
N ALA A 57 4.09 -0.83 11.15
CA ALA A 57 5.25 -0.32 11.86
C ALA A 57 6.01 0.74 11.07
N TRP A 58 6.07 0.59 9.75
CA TRP A 58 6.79 1.56 8.93
C TRP A 58 5.99 2.84 8.76
N VAL A 59 4.67 2.75 8.77
CA VAL A 59 3.82 3.93 8.67
C VAL A 59 3.99 4.81 9.92
N MET A 60 4.07 4.18 11.08
CA MET A 60 4.28 4.92 12.33
C MET A 60 5.76 5.31 12.46
N GLY A 61 6.62 4.59 11.75
CA GLY A 61 8.04 4.91 11.75
C GLY A 61 8.80 4.26 12.89
N HIS A 62 8.39 3.04 13.25
CA HIS A 62 9.05 2.33 14.34
C HIS A 62 9.45 0.92 13.89
N GLY A 63 9.10 0.57 12.66
CA GLY A 63 9.36 -0.76 12.18
C GLY A 63 10.66 -0.85 11.41
N ARG A 64 11.17 -2.06 11.29
CA ARG A 64 12.41 -2.30 10.57
C ARG A 64 12.22 -3.41 9.55
N CYS A 65 12.81 -3.24 8.38
CA CYS A 65 12.75 -4.24 7.33
C CYS A 65 14.03 -4.19 6.51
N GLU A 66 14.74 -5.30 6.44
CA GLU A 66 16.02 -5.35 5.75
C GLU A 66 15.85 -5.16 4.25
N ASN A 67 14.73 -5.63 3.72
CA ASN A 67 14.47 -5.52 2.30
C ASN A 67 13.89 -4.14 2.00
N LEU A 68 14.77 -3.22 1.60
CA LEU A 68 14.36 -1.86 1.31
C LEU A 68 13.58 -1.79 0.01
N GLY A 69 13.65 -2.86 -0.76
CA GLY A 69 12.79 -3.01 -1.92
C GLY A 69 11.34 -3.02 -1.50
N LEU A 70 11.03 -3.81 -0.48
CA LEU A 70 9.69 -3.84 0.10
C LEU A 70 9.33 -2.48 0.68
N ALA A 71 10.31 -1.87 1.35
CA ALA A 71 10.12 -0.58 2.00
C ALA A 71 9.86 0.53 0.98
N ALA A 72 10.33 0.34 -0.25
CA ALA A 72 10.17 1.33 -1.30
C ALA A 72 8.69 1.67 -1.54
N MET A 73 7.87 0.64 -1.70
CA MET A 73 6.44 0.84 -1.89
C MET A 73 5.77 1.36 -0.63
N VAL A 74 6.33 1.00 0.51
CA VAL A 74 5.83 1.49 1.79
C VAL A 74 6.06 2.99 1.89
N ASP A 75 7.24 3.43 1.46
CA ASP A 75 7.60 4.86 1.46
C ASP A 75 6.62 5.66 0.62
N LYS A 76 6.21 5.08 -0.50
CA LYS A 76 5.22 5.71 -1.38
C LYS A 76 3.92 5.96 -0.62
N ILE A 77 3.55 4.98 0.19
CA ILE A 77 2.34 5.08 1.00
C ILE A 77 2.52 6.08 2.13
N VAL A 78 3.66 5.99 2.82
CA VAL A 78 3.96 6.86 3.96
C VAL A 78 3.86 8.33 3.57
N ALA A 79 4.48 8.69 2.45
CA ALA A 79 4.44 10.07 1.96
C ALA A 79 3.01 10.52 1.72
N HIS A 80 2.19 9.60 1.20
CA HIS A 80 0.82 9.92 0.86
C HIS A 80 -0.03 10.08 2.13
N ASN A 81 0.11 9.15 3.07
CA ASN A 81 -0.72 9.19 4.28
C ASN A 81 -0.30 10.34 5.19
N LEU A 82 0.99 10.60 5.31
CA LEU A 82 1.47 11.68 6.16
C LEU A 82 0.96 13.02 5.68
N SER A 83 0.78 13.15 4.37
CA SER A 83 0.28 14.38 3.78
C SER A 83 -1.15 14.66 4.26
N LYS A 84 -2.01 13.64 4.22
CA LYS A 84 -3.40 13.81 4.64
C LYS A 84 -3.47 14.01 6.16
N VAL A 85 -2.47 13.49 6.87
CA VAL A 85 -2.40 13.65 8.32
C VAL A 85 -2.08 15.09 8.68
N ARG A 86 -1.21 15.71 7.89
CA ARG A 86 -0.89 17.11 8.04
C ARG A 86 -2.08 17.97 7.59
N LEU A 87 -2.79 17.49 6.58
CA LEU A 87 -3.92 18.20 6.02
C LEU A 87 -5.07 18.28 7.02
N GLU A 88 -5.59 17.12 7.43
CA GLU A 88 -6.71 17.03 8.39
C GLU A 88 -7.98 17.70 7.87
N HIS A 89 -8.00 18.07 6.60
CA HIS A 89 -9.12 18.81 6.06
C HIS A 89 -10.13 17.87 5.40
N HIS A 90 -10.01 16.60 5.73
CA HIS A 90 -10.95 15.58 5.27
C HIS A 90 -11.44 14.77 6.46
N HIS A 91 -12.57 14.11 6.32
CA HIS A 91 -13.12 13.32 7.41
C HIS A 91 -12.51 11.93 7.43
N HIS A 92 -12.70 11.22 8.54
CA HIS A 92 -12.14 9.89 8.70
C HIS A 92 -12.87 8.89 7.80
N HIS A 93 -12.22 8.46 6.74
CA HIS A 93 -12.84 7.57 5.75
C HIS A 93 -13.14 6.20 6.34
N HIS A 94 -12.48 5.86 7.44
CA HIS A 94 -12.71 4.60 8.11
C HIS A 94 -12.37 4.74 9.58
N MET A 1 4.03 -5.05 -19.31
CA MET A 1 2.89 -4.16 -18.97
C MET A 1 1.83 -4.94 -18.21
N TYR A 2 1.28 -4.32 -17.18
CA TYR A 2 0.22 -4.91 -16.39
C TYR A 2 -1.10 -4.19 -16.68
N THR A 3 -2.09 -4.97 -17.08
CA THR A 3 -3.38 -4.41 -17.46
C THR A 3 -4.46 -4.80 -16.45
N ALA A 4 -5.72 -4.61 -16.82
CA ALA A 4 -6.84 -4.95 -15.95
C ALA A 4 -6.85 -6.43 -15.60
N GLU A 5 -6.37 -7.25 -16.52
CA GLU A 5 -6.25 -8.68 -16.29
C GLU A 5 -5.34 -8.95 -15.10
N GLN A 6 -4.24 -8.22 -15.03
CA GLN A 6 -3.31 -8.33 -13.92
C GLN A 6 -3.95 -7.78 -12.65
N LYS A 7 -4.71 -6.70 -12.80
CA LYS A 7 -5.43 -6.12 -11.68
C LYS A 7 -6.44 -7.11 -11.10
N ALA A 8 -7.03 -7.92 -11.97
CA ALA A 8 -7.97 -8.94 -11.53
C ALA A 8 -7.31 -9.95 -10.61
N ARG A 9 -6.09 -10.36 -10.96
CA ARG A 9 -5.34 -11.30 -10.14
C ARG A 9 -5.08 -10.68 -8.76
N ILE A 10 -4.85 -9.38 -8.76
CA ILE A 10 -4.66 -8.62 -7.52
C ILE A 10 -5.98 -8.50 -6.78
N LYS A 11 -7.06 -8.24 -7.52
CA LYS A 11 -8.40 -8.03 -6.96
C LYS A 11 -8.83 -9.19 -6.05
N TRP A 12 -8.47 -10.40 -6.41
CA TRP A 12 -8.83 -11.57 -5.60
C TRP A 12 -8.02 -11.65 -4.31
N ALA A 13 -6.80 -11.12 -4.31
CA ALA A 13 -5.91 -11.28 -3.16
C ALA A 13 -5.54 -9.95 -2.50
N CYS A 14 -6.12 -8.85 -2.97
CA CYS A 14 -5.77 -7.53 -2.46
C CYS A 14 -6.28 -7.33 -1.03
N ARG A 15 -7.34 -8.04 -0.69
CA ARG A 15 -7.90 -7.98 0.66
C ARG A 15 -7.23 -9.00 1.56
N ARG A 16 -6.32 -9.79 0.97
CA ARG A 16 -5.62 -10.87 1.66
C ARG A 16 -6.60 -11.87 2.27
N GLY A 17 -7.05 -11.55 3.48
CA GLY A 17 -8.07 -12.35 4.15
C GLY A 17 -8.71 -11.57 5.27
N MET A 18 -8.53 -10.25 5.23
CA MET A 18 -8.99 -9.38 6.29
C MET A 18 -9.64 -8.13 5.71
N LEU A 19 -10.92 -7.95 5.99
CA LEU A 19 -11.68 -6.85 5.42
C LEU A 19 -11.19 -5.51 5.95
N GLU A 20 -10.55 -5.55 7.11
CA GLU A 20 -9.99 -4.36 7.73
C GLU A 20 -8.84 -3.81 6.90
N LEU A 21 -8.22 -4.67 6.11
CA LEU A 21 -7.03 -4.30 5.35
C LEU A 21 -7.36 -3.96 3.90
N ASP A 22 -8.53 -4.38 3.43
CA ASP A 22 -8.94 -4.13 2.05
C ASP A 22 -8.91 -2.63 1.73
N VAL A 23 -9.42 -1.84 2.66
CA VAL A 23 -9.58 -0.41 2.46
C VAL A 23 -8.26 0.35 2.59
N VAL A 24 -7.25 -0.28 3.17
CA VAL A 24 -5.96 0.39 3.36
C VAL A 24 -4.95 -0.05 2.30
N ILE A 25 -5.19 -1.21 1.70
CA ILE A 25 -4.28 -1.74 0.69
C ILE A 25 -4.72 -1.35 -0.73
N MET A 26 -5.91 -1.78 -1.12
CA MET A 26 -6.34 -1.67 -2.52
C MET A 26 -6.53 -0.22 -2.98
N PRO A 27 -7.32 0.62 -2.28
CA PRO A 27 -7.55 2.01 -2.69
C PRO A 27 -6.24 2.80 -2.82
N PHE A 28 -5.34 2.62 -1.87
CA PHE A 28 -4.05 3.28 -1.90
C PHE A 28 -3.19 2.73 -3.02
N PHE A 29 -3.31 1.43 -3.27
CA PHE A 29 -2.60 0.80 -4.37
C PHE A 29 -3.06 1.36 -5.70
N GLU A 30 -4.37 1.52 -5.87
CA GLU A 30 -4.92 2.06 -7.12
C GLU A 30 -4.44 3.49 -7.36
N GLU A 31 -4.29 4.23 -6.29
CA GLU A 31 -3.77 5.59 -6.35
C GLU A 31 -2.31 5.59 -6.78
N CYS A 32 -1.49 4.80 -6.11
CA CYS A 32 -0.06 4.75 -6.39
C CYS A 32 0.24 3.98 -7.67
N PHE A 33 -0.67 3.10 -8.06
CA PHE A 33 -0.52 2.24 -9.23
C PHE A 33 -0.26 3.04 -10.49
N ASP A 34 -0.89 4.20 -10.60
CA ASP A 34 -0.73 5.05 -11.76
C ASP A 34 0.71 5.59 -11.87
N SER A 35 1.40 5.60 -10.73
CA SER A 35 2.77 6.10 -10.67
C SER A 35 3.77 4.95 -10.65
N LEU A 36 3.39 3.84 -10.01
CA LEU A 36 4.28 2.70 -9.83
C LEU A 36 4.62 2.03 -11.16
N THR A 37 5.78 1.39 -11.20
CA THR A 37 6.22 0.65 -12.38
C THR A 37 6.06 -0.85 -12.12
N GLU A 38 6.30 -1.67 -13.15
CA GLU A 38 6.16 -3.12 -13.03
C GLU A 38 7.11 -3.68 -11.97
N SER A 39 8.31 -3.12 -11.89
CA SER A 39 9.27 -3.51 -10.87
C SER A 39 8.69 -3.33 -9.47
N GLU A 40 7.98 -2.22 -9.28
CA GLU A 40 7.32 -1.94 -8.01
C GLU A 40 6.15 -2.89 -7.81
N GLN A 41 5.36 -3.01 -8.86
CA GLN A 41 4.15 -3.83 -8.86
C GLN A 41 4.47 -5.29 -8.53
N ASP A 42 5.53 -5.82 -9.14
CA ASP A 42 5.85 -7.24 -9.00
C ASP A 42 6.28 -7.56 -7.58
N ASP A 43 7.05 -6.67 -6.99
CA ASP A 43 7.51 -6.84 -5.62
C ASP A 43 6.33 -6.77 -4.66
N PHE A 44 5.43 -5.82 -4.92
CA PHE A 44 4.26 -5.61 -4.08
C PHE A 44 3.27 -6.78 -4.20
N VAL A 45 3.05 -7.26 -5.42
CA VAL A 45 2.17 -8.42 -5.63
C VAL A 45 2.72 -9.64 -4.91
N ALA A 46 4.04 -9.80 -4.96
CA ALA A 46 4.71 -10.90 -4.25
C ALA A 46 4.41 -10.83 -2.76
N LEU A 47 4.31 -9.61 -2.24
CA LEU A 47 3.99 -9.39 -0.84
C LEU A 47 2.57 -9.85 -0.55
N LEU A 48 1.63 -9.48 -1.42
CA LEU A 48 0.22 -9.81 -1.22
C LEU A 48 -0.03 -11.32 -1.23
N GLU A 49 0.81 -12.05 -1.94
CA GLU A 49 0.72 -13.50 -1.99
C GLU A 49 1.23 -14.09 -0.68
N SER A 50 2.02 -13.32 0.02
CA SER A 50 2.56 -13.74 1.30
C SER A 50 1.75 -13.11 2.42
N ASP A 51 2.04 -13.48 3.66
CA ASP A 51 1.39 -12.86 4.80
C ASP A 51 1.89 -11.44 4.98
N ASP A 52 1.11 -10.61 5.66
CA ASP A 52 1.40 -9.18 5.73
C ASP A 52 1.64 -8.68 7.17
N PRO A 53 2.56 -9.29 7.95
CA PRO A 53 2.88 -8.80 9.28
C PRO A 53 3.78 -7.59 9.18
N ASP A 54 4.67 -7.61 8.18
CA ASP A 54 5.57 -6.49 7.92
C ASP A 54 4.78 -5.27 7.48
N LEU A 55 3.82 -5.50 6.58
CA LEU A 55 3.00 -4.42 6.04
C LEU A 55 2.27 -3.70 7.17
N PHE A 56 1.61 -4.47 8.02
CA PHE A 56 0.88 -3.93 9.15
C PHE A 56 1.83 -3.21 10.11
N ALA A 57 2.98 -3.82 10.34
CA ALA A 57 3.97 -3.30 11.28
C ALA A 57 4.55 -1.96 10.81
N TRP A 58 4.79 -1.83 9.51
CA TRP A 58 5.36 -0.59 8.98
C TRP A 58 4.37 0.56 9.04
N VAL A 59 3.09 0.25 8.81
CA VAL A 59 2.05 1.26 8.87
C VAL A 59 1.91 1.81 10.30
N MET A 60 1.94 0.91 11.28
CA MET A 60 1.84 1.31 12.67
C MET A 60 3.19 1.84 13.18
N GLY A 61 4.24 1.57 12.43
CA GLY A 61 5.56 2.09 12.77
C GLY A 61 6.24 1.29 13.86
N HIS A 62 6.08 -0.03 13.83
CA HIS A 62 6.68 -0.91 14.82
C HIS A 62 7.50 -2.02 14.17
N GLY A 63 7.59 -2.01 12.85
CA GLY A 63 8.20 -3.12 12.16
C GLY A 63 9.31 -2.73 11.22
N ARG A 64 10.16 -3.70 10.91
CA ARG A 64 11.23 -3.55 9.93
C ARG A 64 11.19 -4.73 8.99
N CYS A 65 11.46 -4.49 7.71
CA CYS A 65 11.40 -5.55 6.72
C CYS A 65 12.79 -5.89 6.20
N GLU A 66 12.95 -7.10 5.68
CA GLU A 66 14.23 -7.54 5.17
C GLU A 66 14.54 -6.86 3.84
N ASN A 67 13.51 -6.67 3.03
CA ASN A 67 13.63 -5.98 1.75
C ASN A 67 13.07 -4.56 1.86
N LEU A 68 13.96 -3.58 1.80
CA LEU A 68 13.53 -2.18 1.87
C LEU A 68 12.91 -1.73 0.56
N GLY A 69 13.03 -2.57 -0.45
CA GLY A 69 12.31 -2.34 -1.69
C GLY A 69 10.82 -2.34 -1.46
N LEU A 70 10.36 -3.23 -0.59
CA LEU A 70 8.95 -3.29 -0.21
C LEU A 70 8.56 -2.06 0.60
N ALA A 71 9.51 -1.55 1.37
CA ALA A 71 9.27 -0.36 2.18
C ALA A 71 9.13 0.87 1.28
N ALA A 72 9.71 0.78 0.08
CA ALA A 72 9.71 1.91 -0.85
C ALA A 72 8.29 2.30 -1.25
N MET A 73 7.50 1.35 -1.75
CA MET A 73 6.14 1.65 -2.18
C MET A 73 5.22 1.89 -0.99
N VAL A 74 5.53 1.26 0.14
CA VAL A 74 4.77 1.51 1.37
C VAL A 74 4.95 2.95 1.84
N ASP A 75 6.18 3.44 1.75
CA ASP A 75 6.50 4.82 2.12
C ASP A 75 5.76 5.79 1.18
N LYS A 76 5.63 5.38 -0.07
CA LYS A 76 4.87 6.15 -1.06
C LYS A 76 3.39 6.20 -0.67
N ILE A 77 2.90 5.11 -0.11
CA ILE A 77 1.54 5.07 0.43
C ILE A 77 1.42 6.02 1.62
N VAL A 78 2.46 6.03 2.45
CA VAL A 78 2.53 6.95 3.58
C VAL A 78 2.53 8.41 3.09
N ALA A 79 3.14 8.65 1.94
CA ALA A 79 3.15 9.98 1.34
C ALA A 79 1.72 10.43 0.99
N HIS A 80 0.91 9.48 0.57
CA HIS A 80 -0.50 9.76 0.26
C HIS A 80 -1.26 9.99 1.56
N ASN A 81 -0.95 9.18 2.57
CA ASN A 81 -1.54 9.32 3.90
C ASN A 81 -1.18 10.67 4.50
N LEU A 82 0.06 11.09 4.27
CA LEU A 82 0.54 12.38 4.76
C LEU A 82 -0.37 13.52 4.32
N SER A 83 -0.89 13.39 3.10
CA SER A 83 -1.75 14.42 2.53
C SER A 83 -3.11 14.45 3.23
N LYS A 84 -3.68 13.29 3.53
CA LYS A 84 -4.95 13.27 4.26
C LYS A 84 -4.73 13.73 5.70
N VAL A 85 -3.52 13.53 6.21
CA VAL A 85 -3.16 14.01 7.54
C VAL A 85 -3.16 15.53 7.56
N ARG A 86 -2.40 16.13 6.65
CA ARG A 86 -2.30 17.58 6.56
C ARG A 86 -3.66 18.21 6.27
N LEU A 87 -4.55 17.41 5.70
CA LEU A 87 -5.89 17.85 5.38
C LEU A 87 -6.83 17.73 6.58
N GLU A 88 -6.93 16.52 7.14
CA GLU A 88 -7.89 16.25 8.20
C GLU A 88 -7.39 16.77 9.55
N HIS A 89 -6.08 16.91 9.70
CA HIS A 89 -5.53 17.46 10.94
C HIS A 89 -5.56 18.99 10.87
N HIS A 90 -6.77 19.54 10.93
CA HIS A 90 -6.98 20.97 10.81
C HIS A 90 -6.66 21.67 12.13
N HIS A 91 -5.51 22.32 12.17
CA HIS A 91 -5.10 23.05 13.36
C HIS A 91 -4.29 24.28 12.98
N HIS A 92 -4.93 25.44 13.03
CA HIS A 92 -4.29 26.70 12.70
C HIS A 92 -5.15 27.84 13.20
N HIS A 93 -4.57 29.02 13.40
CA HIS A 93 -5.30 30.14 13.99
C HIS A 93 -6.46 30.57 13.08
N HIS A 94 -7.67 30.27 13.52
CA HIS A 94 -8.88 30.65 12.80
C HIS A 94 -10.07 30.50 13.72
N MET A 1 4.58 -7.60 -16.19
CA MET A 1 3.33 -7.44 -16.95
C MET A 1 2.16 -8.04 -16.18
N TYR A 2 1.47 -7.21 -15.42
CA TYR A 2 0.31 -7.65 -14.67
C TYR A 2 -0.97 -7.26 -15.39
N THR A 3 -1.70 -8.26 -15.85
CA THR A 3 -2.86 -8.05 -16.70
C THR A 3 -4.15 -7.95 -15.87
N ALA A 4 -5.27 -7.81 -16.58
CA ALA A 4 -6.59 -7.70 -15.97
C ALA A 4 -6.90 -8.88 -15.05
N GLU A 5 -6.43 -10.06 -15.42
CA GLU A 5 -6.62 -11.25 -14.60
C GLU A 5 -5.94 -11.07 -13.25
N GLN A 6 -4.69 -10.66 -13.31
CA GLN A 6 -3.90 -10.45 -12.10
C GLN A 6 -4.40 -9.23 -11.32
N LYS A 7 -4.95 -8.25 -12.02
CA LYS A 7 -5.52 -7.07 -11.37
C LYS A 7 -6.56 -7.47 -10.33
N ALA A 8 -7.42 -8.42 -10.67
CA ALA A 8 -8.46 -8.86 -9.76
C ALA A 8 -7.87 -9.65 -8.60
N ARG A 9 -6.92 -10.52 -8.92
CA ARG A 9 -6.28 -11.37 -7.92
C ARG A 9 -5.51 -10.52 -6.91
N ILE A 10 -4.86 -9.48 -7.42
CA ILE A 10 -4.15 -8.53 -6.57
C ILE A 10 -5.14 -7.66 -5.81
N LYS A 11 -6.18 -7.23 -6.49
CA LYS A 11 -7.24 -6.41 -5.90
C LYS A 11 -7.83 -7.12 -4.67
N TRP A 12 -8.03 -8.43 -4.78
CA TRP A 12 -8.53 -9.21 -3.66
C TRP A 12 -7.46 -9.36 -2.57
N ALA A 13 -6.20 -9.37 -2.97
CA ALA A 13 -5.09 -9.48 -2.03
C ALA A 13 -4.97 -8.19 -1.21
N CYS A 14 -4.89 -7.06 -1.89
CA CYS A 14 -4.74 -5.76 -1.23
C CYS A 14 -6.01 -5.41 -0.45
N ARG A 15 -7.14 -5.95 -0.88
CA ARG A 15 -8.40 -5.79 -0.17
C ARG A 15 -8.28 -6.39 1.23
N ARG A 16 -7.49 -7.47 1.33
CA ARG A 16 -7.19 -8.12 2.61
C ARG A 16 -8.47 -8.65 3.27
N GLY A 17 -8.38 -8.96 4.56
CA GLY A 17 -9.53 -9.39 5.30
C GLY A 17 -10.21 -8.23 6.02
N MET A 18 -9.68 -7.03 5.80
CA MET A 18 -10.23 -5.84 6.44
C MET A 18 -10.58 -4.79 5.39
N LEU A 19 -11.78 -4.25 5.50
CA LEU A 19 -12.35 -3.41 4.45
C LEU A 19 -11.65 -2.07 4.33
N GLU A 20 -11.02 -1.60 5.40
CA GLU A 20 -10.33 -0.32 5.39
C GLU A 20 -9.19 -0.29 4.39
N LEU A 21 -8.52 -1.42 4.18
CA LEU A 21 -7.40 -1.47 3.25
C LEU A 21 -7.91 -1.45 1.81
N ASP A 22 -9.14 -1.93 1.60
CA ASP A 22 -9.77 -1.85 0.29
C ASP A 22 -10.05 -0.40 -0.08
N VAL A 23 -10.28 0.42 0.94
CA VAL A 23 -10.55 1.84 0.75
C VAL A 23 -9.28 2.60 0.40
N VAL A 24 -8.14 2.06 0.80
CA VAL A 24 -6.87 2.78 0.66
C VAL A 24 -5.97 2.15 -0.41
N ILE A 25 -5.65 0.87 -0.24
CA ILE A 25 -4.65 0.22 -1.07
C ILE A 25 -5.21 -0.15 -2.44
N MET A 26 -6.49 -0.54 -2.49
CA MET A 26 -7.11 -0.97 -3.73
C MET A 26 -7.05 0.12 -4.81
N PRO A 27 -7.53 1.36 -4.52
CA PRO A 27 -7.43 2.46 -5.49
C PRO A 27 -5.98 2.88 -5.71
N PHE A 28 -5.15 2.67 -4.70
CA PHE A 28 -3.74 2.99 -4.77
C PHE A 28 -3.06 2.10 -5.82
N PHE A 29 -3.47 0.83 -5.88
CA PHE A 29 -2.92 -0.10 -6.85
C PHE A 29 -3.15 0.41 -8.28
N GLU A 30 -4.33 0.96 -8.52
CA GLU A 30 -4.65 1.51 -9.82
C GLU A 30 -3.79 2.73 -10.14
N GLU A 31 -3.66 3.62 -9.17
CA GLU A 31 -2.90 4.85 -9.34
C GLU A 31 -1.40 4.58 -9.47
N CYS A 32 -0.86 3.82 -8.52
CA CYS A 32 0.59 3.62 -8.44
C CYS A 32 1.09 2.88 -9.67
N PHE A 33 0.34 1.90 -10.15
CA PHE A 33 0.72 1.12 -11.32
C PHE A 33 1.06 2.02 -12.50
N ASP A 34 0.24 3.04 -12.71
CA ASP A 34 0.44 3.98 -13.82
C ASP A 34 1.66 4.87 -13.60
N SER A 35 2.07 5.00 -12.34
CA SER A 35 3.13 5.93 -11.98
C SER A 35 4.45 5.21 -11.68
N LEU A 36 4.39 3.90 -11.46
CA LEU A 36 5.57 3.13 -11.08
C LEU A 36 6.08 2.30 -12.24
N THR A 37 7.24 1.70 -12.04
CA THR A 37 7.76 0.73 -12.96
C THR A 37 7.25 -0.66 -12.58
N GLU A 38 7.40 -1.62 -13.47
CA GLU A 38 6.99 -2.99 -13.19
C GLU A 38 7.80 -3.56 -12.04
N SER A 39 9.06 -3.16 -11.98
CA SER A 39 9.96 -3.53 -10.91
C SER A 39 9.39 -3.11 -9.55
N GLU A 40 8.98 -1.85 -9.44
CA GLU A 40 8.38 -1.34 -8.22
C GLU A 40 7.09 -2.09 -7.93
N GLN A 41 6.30 -2.32 -8.98
CA GLN A 41 5.04 -3.02 -8.88
C GLN A 41 5.24 -4.41 -8.27
N ASP A 42 6.29 -5.11 -8.70
CA ASP A 42 6.56 -6.47 -8.24
C ASP A 42 6.77 -6.51 -6.73
N ASP A 43 7.56 -5.56 -6.23
CA ASP A 43 7.81 -5.44 -4.80
C ASP A 43 6.52 -5.23 -4.03
N PHE A 44 5.63 -4.43 -4.61
CA PHE A 44 4.33 -4.15 -4.01
C PHE A 44 3.44 -5.41 -4.04
N VAL A 45 3.50 -6.15 -5.13
CA VAL A 45 2.73 -7.39 -5.25
C VAL A 45 3.23 -8.43 -4.26
N ALA A 46 4.56 -8.54 -4.14
CA ALA A 46 5.18 -9.48 -3.21
C ALA A 46 4.70 -9.22 -1.78
N LEU A 47 4.50 -7.96 -1.46
CA LEU A 47 3.96 -7.56 -0.16
C LEU A 47 2.54 -8.10 0.03
N LEU A 48 1.70 -7.84 -0.97
CA LEU A 48 0.28 -8.20 -0.90
C LEU A 48 0.07 -9.72 -0.87
N GLU A 49 1.05 -10.47 -1.37
CA GLU A 49 0.99 -11.92 -1.35
C GLU A 49 1.27 -12.45 0.06
N SER A 50 1.78 -11.59 0.92
CA SER A 50 1.97 -11.92 2.32
C SER A 50 0.78 -11.39 3.12
N ASP A 51 0.91 -11.40 4.44
CA ASP A 51 -0.07 -10.75 5.29
C ASP A 51 0.51 -9.39 5.68
N ASP A 52 -0.33 -8.42 6.03
CA ASP A 52 0.15 -7.04 6.22
C ASP A 52 0.08 -6.52 7.66
N PRO A 53 0.66 -7.21 8.66
CA PRO A 53 0.80 -6.65 9.99
C PRO A 53 1.95 -5.66 10.02
N ASP A 54 2.94 -5.92 9.17
CA ASP A 54 4.11 -5.06 9.01
C ASP A 54 3.71 -3.75 8.37
N LEU A 55 2.93 -3.84 7.29
CA LEU A 55 2.48 -2.66 6.56
C LEU A 55 1.65 -1.76 7.49
N PHE A 56 0.69 -2.38 8.17
CA PHE A 56 -0.16 -1.64 9.11
C PHE A 56 0.68 -1.07 10.25
N ALA A 57 1.76 -1.76 10.58
CA ALA A 57 2.66 -1.32 11.64
C ALA A 57 3.37 -0.03 11.26
N TRP A 58 3.87 0.05 10.03
CA TRP A 58 4.55 1.25 9.57
C TRP A 58 3.59 2.44 9.50
N VAL A 59 2.32 2.16 9.23
CA VAL A 59 1.30 3.20 9.22
C VAL A 59 1.12 3.79 10.61
N MET A 60 1.28 2.95 11.63
CA MET A 60 1.15 3.40 13.01
C MET A 60 2.47 3.90 13.57
N GLY A 61 3.57 3.47 12.96
CA GLY A 61 4.88 3.90 13.39
C GLY A 61 5.65 2.81 14.12
N HIS A 62 5.77 1.65 13.49
CA HIS A 62 6.52 0.53 14.06
C HIS A 62 7.20 -0.23 12.94
N GLY A 63 8.44 0.14 12.67
CA GLY A 63 9.20 -0.48 11.61
C GLY A 63 10.13 -1.58 12.08
N ARG A 64 11.42 -1.45 11.73
CA ARG A 64 12.44 -2.44 12.02
C ARG A 64 12.24 -3.74 11.23
N CYS A 65 11.59 -3.60 10.08
CA CYS A 65 11.39 -4.73 9.17
C CYS A 65 12.67 -5.08 8.43
N GLU A 66 12.69 -6.28 7.85
CA GLU A 66 13.88 -6.81 7.18
C GLU A 66 14.33 -5.92 6.03
N ASN A 67 13.40 -5.56 5.16
CA ASN A 67 13.76 -4.91 3.90
C ASN A 67 13.17 -3.51 3.82
N LEU A 68 14.04 -2.51 3.75
CA LEU A 68 13.61 -1.12 3.69
C LEU A 68 13.09 -0.75 2.30
N GLY A 69 13.49 -1.50 1.29
CA GLY A 69 12.99 -1.29 -0.05
C GLY A 69 11.49 -1.53 -0.12
N LEU A 70 11.04 -2.60 0.54
CA LEU A 70 9.63 -2.91 0.66
C LEU A 70 8.95 -1.88 1.55
N ALA A 71 9.66 -1.43 2.57
CA ALA A 71 9.16 -0.42 3.49
C ALA A 71 8.93 0.91 2.78
N ALA A 72 9.73 1.17 1.76
CA ALA A 72 9.58 2.37 0.94
C ALA A 72 8.25 2.32 0.19
N MET A 73 7.79 1.12 -0.11
CA MET A 73 6.50 0.94 -0.76
C MET A 73 5.38 1.21 0.25
N VAL A 74 5.62 0.81 1.50
CA VAL A 74 4.67 1.10 2.57
C VAL A 74 4.64 2.61 2.85
N ASP A 75 5.81 3.23 2.74
CA ASP A 75 5.93 4.69 2.87
C ASP A 75 5.00 5.40 1.90
N LYS A 76 4.90 4.85 0.69
CA LYS A 76 4.01 5.38 -0.34
C LYS A 76 2.54 5.15 0.04
N ILE A 77 2.28 4.00 0.65
CA ILE A 77 0.95 3.70 1.17
C ILE A 77 0.56 4.74 2.21
N VAL A 78 1.48 5.01 3.14
CA VAL A 78 1.27 6.00 4.18
C VAL A 78 1.12 7.39 3.59
N ALA A 79 1.86 7.66 2.53
CA ALA A 79 1.80 8.96 1.85
C ALA A 79 0.42 9.22 1.27
N HIS A 80 -0.17 8.19 0.65
CA HIS A 80 -1.50 8.31 0.06
C HIS A 80 -2.53 8.51 1.18
N ASN A 81 -2.36 7.75 2.24
CA ASN A 81 -3.22 7.84 3.42
C ASN A 81 -3.06 9.19 4.11
N LEU A 82 -1.83 9.69 4.11
CA LEU A 82 -1.50 10.95 4.78
C LEU A 82 -2.40 12.06 4.28
N SER A 83 -2.73 12.03 2.99
CA SER A 83 -3.56 13.05 2.40
C SER A 83 -4.96 13.07 3.01
N LYS A 84 -5.61 11.92 3.10
CA LYS A 84 -6.97 11.86 3.64
C LYS A 84 -6.94 12.13 5.15
N VAL A 85 -5.81 11.91 5.78
CA VAL A 85 -5.64 12.19 7.19
C VAL A 85 -5.39 13.69 7.42
N ARG A 86 -4.56 14.28 6.57
CA ARG A 86 -4.18 15.68 6.71
C ARG A 86 -5.33 16.60 6.27
N LEU A 87 -6.23 16.05 5.46
CA LEU A 87 -7.45 16.74 5.08
C LEU A 87 -8.32 16.93 6.33
N GLU A 88 -8.24 15.95 7.22
CA GLU A 88 -8.95 15.99 8.48
C GLU A 88 -8.31 16.96 9.45
N HIS A 89 -9.13 17.52 10.35
CA HIS A 89 -8.61 18.41 11.37
C HIS A 89 -8.34 17.66 12.66
N HIS A 90 -8.35 16.33 12.57
CA HIS A 90 -7.82 15.50 13.63
C HIS A 90 -6.29 15.51 13.50
N HIS A 91 -5.63 16.13 14.49
CA HIS A 91 -4.20 16.47 14.39
C HIS A 91 -4.04 17.65 13.42
N HIS A 92 -2.83 17.87 12.93
CA HIS A 92 -2.58 18.93 11.98
C HIS A 92 -2.07 18.34 10.68
N HIS A 93 -2.12 19.11 9.60
CA HIS A 93 -1.61 18.64 8.32
C HIS A 93 -0.08 18.70 8.33
N HIS A 94 0.55 17.64 7.84
CA HIS A 94 1.99 17.54 7.85
C HIS A 94 2.53 17.47 6.43
N MET A 1 3.35 -6.71 -18.47
CA MET A 1 2.11 -5.93 -18.72
C MET A 1 1.02 -6.36 -17.74
N TYR A 2 0.70 -5.46 -16.82
CA TYR A 2 -0.29 -5.75 -15.80
C TYR A 2 -1.69 -5.46 -16.34
N THR A 3 -2.67 -6.26 -15.92
CA THR A 3 -4.01 -6.15 -16.45
C THR A 3 -5.03 -5.79 -15.38
N ALA A 4 -6.16 -5.26 -15.81
CA ALA A 4 -7.24 -4.85 -14.92
C ALA A 4 -7.85 -6.05 -14.20
N GLU A 5 -7.82 -7.21 -14.86
CA GLU A 5 -8.31 -8.44 -14.27
C GLU A 5 -7.52 -8.77 -13.00
N GLN A 6 -6.23 -8.54 -13.07
CA GLN A 6 -5.35 -8.79 -11.92
C GLN A 6 -5.65 -7.83 -10.77
N LYS A 7 -6.14 -6.63 -11.10
CA LYS A 7 -6.58 -5.68 -10.08
C LYS A 7 -7.65 -6.30 -9.18
N ALA A 8 -8.55 -7.06 -9.80
CA ALA A 8 -9.61 -7.73 -9.07
C ALA A 8 -9.03 -8.77 -8.11
N ARG A 9 -7.97 -9.44 -8.55
CA ARG A 9 -7.31 -10.44 -7.72
C ARG A 9 -6.74 -9.80 -6.46
N ILE A 10 -6.29 -8.56 -6.58
CA ILE A 10 -5.81 -7.78 -5.44
C ILE A 10 -6.99 -7.38 -4.55
N LYS A 11 -8.06 -6.93 -5.19
CA LYS A 11 -9.26 -6.49 -4.50
C LYS A 11 -9.83 -7.60 -3.61
N TRP A 12 -9.78 -8.83 -4.11
CA TRP A 12 -10.25 -9.98 -3.35
C TRP A 12 -9.33 -10.30 -2.17
N ALA A 13 -8.08 -9.87 -2.26
CA ALA A 13 -7.07 -10.20 -1.27
C ALA A 13 -6.63 -8.97 -0.48
N CYS A 14 -7.49 -7.94 -0.44
CA CYS A 14 -7.20 -6.73 0.32
C CYS A 14 -7.21 -7.02 1.82
N ARG A 15 -7.95 -8.06 2.20
CA ARG A 15 -8.03 -8.55 3.57
C ARG A 15 -8.87 -7.65 4.47
N ARG A 16 -9.72 -8.30 5.26
CA ARG A 16 -10.55 -7.62 6.25
C ARG A 16 -9.70 -7.11 7.41
N GLY A 17 -8.56 -7.74 7.61
CA GLY A 17 -7.64 -7.33 8.67
C GLY A 17 -7.03 -5.97 8.39
N MET A 18 -7.03 -5.58 7.11
CA MET A 18 -6.53 -4.27 6.71
C MET A 18 -7.68 -3.31 6.49
N LEU A 19 -8.31 -2.90 7.58
CA LEU A 19 -9.53 -2.11 7.53
C LEU A 19 -9.28 -0.73 6.91
N GLU A 20 -8.36 0.02 7.49
CA GLU A 20 -8.06 1.37 6.99
C GLU A 20 -7.33 1.30 5.66
N LEU A 21 -6.54 0.25 5.48
CA LEU A 21 -5.74 0.10 4.28
C LEU A 21 -6.63 -0.16 3.07
N ASP A 22 -7.70 -0.92 3.28
CA ASP A 22 -8.67 -1.26 2.21
C ASP A 22 -9.17 -0.01 1.50
N VAL A 23 -9.37 1.05 2.26
CA VAL A 23 -9.93 2.29 1.73
C VAL A 23 -8.92 3.02 0.82
N VAL A 24 -7.65 2.98 1.19
CA VAL A 24 -6.65 3.77 0.48
C VAL A 24 -5.99 2.99 -0.66
N ILE A 25 -5.94 1.67 -0.55
CA ILE A 25 -5.26 0.83 -1.55
C ILE A 25 -5.85 1.02 -2.95
N MET A 26 -7.16 1.07 -3.04
CA MET A 26 -7.84 1.07 -4.34
C MET A 26 -7.38 2.24 -5.24
N PRO A 27 -7.44 3.51 -4.78
CA PRO A 27 -6.97 4.65 -5.57
C PRO A 27 -5.45 4.79 -5.57
N PHE A 28 -4.81 4.41 -4.47
CA PHE A 28 -3.36 4.53 -4.34
C PHE A 28 -2.65 3.58 -5.30
N PHE A 29 -3.22 2.39 -5.48
CA PHE A 29 -2.67 1.41 -6.39
C PHE A 29 -2.55 2.00 -7.80
N GLU A 30 -3.59 2.68 -8.21
CA GLU A 30 -3.62 3.33 -9.51
C GLU A 30 -2.48 4.33 -9.66
N GLU A 31 -2.28 5.13 -8.62
CA GLU A 31 -1.26 6.16 -8.64
C GLU A 31 0.15 5.57 -8.54
N CYS A 32 0.31 4.50 -7.77
CA CYS A 32 1.62 3.87 -7.65
C CYS A 32 1.94 3.06 -8.90
N PHE A 33 0.90 2.48 -9.50
CA PHE A 33 1.05 1.70 -10.74
C PHE A 33 1.54 2.59 -11.86
N ASP A 34 1.08 3.84 -11.85
CA ASP A 34 1.48 4.82 -12.86
C ASP A 34 2.98 5.11 -12.78
N SER A 35 3.55 4.96 -11.58
CA SER A 35 4.95 5.27 -11.37
C SER A 35 5.82 4.02 -11.43
N LEU A 36 5.37 2.95 -10.79
CA LEU A 36 6.16 1.72 -10.72
C LEU A 36 6.12 0.97 -12.04
N THR A 37 7.22 0.32 -12.40
CA THR A 37 7.24 -0.54 -13.56
C THR A 37 6.97 -1.98 -13.15
N GLU A 38 6.99 -2.90 -14.11
CA GLU A 38 6.66 -4.30 -13.84
C GLU A 38 7.52 -4.88 -12.71
N SER A 39 8.81 -4.57 -12.74
CA SER A 39 9.75 -5.07 -11.75
C SER A 39 9.33 -4.64 -10.33
N GLU A 40 9.09 -3.35 -10.16
CA GLU A 40 8.71 -2.79 -8.87
C GLU A 40 7.31 -3.23 -8.46
N GLN A 41 6.39 -3.22 -9.43
CA GLN A 41 5.03 -3.57 -9.20
C GLN A 41 4.89 -5.02 -8.74
N ASP A 42 5.67 -5.90 -9.35
CA ASP A 42 5.64 -7.32 -9.01
C ASP A 42 6.06 -7.53 -7.57
N ASP A 43 7.09 -6.80 -7.16
CA ASP A 43 7.59 -6.83 -5.79
C ASP A 43 6.48 -6.41 -4.82
N PHE A 44 5.75 -5.37 -5.19
CA PHE A 44 4.62 -4.88 -4.40
C PHE A 44 3.49 -5.92 -4.34
N VAL A 45 3.11 -6.45 -5.50
CA VAL A 45 2.02 -7.42 -5.58
C VAL A 45 2.38 -8.72 -4.84
N ALA A 46 3.64 -9.14 -4.96
CA ALA A 46 4.11 -10.35 -4.30
C ALA A 46 3.98 -10.22 -2.78
N LEU A 47 4.23 -9.02 -2.27
CA LEU A 47 4.08 -8.75 -0.84
C LEU A 47 2.61 -8.82 -0.42
N LEU A 48 1.71 -8.38 -1.30
CA LEU A 48 0.28 -8.30 -1.00
C LEU A 48 -0.30 -9.67 -0.64
N GLU A 49 0.23 -10.73 -1.22
CA GLU A 49 -0.27 -12.07 -0.94
C GLU A 49 0.25 -12.59 0.40
N SER A 50 1.26 -11.91 0.93
CA SER A 50 1.81 -12.26 2.22
C SER A 50 1.18 -11.37 3.31
N ASP A 51 1.61 -11.54 4.55
CA ASP A 51 1.12 -10.73 5.65
C ASP A 51 2.25 -9.85 6.15
N ASP A 52 2.12 -8.55 5.97
CA ASP A 52 3.17 -7.62 6.34
C ASP A 52 2.72 -6.64 7.41
N PRO A 53 2.85 -7.05 8.68
CA PRO A 53 2.58 -6.16 9.82
C PRO A 53 3.62 -5.06 9.88
N ASP A 54 4.81 -5.35 9.37
CA ASP A 54 5.88 -4.36 9.26
C ASP A 54 5.45 -3.26 8.28
N LEU A 55 4.76 -3.68 7.23
CA LEU A 55 4.20 -2.77 6.24
C LEU A 55 3.26 -1.80 6.94
N PHE A 56 2.35 -2.36 7.73
CA PHE A 56 1.42 -1.55 8.52
C PHE A 56 2.18 -0.71 9.55
N ALA A 57 3.26 -1.28 10.07
CA ALA A 57 4.11 -0.62 11.05
C ALA A 57 4.76 0.63 10.46
N TRP A 58 5.20 0.56 9.22
CA TRP A 58 5.80 1.72 8.54
C TRP A 58 4.77 2.83 8.37
N VAL A 59 3.54 2.44 8.08
CA VAL A 59 2.45 3.40 7.96
C VAL A 59 2.17 4.06 9.32
N MET A 60 2.22 3.27 10.39
CA MET A 60 2.04 3.79 11.74
C MET A 60 3.29 4.54 12.22
N GLY A 61 4.42 4.26 11.61
CA GLY A 61 5.65 4.93 11.96
C GLY A 61 6.42 4.20 13.06
N HIS A 62 6.23 2.89 13.16
CA HIS A 62 6.92 2.09 14.18
C HIS A 62 7.23 0.70 13.65
N GLY A 63 8.27 0.58 12.82
CA GLY A 63 8.63 -0.72 12.31
C GLY A 63 9.84 -0.66 11.40
N ARG A 64 10.42 -1.82 11.15
CA ARG A 64 11.58 -1.94 10.26
C ARG A 64 11.30 -3.00 9.21
N CYS A 65 11.67 -2.73 7.98
CA CYS A 65 11.41 -3.65 6.89
C CYS A 65 12.57 -4.64 6.75
N GLU A 66 12.26 -5.86 6.35
CA GLU A 66 13.28 -6.89 6.16
C GLU A 66 14.16 -6.55 4.96
N ASN A 67 13.53 -6.00 3.93
CA ASN A 67 14.24 -5.61 2.70
C ASN A 67 13.73 -4.26 2.22
N LEU A 68 14.63 -3.29 2.18
CA LEU A 68 14.25 -1.91 1.87
C LEU A 68 13.73 -1.76 0.44
N GLY A 69 13.97 -2.76 -0.39
CA GLY A 69 13.39 -2.77 -1.73
C GLY A 69 11.88 -2.78 -1.67
N LEU A 70 11.34 -3.62 -0.78
CA LEU A 70 9.91 -3.65 -0.52
C LEU A 70 9.48 -2.33 0.11
N ALA A 71 10.29 -1.85 1.03
CA ALA A 71 10.00 -0.59 1.73
C ALA A 71 10.01 0.60 0.75
N ALA A 72 10.70 0.44 -0.36
CA ALA A 72 10.82 1.51 -1.35
C ALA A 72 9.45 1.93 -1.89
N MET A 73 8.62 0.96 -2.23
CA MET A 73 7.27 1.26 -2.71
C MET A 73 6.36 1.67 -1.55
N VAL A 74 6.65 1.15 -0.36
CA VAL A 74 5.92 1.52 0.85
C VAL A 74 6.18 3.00 1.17
N ASP A 75 7.40 3.43 0.91
CA ASP A 75 7.82 4.82 1.15
C ASP A 75 6.87 5.79 0.45
N LYS A 76 6.50 5.45 -0.78
CA LYS A 76 5.61 6.29 -1.58
C LYS A 76 4.22 6.33 -0.94
N ILE A 77 3.80 5.19 -0.40
CA ILE A 77 2.50 5.08 0.26
C ILE A 77 2.51 5.84 1.58
N VAL A 78 3.61 5.74 2.31
CA VAL A 78 3.78 6.42 3.59
C VAL A 78 3.64 7.93 3.41
N ALA A 79 4.35 8.47 2.43
CA ALA A 79 4.28 9.90 2.13
C ALA A 79 2.88 10.28 1.66
N HIS A 80 2.30 9.40 0.85
CA HIS A 80 0.95 9.61 0.31
C HIS A 80 -0.07 9.73 1.44
N ASN A 81 -0.01 8.78 2.37
CA ASN A 81 -0.91 8.76 3.52
C ASN A 81 -0.62 9.95 4.44
N LEU A 82 0.66 10.25 4.63
CA LEU A 82 1.07 11.35 5.48
C LEU A 82 0.43 12.65 4.99
N SER A 83 0.42 12.85 3.68
CA SER A 83 -0.10 14.07 3.11
C SER A 83 -1.61 14.18 3.32
N LYS A 84 -2.35 13.10 3.09
CA LYS A 84 -3.80 13.14 3.23
C LYS A 84 -4.20 13.30 4.70
N VAL A 85 -3.31 12.90 5.60
CA VAL A 85 -3.54 13.07 7.03
C VAL A 85 -3.25 14.51 7.46
N ARG A 86 -2.19 15.10 6.91
CA ARG A 86 -1.81 16.47 7.27
C ARG A 86 -2.77 17.48 6.66
N LEU A 87 -3.41 17.10 5.57
CA LEU A 87 -4.42 17.95 4.94
C LEU A 87 -5.67 18.01 5.81
N GLU A 88 -6.08 16.85 6.31
CA GLU A 88 -7.30 16.70 7.12
C GLU A 88 -8.54 17.21 6.40
N HIS A 89 -9.14 16.34 5.60
CA HIS A 89 -10.45 16.63 5.02
C HIS A 89 -11.54 16.16 5.98
N HIS A 90 -11.23 15.12 6.72
CA HIS A 90 -12.07 14.66 7.83
C HIS A 90 -11.19 14.30 9.02
N HIS A 91 -10.61 13.10 8.96
CA HIS A 91 -9.65 12.65 9.98
C HIS A 91 -10.25 12.72 11.38
N HIS A 92 -11.03 11.71 11.73
CA HIS A 92 -11.60 11.62 13.06
C HIS A 92 -11.26 10.28 13.69
N HIS A 93 -10.12 10.25 14.39
CA HIS A 93 -9.48 9.03 14.95
C HIS A 93 -9.28 7.91 13.91
N HIS A 94 -10.33 7.53 13.21
CA HIS A 94 -10.23 6.59 12.09
C HIS A 94 -10.96 7.18 10.91
N MET A 1 3.32 -9.18 -16.66
CA MET A 1 2.00 -8.78 -17.18
C MET A 1 0.94 -8.85 -16.08
N TYR A 2 0.29 -7.73 -15.81
CA TYR A 2 -0.77 -7.69 -14.81
C TYR A 2 -2.07 -7.18 -15.41
N THR A 3 -2.98 -8.10 -15.66
CA THR A 3 -4.30 -7.75 -16.16
C THR A 3 -5.34 -7.87 -15.04
N ALA A 4 -6.63 -7.92 -15.40
CA ALA A 4 -7.70 -7.96 -14.40
C ALA A 4 -7.60 -9.21 -13.54
N GLU A 5 -7.17 -10.32 -14.14
CA GLU A 5 -7.02 -11.58 -13.41
C GLU A 5 -6.01 -11.43 -12.29
N GLN A 6 -4.91 -10.74 -12.57
CA GLN A 6 -3.89 -10.50 -11.57
C GLN A 6 -4.40 -9.52 -10.52
N LYS A 7 -5.19 -8.55 -10.94
CA LYS A 7 -5.78 -7.57 -10.03
C LYS A 7 -6.66 -8.26 -8.99
N ALA A 8 -7.33 -9.32 -9.40
CA ALA A 8 -8.19 -10.09 -8.50
C ALA A 8 -7.35 -10.75 -7.41
N ARG A 9 -6.16 -11.21 -7.76
CA ARG A 9 -5.25 -11.78 -6.77
C ARG A 9 -4.85 -10.73 -5.74
N ILE A 10 -4.69 -9.50 -6.21
CA ILE A 10 -4.30 -8.40 -5.34
C ILE A 10 -5.45 -8.01 -4.41
N LYS A 11 -6.64 -7.82 -4.97
CA LYS A 11 -7.81 -7.41 -4.18
C LYS A 11 -8.15 -8.46 -3.12
N TRP A 12 -7.94 -9.72 -3.44
CA TRP A 12 -8.18 -10.80 -2.49
C TRP A 12 -7.13 -10.80 -1.36
N ALA A 13 -5.97 -10.21 -1.62
CA ALA A 13 -4.87 -10.27 -0.66
C ALA A 13 -4.77 -9.02 0.21
N CYS A 14 -4.99 -7.86 -0.39
CA CYS A 14 -4.80 -6.58 0.30
C CYS A 14 -5.80 -6.40 1.45
N ARG A 15 -6.95 -7.05 1.34
CA ARG A 15 -8.00 -6.91 2.32
C ARG A 15 -7.87 -7.94 3.44
N ARG A 16 -8.84 -7.93 4.36
CA ARG A 16 -8.80 -8.73 5.59
C ARG A 16 -7.85 -8.13 6.61
N GLY A 17 -8.28 -8.14 7.87
CA GLY A 17 -7.46 -7.62 8.93
C GLY A 17 -7.64 -6.12 9.12
N MET A 18 -7.25 -5.37 8.10
CA MET A 18 -7.33 -3.92 8.16
C MET A 18 -7.95 -3.37 6.87
N LEU A 19 -9.16 -2.82 7.01
CA LEU A 19 -9.89 -2.31 5.86
C LEU A 19 -9.44 -0.92 5.48
N GLU A 20 -8.92 -0.18 6.46
CA GLU A 20 -8.52 1.21 6.28
C GLU A 20 -7.48 1.35 5.15
N LEU A 21 -6.50 0.46 5.15
CA LEU A 21 -5.41 0.52 4.19
C LEU A 21 -5.92 0.31 2.77
N ASP A 22 -6.79 -0.69 2.59
CA ASP A 22 -7.31 -1.03 1.26
C ASP A 22 -7.97 0.16 0.59
N VAL A 23 -8.59 1.01 1.40
CA VAL A 23 -9.33 2.17 0.90
C VAL A 23 -8.42 3.12 0.10
N VAL A 24 -7.18 3.28 0.55
CA VAL A 24 -6.27 4.23 -0.08
C VAL A 24 -5.28 3.54 -1.01
N ILE A 25 -5.01 2.26 -0.76
CA ILE A 25 -4.02 1.53 -1.55
C ILE A 25 -4.50 1.32 -2.99
N MET A 26 -5.70 0.77 -3.16
CA MET A 26 -6.19 0.38 -4.48
C MET A 26 -6.20 1.54 -5.49
N PRO A 27 -6.84 2.69 -5.18
CA PRO A 27 -6.92 3.82 -6.13
C PRO A 27 -5.55 4.40 -6.44
N PHE A 28 -4.67 4.45 -5.44
CA PHE A 28 -3.32 4.94 -5.64
C PHE A 28 -2.53 3.96 -6.49
N PHE A 29 -2.73 2.68 -6.23
CA PHE A 29 -2.06 1.61 -6.95
C PHE A 29 -2.36 1.67 -8.44
N GLU A 30 -3.62 1.88 -8.79
CA GLU A 30 -4.03 1.95 -10.19
C GLU A 30 -3.22 2.98 -10.96
N GLU A 31 -3.05 4.14 -10.36
CA GLU A 31 -2.26 5.21 -10.97
C GLU A 31 -0.75 4.93 -10.88
N CYS A 32 -0.29 4.51 -9.72
CA CYS A 32 1.13 4.27 -9.48
C CYS A 32 1.65 3.13 -10.35
N PHE A 33 0.79 2.14 -10.58
CA PHE A 33 1.13 0.95 -11.38
C PHE A 33 1.67 1.33 -12.76
N ASP A 34 1.14 2.41 -13.32
CA ASP A 34 1.55 2.86 -14.66
C ASP A 34 3.05 3.15 -14.69
N SER A 35 3.59 3.58 -13.54
CA SER A 35 5.00 3.92 -13.44
C SER A 35 5.80 2.76 -12.85
N LEU A 36 5.13 1.91 -12.06
CA LEU A 36 5.78 0.78 -11.43
C LEU A 36 6.09 -0.30 -12.46
N THR A 37 7.26 -0.90 -12.33
CA THR A 37 7.67 -1.96 -13.24
C THR A 37 7.28 -3.33 -12.69
N GLU A 38 7.41 -4.35 -13.53
CA GLU A 38 7.07 -5.73 -13.16
C GLU A 38 7.73 -6.12 -11.85
N SER A 39 9.02 -5.81 -11.72
CA SER A 39 9.81 -6.17 -10.56
C SER A 39 9.25 -5.53 -9.28
N GLU A 40 9.00 -4.24 -9.34
CA GLU A 40 8.46 -3.50 -8.20
C GLU A 40 7.08 -4.01 -7.83
N GLN A 41 6.24 -4.18 -8.85
CA GLN A 41 4.90 -4.66 -8.66
C GLN A 41 4.90 -6.06 -8.03
N ASP A 42 5.81 -6.91 -8.50
CA ASP A 42 5.91 -8.27 -7.99
C ASP A 42 6.20 -8.29 -6.50
N ASP A 43 7.16 -7.45 -6.10
CA ASP A 43 7.56 -7.36 -4.71
C ASP A 43 6.38 -6.89 -3.85
N PHE A 44 5.65 -5.91 -4.37
CA PHE A 44 4.48 -5.35 -3.70
C PHE A 44 3.39 -6.41 -3.53
N VAL A 45 3.08 -7.13 -4.60
CA VAL A 45 2.04 -8.16 -4.56
C VAL A 45 2.37 -9.26 -3.56
N ALA A 46 3.59 -9.77 -3.63
CA ALA A 46 4.02 -10.86 -2.76
C ALA A 46 3.93 -10.46 -1.28
N LEU A 47 4.19 -9.18 -1.01
CA LEU A 47 4.13 -8.67 0.36
C LEU A 47 2.70 -8.69 0.90
N LEU A 48 1.76 -8.31 0.04
CA LEU A 48 0.36 -8.16 0.43
C LEU A 48 -0.32 -9.50 0.73
N GLU A 49 0.27 -10.60 0.29
CA GLU A 49 -0.40 -11.89 0.29
C GLU A 49 -0.85 -12.32 1.70
N SER A 50 -0.08 -11.98 2.72
CA SER A 50 -0.53 -12.20 4.10
C SER A 50 0.11 -11.21 5.06
N ASP A 51 -0.74 -10.36 5.61
CA ASP A 51 -0.38 -9.37 6.65
C ASP A 51 0.78 -8.46 6.23
N ASP A 52 0.51 -7.16 6.20
CA ASP A 52 1.54 -6.18 5.85
C ASP A 52 1.86 -5.28 7.04
N PRO A 53 2.77 -5.72 7.92
CA PRO A 53 3.20 -4.93 9.06
C PRO A 53 4.21 -3.85 8.66
N ASP A 54 4.92 -4.10 7.57
CA ASP A 54 5.86 -3.13 7.02
C ASP A 54 5.09 -1.93 6.52
N LEU A 55 4.03 -2.23 5.77
CA LEU A 55 3.12 -1.23 5.25
C LEU A 55 2.49 -0.45 6.40
N PHE A 56 1.95 -1.19 7.36
CA PHE A 56 1.28 -0.60 8.51
C PHE A 56 2.23 0.31 9.29
N ALA A 57 3.43 -0.18 9.55
CA ALA A 57 4.39 0.54 10.38
C ALA A 57 4.88 1.83 9.71
N TRP A 58 5.00 1.83 8.39
CA TRP A 58 5.47 3.03 7.71
C TRP A 58 4.36 4.04 7.50
N VAL A 59 3.13 3.56 7.33
CA VAL A 59 1.97 4.45 7.27
C VAL A 59 1.72 5.10 8.63
N MET A 60 1.89 4.33 9.70
CA MET A 60 1.70 4.83 11.05
C MET A 60 2.92 5.61 11.51
N GLY A 61 4.02 5.46 10.80
CA GLY A 61 5.23 6.21 11.10
C GLY A 61 5.99 5.67 12.30
N HIS A 62 6.18 4.36 12.35
CA HIS A 62 6.96 3.74 13.41
C HIS A 62 8.10 2.89 12.84
N GLY A 63 8.00 2.59 11.56
CA GLY A 63 9.09 1.91 10.84
C GLY A 63 9.29 0.45 11.21
N ARG A 64 9.07 -0.44 10.25
CA ARG A 64 9.35 -1.87 10.42
C ARG A 64 9.81 -2.49 9.11
N CYS A 65 10.17 -1.64 8.16
CA CYS A 65 10.48 -2.11 6.82
C CYS A 65 11.99 -2.16 6.61
N GLU A 66 12.49 -3.33 6.25
CA GLU A 66 13.91 -3.56 6.09
C GLU A 66 14.41 -3.12 4.72
N ASN A 67 13.59 -3.29 3.70
CA ASN A 67 13.96 -2.94 2.34
C ASN A 67 13.28 -1.66 1.90
N LEU A 68 14.09 -0.64 1.60
CA LEU A 68 13.55 0.65 1.22
C LEU A 68 12.94 0.61 -0.18
N GLY A 69 13.21 -0.47 -0.91
CA GLY A 69 12.57 -0.65 -2.20
C GLY A 69 11.06 -0.68 -2.09
N LEU A 70 10.57 -1.47 -1.14
CA LEU A 70 9.14 -1.49 -0.84
C LEU A 70 8.72 -0.22 -0.13
N ALA A 71 9.51 0.19 0.85
CA ALA A 71 9.22 1.38 1.64
C ALA A 71 9.07 2.62 0.76
N ALA A 72 9.75 2.62 -0.38
CA ALA A 72 9.68 3.73 -1.32
C ALA A 72 8.27 3.91 -1.86
N MET A 73 7.64 2.81 -2.25
CA MET A 73 6.29 2.87 -2.79
C MET A 73 5.29 3.12 -1.67
N VAL A 74 5.63 2.66 -0.46
CA VAL A 74 4.79 2.90 0.70
C VAL A 74 4.83 4.38 1.09
N ASP A 75 6.02 4.97 1.01
CA ASP A 75 6.20 6.39 1.29
C ASP A 75 5.38 7.24 0.34
N LYS A 76 5.25 6.77 -0.90
CA LYS A 76 4.39 7.44 -1.88
C LYS A 76 2.95 7.50 -1.38
N ILE A 77 2.50 6.42 -0.76
CA ILE A 77 1.17 6.35 -0.19
C ILE A 77 1.07 7.27 1.03
N VAL A 78 2.10 7.22 1.87
CA VAL A 78 2.17 8.04 3.07
C VAL A 78 2.16 9.53 2.71
N ALA A 79 2.84 9.88 1.64
CA ALA A 79 2.88 11.26 1.16
C ALA A 79 1.48 11.73 0.76
N HIS A 80 0.70 10.83 0.19
CA HIS A 80 -0.67 11.12 -0.19
C HIS A 80 -1.55 11.24 1.05
N ASN A 81 -1.26 10.42 2.05
CA ASN A 81 -1.98 10.44 3.31
C ASN A 81 -1.66 11.71 4.10
N LEU A 82 -0.42 12.16 3.98
CA LEU A 82 0.08 13.32 4.74
C LEU A 82 -0.82 14.53 4.52
N SER A 83 -1.22 14.77 3.27
CA SER A 83 -2.07 15.89 2.95
C SER A 83 -3.47 15.69 3.55
N LYS A 84 -3.90 14.44 3.65
CA LYS A 84 -5.19 14.11 4.24
C LYS A 84 -5.16 14.39 5.75
N VAL A 85 -3.99 14.17 6.34
CA VAL A 85 -3.80 14.43 7.76
C VAL A 85 -3.89 15.92 8.05
N ARG A 86 -3.31 16.73 7.16
CA ARG A 86 -3.29 18.17 7.35
C ARG A 86 -4.65 18.78 6.98
N LEU A 87 -5.41 18.07 6.15
CA LEU A 87 -6.77 18.49 5.81
C LEU A 87 -7.64 18.52 7.06
N GLU A 88 -7.74 17.37 7.72
CA GLU A 88 -8.52 17.27 8.95
C GLU A 88 -7.62 16.86 10.11
N HIS A 89 -7.64 15.57 10.44
CA HIS A 89 -6.82 15.04 11.54
C HIS A 89 -7.04 13.54 11.67
N HIS A 90 -6.13 12.75 11.09
CA HIS A 90 -6.20 11.30 11.18
C HIS A 90 -4.81 10.70 11.07
N HIS A 91 -4.25 10.27 12.20
CA HIS A 91 -3.00 9.52 12.19
C HIS A 91 -3.34 8.05 12.31
N HIS A 92 -4.30 7.77 13.18
CA HIS A 92 -4.98 6.49 13.28
C HIS A 92 -6.06 6.55 14.35
N HIS A 93 -7.28 6.26 13.97
CA HIS A 93 -8.43 6.44 14.85
C HIS A 93 -9.63 5.71 14.27
N HIS A 94 -10.45 5.13 15.13
CA HIS A 94 -11.66 4.46 14.69
C HIS A 94 -12.88 5.15 15.25
N MET A 1 3.29 -7.11 -18.17
CA MET A 1 1.84 -6.90 -18.34
C MET A 1 1.05 -7.95 -17.58
N TYR A 2 0.04 -7.50 -16.85
CA TYR A 2 -0.89 -8.40 -16.19
C TYR A 2 -2.29 -8.14 -16.71
N THR A 3 -3.05 -9.20 -16.99
CA THR A 3 -4.35 -9.05 -17.61
C THR A 3 -5.46 -9.14 -16.56
N ALA A 4 -6.72 -9.15 -17.01
CA ALA A 4 -7.86 -9.18 -16.11
C ALA A 4 -7.82 -10.39 -15.18
N GLU A 5 -7.27 -11.50 -15.69
CA GLU A 5 -7.11 -12.71 -14.90
C GLU A 5 -6.23 -12.43 -13.69
N GLN A 6 -5.07 -11.82 -13.93
CA GLN A 6 -4.15 -11.46 -12.85
C GLN A 6 -4.72 -10.33 -12.01
N LYS A 7 -5.38 -9.37 -12.66
CA LYS A 7 -6.01 -8.26 -11.95
C LYS A 7 -6.99 -8.75 -10.90
N ALA A 8 -7.73 -9.79 -11.23
CA ALA A 8 -8.67 -10.39 -10.30
C ALA A 8 -7.94 -10.91 -9.08
N ARG A 9 -6.86 -11.63 -9.33
CA ARG A 9 -6.07 -12.22 -8.24
C ARG A 9 -5.48 -11.15 -7.35
N ILE A 10 -5.07 -10.04 -7.95
CA ILE A 10 -4.54 -8.91 -7.20
C ILE A 10 -5.63 -8.32 -6.29
N LYS A 11 -6.82 -8.16 -6.85
CA LYS A 11 -7.95 -7.61 -6.11
C LYS A 11 -8.33 -8.53 -4.94
N TRP A 12 -8.23 -9.84 -5.16
CA TRP A 12 -8.52 -10.83 -4.12
C TRP A 12 -7.56 -10.69 -2.94
N ALA A 13 -6.38 -10.16 -3.19
CA ALA A 13 -5.40 -9.95 -2.14
C ALA A 13 -5.62 -8.62 -1.43
N CYS A 14 -6.15 -7.65 -2.15
CA CYS A 14 -6.41 -6.33 -1.59
C CYS A 14 -7.61 -6.36 -0.64
N ARG A 15 -8.69 -7.00 -1.08
CA ARG A 15 -9.87 -7.15 -0.24
C ARG A 15 -9.86 -8.51 0.44
N ARG A 16 -10.94 -8.84 1.14
CA ARG A 16 -11.05 -10.10 1.90
C ARG A 16 -10.21 -10.05 3.17
N GLY A 17 -9.02 -9.46 3.05
CA GLY A 17 -8.14 -9.30 4.19
C GLY A 17 -8.44 -8.05 4.98
N MET A 18 -7.53 -7.10 4.93
CA MET A 18 -7.66 -5.87 5.70
C MET A 18 -8.34 -4.77 4.88
N LEU A 19 -9.65 -4.63 5.05
CA LEU A 19 -10.42 -3.63 4.33
C LEU A 19 -10.14 -2.24 4.89
N GLU A 20 -9.66 -2.19 6.12
CA GLU A 20 -9.27 -0.94 6.75
C GLU A 20 -8.17 -0.24 5.96
N LEU A 21 -7.33 -1.04 5.31
CA LEU A 21 -6.26 -0.52 4.48
C LEU A 21 -6.69 -0.37 3.03
N ASP A 22 -7.70 -1.15 2.64
CA ASP A 22 -8.27 -1.09 1.27
C ASP A 22 -8.67 0.34 0.93
N VAL A 23 -9.17 1.05 1.94
CA VAL A 23 -9.63 2.43 1.78
C VAL A 23 -8.52 3.35 1.26
N VAL A 24 -7.29 3.09 1.66
CA VAL A 24 -6.18 3.96 1.29
C VAL A 24 -5.31 3.33 0.20
N ILE A 25 -5.18 2.00 0.23
CA ILE A 25 -4.30 1.30 -0.70
C ILE A 25 -4.86 1.31 -2.12
N MET A 26 -6.14 1.01 -2.27
CA MET A 26 -6.74 0.89 -3.60
C MET A 26 -6.63 2.17 -4.43
N PRO A 27 -7.08 3.34 -3.91
CA PRO A 27 -6.98 4.60 -4.66
C PRO A 27 -5.54 4.94 -5.03
N PHE A 28 -4.62 4.67 -4.11
CA PHE A 28 -3.20 4.90 -4.37
C PHE A 28 -2.68 3.92 -5.42
N PHE A 29 -3.09 2.67 -5.31
CA PHE A 29 -2.68 1.63 -6.24
C PHE A 29 -3.07 1.99 -7.65
N GLU A 30 -4.28 2.51 -7.82
CA GLU A 30 -4.77 2.93 -9.13
C GLU A 30 -3.81 3.91 -9.78
N GLU A 31 -3.37 4.87 -8.98
CA GLU A 31 -2.49 5.92 -9.46
C GLU A 31 -1.04 5.43 -9.61
N CYS A 32 -0.58 4.64 -8.65
CA CYS A 32 0.82 4.22 -8.58
C CYS A 32 1.10 3.02 -9.49
N PHE A 33 0.06 2.26 -9.82
CA PHE A 33 0.20 1.07 -10.67
C PHE A 33 0.91 1.40 -11.97
N ASP A 34 0.44 2.44 -12.66
CA ASP A 34 1.04 2.86 -13.92
C ASP A 34 2.42 3.47 -13.69
N SER A 35 2.65 3.96 -12.49
CA SER A 35 3.87 4.70 -12.17
C SER A 35 5.04 3.75 -11.89
N LEU A 36 4.72 2.50 -11.56
CA LEU A 36 5.75 1.51 -11.23
C LEU A 36 6.08 0.65 -12.45
N THR A 37 7.29 0.09 -12.46
CA THR A 37 7.66 -0.86 -13.48
C THR A 37 7.17 -2.25 -13.09
N GLU A 38 7.28 -3.22 -13.98
CA GLU A 38 6.72 -4.55 -13.77
C GLU A 38 7.29 -5.19 -12.51
N SER A 39 8.60 -5.04 -12.30
CA SER A 39 9.26 -5.60 -11.13
C SER A 39 8.76 -4.96 -9.85
N GLU A 40 8.65 -3.63 -9.84
CA GLU A 40 8.15 -2.91 -8.67
C GLU A 40 6.69 -3.27 -8.42
N GLN A 41 5.95 -3.37 -9.51
CA GLN A 41 4.57 -3.78 -9.49
C GLN A 41 4.42 -5.13 -8.82
N ASP A 42 5.24 -6.07 -9.23
CA ASP A 42 5.18 -7.44 -8.73
C ASP A 42 5.62 -7.51 -7.27
N ASP A 43 6.58 -6.66 -6.92
CA ASP A 43 7.07 -6.57 -5.54
C ASP A 43 5.96 -6.10 -4.60
N PHE A 44 5.20 -5.11 -5.05
CA PHE A 44 4.08 -4.58 -4.29
C PHE A 44 2.99 -5.64 -4.15
N VAL A 45 2.71 -6.35 -5.24
CA VAL A 45 1.72 -7.43 -5.22
C VAL A 45 2.13 -8.52 -4.25
N ALA A 46 3.43 -8.81 -4.20
CA ALA A 46 3.96 -9.80 -3.27
C ALA A 46 3.62 -9.45 -1.83
N LEU A 47 3.70 -8.16 -1.52
CA LEU A 47 3.36 -7.67 -0.19
C LEU A 47 1.88 -7.91 0.13
N LEU A 48 1.03 -7.71 -0.88
CA LEU A 48 -0.41 -7.78 -0.71
C LEU A 48 -0.88 -9.18 -0.28
N GLU A 49 -0.08 -10.19 -0.57
CA GLU A 49 -0.43 -11.55 -0.18
C GLU A 49 -0.10 -11.81 1.29
N SER A 50 0.68 -10.91 1.87
CA SER A 50 1.08 -11.06 3.26
C SER A 50 0.17 -10.23 4.16
N ASP A 51 0.53 -10.14 5.43
CA ASP A 51 -0.23 -9.35 6.38
C ASP A 51 0.28 -7.91 6.36
N ASP A 52 -0.39 -7.04 7.12
CA ASP A 52 0.02 -5.63 7.17
C ASP A 52 0.37 -5.16 8.59
N PRO A 53 1.25 -5.87 9.33
CA PRO A 53 1.70 -5.43 10.64
C PRO A 53 2.84 -4.43 10.52
N ASP A 54 3.89 -4.83 9.81
CA ASP A 54 5.01 -3.97 9.51
C ASP A 54 4.55 -2.74 8.75
N LEU A 55 3.66 -2.97 7.80
CA LEU A 55 3.11 -1.89 6.99
C LEU A 55 2.42 -0.85 7.88
N PHE A 56 1.55 -1.33 8.77
CA PHE A 56 0.84 -0.45 9.69
C PHE A 56 1.82 0.30 10.59
N ALA A 57 2.88 -0.40 10.98
CA ALA A 57 3.89 0.17 11.87
C ALA A 57 4.69 1.28 11.18
N TRP A 58 5.03 1.08 9.91
CA TRP A 58 5.78 2.08 9.15
C TRP A 58 4.93 3.33 8.92
N VAL A 59 3.63 3.13 8.75
CA VAL A 59 2.70 4.25 8.61
C VAL A 59 2.71 5.13 9.85
N MET A 60 2.86 4.49 11.00
CA MET A 60 2.91 5.22 12.28
C MET A 60 4.33 5.66 12.60
N GLY A 61 5.29 5.03 11.95
CA GLY A 61 6.68 5.42 12.12
C GLY A 61 7.37 4.65 13.24
N HIS A 62 6.83 3.48 13.55
CA HIS A 62 7.37 2.65 14.63
C HIS A 62 7.93 1.35 14.06
N GLY A 63 7.78 1.17 12.76
CA GLY A 63 8.09 -0.10 12.15
C GLY A 63 9.54 -0.22 11.72
N ARG A 64 9.94 -1.46 11.49
CA ARG A 64 11.27 -1.78 10.99
C ARG A 64 11.18 -3.04 10.14
N CYS A 65 11.84 -3.06 8.99
CA CYS A 65 11.66 -4.15 8.05
C CYS A 65 13.01 -4.70 7.59
N GLU A 66 12.98 -5.83 6.89
CA GLU A 66 14.18 -6.51 6.44
C GLU A 66 14.65 -5.94 5.11
N ASN A 67 13.70 -5.71 4.21
CA ASN A 67 14.03 -5.19 2.88
C ASN A 67 13.38 -3.84 2.66
N LEU A 68 14.18 -2.89 2.19
CA LEU A 68 13.71 -1.52 2.01
C LEU A 68 12.83 -1.38 0.78
N GLY A 69 12.90 -2.36 -0.11
CA GLY A 69 12.06 -2.32 -1.30
C GLY A 69 10.59 -2.30 -0.96
N LEU A 70 10.18 -3.20 -0.06
CA LEU A 70 8.80 -3.23 0.41
C LEU A 70 8.52 -2.04 1.32
N ALA A 71 9.54 -1.59 2.03
CA ALA A 71 9.41 -0.44 2.92
C ALA A 71 9.12 0.83 2.13
N ALA A 72 9.75 0.94 0.96
CA ALA A 72 9.54 2.10 0.10
C ALA A 72 8.11 2.11 -0.44
N MET A 73 7.51 0.93 -0.54
CA MET A 73 6.11 0.82 -0.96
C MET A 73 5.21 1.46 0.09
N VAL A 74 5.48 1.14 1.35
CA VAL A 74 4.72 1.70 2.46
C VAL A 74 4.96 3.20 2.57
N ASP A 75 6.20 3.61 2.29
CA ASP A 75 6.58 5.03 2.28
C ASP A 75 5.67 5.84 1.37
N LYS A 76 5.42 5.32 0.18
CA LYS A 76 4.57 5.98 -0.79
C LYS A 76 3.12 6.03 -0.29
N ILE A 77 2.71 4.97 0.40
CA ILE A 77 1.37 4.91 0.99
C ILE A 77 1.23 6.01 2.05
N VAL A 78 2.27 6.16 2.88
CA VAL A 78 2.28 7.18 3.92
C VAL A 78 2.19 8.58 3.30
N ALA A 79 2.95 8.79 2.22
CA ALA A 79 2.94 10.06 1.49
C ALA A 79 1.53 10.40 1.00
N HIS A 80 0.84 9.39 0.47
CA HIS A 80 -0.53 9.58 -0.02
C HIS A 80 -1.49 9.78 1.15
N ASN A 81 -1.24 9.05 2.22
CA ASN A 81 -2.03 9.15 3.46
C ASN A 81 -1.99 10.55 4.03
N LEU A 82 -0.86 11.23 3.85
CA LEU A 82 -0.68 12.59 4.36
C LEU A 82 -1.80 13.51 3.87
N SER A 83 -2.32 13.21 2.69
CA SER A 83 -3.44 13.97 2.14
C SER A 83 -4.68 13.78 3.00
N LYS A 84 -4.91 12.55 3.46
CA LYS A 84 -6.01 12.28 4.38
C LYS A 84 -5.75 12.94 5.72
N VAL A 85 -4.47 12.99 6.09
CA VAL A 85 -4.04 13.61 7.33
C VAL A 85 -4.27 15.12 7.30
N ARG A 86 -3.99 15.74 6.16
CA ARG A 86 -4.14 17.18 6.01
C ARG A 86 -5.59 17.56 5.82
N LEU A 87 -6.40 16.61 5.40
CA LEU A 87 -7.81 16.84 5.15
C LEU A 87 -8.63 16.61 6.42
N GLU A 88 -8.48 15.43 7.01
CA GLU A 88 -9.28 15.05 8.17
C GLU A 88 -8.78 15.72 9.43
N HIS A 89 -9.57 16.66 9.94
CA HIS A 89 -9.27 17.40 11.16
C HIS A 89 -8.05 18.32 10.96
N HIS A 90 -7.69 18.51 9.69
CA HIS A 90 -6.66 19.47 9.28
C HIS A 90 -5.24 19.02 9.62
N HIS A 91 -5.01 18.57 10.84
CA HIS A 91 -3.66 18.18 11.26
C HIS A 91 -3.70 17.31 12.51
N HIS A 92 -2.56 16.72 12.85
CA HIS A 92 -2.42 15.92 14.05
C HIS A 92 -1.22 16.38 14.86
N HIS A 93 -1.47 16.90 16.05
CA HIS A 93 -0.41 17.39 16.92
C HIS A 93 0.25 16.23 17.68
N HIS A 94 1.56 16.25 17.76
CA HIS A 94 2.30 15.26 18.53
C HIS A 94 2.77 15.87 19.85
N MET A 1 4.32 -4.94 -17.07
CA MET A 1 3.89 -6.24 -17.63
C MET A 1 2.68 -6.77 -16.89
N TYR A 2 2.53 -6.39 -15.62
CA TYR A 2 1.29 -6.68 -14.89
C TYR A 2 0.14 -5.97 -15.57
N THR A 3 -0.66 -6.74 -16.27
CA THR A 3 -1.71 -6.23 -17.13
C THR A 3 -3.04 -6.07 -16.40
N ALA A 4 -4.06 -5.70 -17.15
CA ALA A 4 -5.42 -5.59 -16.62
C ALA A 4 -5.89 -6.92 -16.06
N GLU A 5 -5.39 -8.01 -16.64
CA GLU A 5 -5.68 -9.34 -16.13
C GLU A 5 -5.10 -9.49 -14.73
N GLN A 6 -3.83 -9.14 -14.61
CA GLN A 6 -3.09 -9.30 -13.37
C GLN A 6 -3.64 -8.43 -12.25
N LYS A 7 -3.95 -7.17 -12.57
CA LYS A 7 -4.47 -6.25 -11.55
C LYS A 7 -5.80 -6.78 -10.98
N ALA A 8 -6.57 -7.44 -11.82
CA ALA A 8 -7.84 -8.03 -11.39
C ALA A 8 -7.57 -9.24 -10.51
N ARG A 9 -6.58 -10.04 -10.89
CA ARG A 9 -6.17 -11.19 -10.10
C ARG A 9 -5.64 -10.74 -8.74
N ILE A 10 -5.02 -9.56 -8.73
CA ILE A 10 -4.57 -8.92 -7.51
C ILE A 10 -5.76 -8.55 -6.63
N LYS A 11 -6.81 -8.00 -7.23
CA LYS A 11 -8.01 -7.61 -6.50
C LYS A 11 -8.61 -8.81 -5.76
N TRP A 12 -8.50 -10.00 -6.35
CA TRP A 12 -8.95 -11.22 -5.68
C TRP A 12 -8.23 -11.41 -4.34
N ALA A 13 -6.98 -10.99 -4.28
CA ALA A 13 -6.18 -11.10 -3.07
C ALA A 13 -6.04 -9.75 -2.38
N CYS A 14 -7.15 -8.99 -2.36
CA CYS A 14 -7.18 -7.66 -1.75
C CYS A 14 -6.88 -7.72 -0.25
N ARG A 15 -7.14 -8.88 0.36
CA ARG A 15 -6.88 -9.13 1.78
C ARG A 15 -7.93 -8.45 2.65
N ARG A 16 -8.00 -8.87 3.91
CA ARG A 16 -8.98 -8.35 4.85
C ARG A 16 -8.27 -7.77 6.06
N GLY A 17 -8.30 -6.45 6.19
CA GLY A 17 -7.66 -5.81 7.30
C GLY A 17 -8.54 -4.74 7.94
N MET A 18 -8.90 -3.74 7.15
CA MET A 18 -9.71 -2.63 7.63
C MET A 18 -10.33 -1.88 6.47
N LEU A 19 -11.57 -1.44 6.63
CA LEU A 19 -12.29 -0.73 5.58
C LEU A 19 -11.57 0.56 5.18
N GLU A 20 -10.98 1.23 6.17
CA GLU A 20 -10.19 2.42 5.91
C GLU A 20 -8.95 2.08 5.09
N LEU A 21 -8.31 0.97 5.45
CA LEU A 21 -7.06 0.56 4.83
C LEU A 21 -7.29 0.14 3.39
N ASP A 22 -8.43 -0.51 3.14
CA ASP A 22 -8.80 -0.97 1.79
C ASP A 22 -8.83 0.19 0.79
N VAL A 23 -9.43 1.30 1.22
CA VAL A 23 -9.57 2.48 0.37
C VAL A 23 -8.21 3.09 0.04
N VAL A 24 -7.23 2.81 0.87
CA VAL A 24 -5.88 3.35 0.66
C VAL A 24 -5.03 2.36 -0.13
N ILE A 25 -5.63 1.23 -0.51
CA ILE A 25 -4.92 0.21 -1.27
C ILE A 25 -5.34 0.22 -2.74
N MET A 26 -6.59 -0.09 -3.01
CA MET A 26 -7.04 -0.32 -4.39
C MET A 26 -7.05 0.97 -5.22
N PRO A 27 -7.71 2.06 -4.76
CA PRO A 27 -7.69 3.34 -5.48
C PRO A 27 -6.28 3.92 -5.56
N PHE A 28 -5.48 3.61 -4.55
CA PHE A 28 -4.09 4.05 -4.54
C PHE A 28 -3.29 3.32 -5.60
N PHE A 29 -3.60 2.05 -5.81
CA PHE A 29 -2.95 1.25 -6.83
C PHE A 29 -3.09 1.91 -8.18
N GLU A 30 -4.28 2.43 -8.46
CA GLU A 30 -4.54 3.14 -9.71
C GLU A 30 -3.55 4.27 -9.92
N GLU A 31 -3.31 5.04 -8.86
CA GLU A 31 -2.36 6.15 -8.91
C GLU A 31 -0.92 5.64 -8.99
N CYS A 32 -0.59 4.74 -8.07
CA CYS A 32 0.78 4.29 -7.89
C CYS A 32 1.27 3.44 -9.06
N PHE A 33 0.36 2.70 -9.68
CA PHE A 33 0.70 1.80 -10.79
C PHE A 33 1.46 2.53 -11.89
N ASP A 34 1.08 3.78 -12.14
CA ASP A 34 1.71 4.57 -13.20
C ASP A 34 3.16 4.91 -12.86
N SER A 35 3.49 4.83 -11.57
CA SER A 35 4.83 5.16 -11.11
C SER A 35 5.60 3.90 -10.71
N LEU A 36 4.91 2.77 -10.71
CA LEU A 36 5.53 1.50 -10.31
C LEU A 36 6.18 0.80 -11.48
N THR A 37 7.31 0.17 -11.22
CA THR A 37 7.96 -0.68 -12.20
C THR A 37 7.81 -2.14 -11.78
N GLU A 38 8.07 -3.07 -12.70
CA GLU A 38 7.95 -4.50 -12.42
C GLU A 38 8.78 -4.89 -11.20
N SER A 39 9.95 -4.28 -11.08
CA SER A 39 10.84 -4.54 -9.96
C SER A 39 10.15 -4.25 -8.63
N GLU A 40 9.53 -3.06 -8.53
CA GLU A 40 8.80 -2.68 -7.33
C GLU A 40 7.51 -3.47 -7.20
N GLN A 41 6.85 -3.69 -8.33
CA GLN A 41 5.57 -4.38 -8.37
C GLN A 41 5.70 -5.81 -7.86
N ASP A 42 6.78 -6.48 -8.22
CA ASP A 42 6.99 -7.86 -7.79
C ASP A 42 7.13 -7.94 -6.28
N ASP A 43 7.93 -7.04 -5.73
CA ASP A 43 8.14 -6.96 -4.29
C ASP A 43 6.83 -6.58 -3.59
N PHE A 44 6.05 -5.73 -4.25
CA PHE A 44 4.76 -5.30 -3.74
C PHE A 44 3.75 -6.45 -3.74
N VAL A 45 3.71 -7.23 -4.82
CA VAL A 45 2.82 -8.38 -4.91
C VAL A 45 3.18 -9.42 -3.84
N ALA A 46 4.47 -9.64 -3.65
CA ALA A 46 4.94 -10.55 -2.62
C ALA A 46 4.50 -10.08 -1.24
N LEU A 47 4.42 -8.77 -1.07
CA LEU A 47 3.98 -8.15 0.17
C LEU A 47 2.49 -8.42 0.41
N LEU A 48 1.71 -8.41 -0.66
CA LEU A 48 0.25 -8.55 -0.56
C LEU A 48 -0.17 -9.97 -0.20
N GLU A 49 0.74 -10.92 -0.38
CA GLU A 49 0.46 -12.30 -0.01
C GLU A 49 0.77 -12.58 1.45
N SER A 50 1.46 -11.65 2.09
CA SER A 50 1.86 -11.81 3.48
C SER A 50 0.66 -11.69 4.42
N ASP A 51 0.91 -11.85 5.72
CA ASP A 51 -0.11 -11.71 6.74
C ASP A 51 -0.28 -10.23 7.12
N ASP A 52 0.33 -9.38 6.29
CA ASP A 52 0.38 -7.93 6.49
C ASP A 52 0.85 -7.55 7.90
N PRO A 53 2.00 -8.07 8.36
CA PRO A 53 2.52 -7.74 9.69
C PRO A 53 3.37 -6.48 9.65
N ASP A 54 4.41 -6.52 8.82
CA ASP A 54 5.28 -5.37 8.62
C ASP A 54 4.54 -4.27 7.86
N LEU A 55 3.64 -4.69 6.98
CA LEU A 55 2.78 -3.75 6.26
C LEU A 55 1.92 -2.97 7.26
N PHE A 56 1.26 -3.69 8.15
CA PHE A 56 0.40 -3.08 9.16
C PHE A 56 1.23 -2.20 10.10
N ALA A 57 2.42 -2.67 10.42
CA ALA A 57 3.33 -1.97 11.32
C ALA A 57 3.66 -0.57 10.83
N TRP A 58 4.00 -0.44 9.56
CA TRP A 58 4.40 0.86 9.02
C TRP A 58 3.20 1.79 8.83
N VAL A 59 2.03 1.21 8.59
CA VAL A 59 0.80 2.00 8.49
C VAL A 59 0.56 2.77 9.79
N MET A 60 0.77 2.08 10.92
CA MET A 60 0.61 2.70 12.23
C MET A 60 1.90 3.39 12.67
N GLY A 61 3.01 2.98 12.06
CA GLY A 61 4.30 3.60 12.33
C GLY A 61 4.98 3.00 13.54
N HIS A 62 4.78 1.70 13.76
CA HIS A 62 5.30 1.02 14.92
C HIS A 62 5.43 -0.47 14.65
N GLY A 63 6.63 -0.90 14.31
CA GLY A 63 6.88 -2.32 14.13
C GLY A 63 8.11 -2.62 13.30
N ARG A 64 8.41 -1.73 12.35
CA ARG A 64 9.52 -1.91 11.42
C ARG A 64 9.34 -3.15 10.55
N CYS A 65 10.33 -3.45 9.73
CA CYS A 65 10.27 -4.58 8.83
C CYS A 65 11.66 -5.16 8.59
N GLU A 66 11.75 -6.17 7.75
CA GLU A 66 13.01 -6.80 7.43
C GLU A 66 13.60 -6.19 6.17
N ASN A 67 12.73 -5.85 5.24
CA ASN A 67 13.15 -5.21 4.00
C ASN A 67 12.53 -3.83 3.87
N LEU A 68 13.37 -2.81 3.77
CA LEU A 68 12.88 -1.44 3.65
C LEU A 68 12.25 -1.21 2.27
N GLY A 69 12.56 -2.10 1.34
CA GLY A 69 11.94 -2.06 0.04
C GLY A 69 10.44 -2.26 0.12
N LEU A 70 10.04 -3.29 0.88
CA LEU A 70 8.63 -3.54 1.15
C LEU A 70 8.00 -2.31 1.80
N ALA A 71 8.73 -1.76 2.77
CA ALA A 71 8.28 -0.60 3.51
C ALA A 71 8.17 0.63 2.62
N ALA A 72 8.94 0.65 1.55
CA ALA A 72 8.91 1.77 0.61
C ALA A 72 7.54 1.88 -0.04
N MET A 73 6.96 0.75 -0.43
CA MET A 73 5.63 0.74 -1.00
C MET A 73 4.59 1.08 0.06
N VAL A 74 4.80 0.55 1.28
CA VAL A 74 3.90 0.85 2.39
C VAL A 74 3.90 2.34 2.72
N ASP A 75 5.09 2.93 2.68
CA ASP A 75 5.24 4.36 2.92
C ASP A 75 4.46 5.17 1.89
N LYS A 76 4.47 4.69 0.65
CA LYS A 76 3.69 5.32 -0.42
C LYS A 76 2.20 5.25 -0.09
N ILE A 77 1.78 4.12 0.46
CA ILE A 77 0.41 3.94 0.92
C ILE A 77 0.09 4.90 2.06
N VAL A 78 1.01 4.98 3.02
CA VAL A 78 0.87 5.88 4.17
C VAL A 78 0.70 7.33 3.70
N ALA A 79 1.35 7.69 2.61
CA ALA A 79 1.24 9.03 2.04
C ALA A 79 -0.22 9.34 1.66
N HIS A 80 -0.86 8.41 0.99
CA HIS A 80 -2.26 8.57 0.60
C HIS A 80 -3.15 8.56 1.85
N ASN A 81 -2.78 7.74 2.83
CA ASN A 81 -3.50 7.68 4.10
C ASN A 81 -3.42 9.02 4.83
N LEU A 82 -2.21 9.55 4.93
CA LEU A 82 -1.98 10.85 5.54
C LEU A 82 -2.81 11.92 4.84
N SER A 83 -2.91 11.76 3.52
CA SER A 83 -3.67 12.68 2.70
C SER A 83 -5.16 12.66 3.06
N LYS A 84 -5.73 11.47 3.27
CA LYS A 84 -7.14 11.38 3.63
C LYS A 84 -7.36 11.92 5.04
N VAL A 85 -6.30 11.86 5.86
CA VAL A 85 -6.36 12.39 7.21
C VAL A 85 -6.30 13.93 7.19
N ARG A 86 -5.37 14.46 6.41
CA ARG A 86 -5.20 15.92 6.31
C ARG A 86 -6.41 16.57 5.66
N LEU A 87 -7.13 15.77 4.90
CA LEU A 87 -8.32 16.23 4.21
C LEU A 87 -9.45 16.51 5.20
N GLU A 88 -9.57 15.66 6.21
CA GLU A 88 -10.68 15.77 7.16
C GLU A 88 -10.31 16.61 8.38
N HIS A 89 -9.71 15.99 9.39
CA HIS A 89 -9.52 16.66 10.67
C HIS A 89 -8.32 16.11 11.44
N HIS A 90 -7.26 16.92 11.49
CA HIS A 90 -6.06 16.64 12.27
C HIS A 90 -4.98 17.62 11.85
N HIS A 91 -4.50 18.43 12.79
CA HIS A 91 -3.52 19.46 12.46
C HIS A 91 -2.29 18.84 11.82
N HIS A 92 -1.87 19.43 10.70
CA HIS A 92 -0.81 18.87 9.89
C HIS A 92 0.04 19.97 9.28
N HIS A 93 1.32 19.69 9.08
CA HIS A 93 2.23 20.64 8.45
C HIS A 93 3.48 19.94 7.99
N HIS A 94 4.00 20.34 6.83
CA HIS A 94 5.28 19.84 6.36
C HIS A 94 6.21 21.02 6.10
N MET A 1 4.12 -4.70 -18.32
CA MET A 1 2.71 -4.67 -17.89
C MET A 1 2.14 -6.08 -17.81
N TYR A 2 1.59 -6.42 -16.65
CA TYR A 2 1.02 -7.74 -16.44
C TYR A 2 -0.43 -7.79 -16.91
N THR A 3 -0.96 -9.01 -17.06
CA THR A 3 -2.30 -9.21 -17.59
C THR A 3 -3.30 -9.53 -16.48
N ALA A 4 -4.52 -9.88 -16.89
CA ALA A 4 -5.62 -10.15 -15.97
C ALA A 4 -5.30 -11.24 -14.96
N GLU A 5 -4.53 -12.23 -15.37
CA GLU A 5 -4.15 -13.32 -14.46
C GLU A 5 -3.35 -12.81 -13.28
N GLN A 6 -2.49 -11.81 -13.51
CA GLN A 6 -1.73 -11.21 -12.43
C GLN A 6 -2.66 -10.39 -11.54
N LYS A 7 -3.65 -9.76 -12.17
CA LYS A 7 -4.67 -9.00 -11.46
C LYS A 7 -5.42 -9.90 -10.48
N ALA A 8 -5.58 -11.17 -10.84
CA ALA A 8 -6.31 -12.13 -10.01
C ALA A 8 -5.72 -12.25 -8.61
N ARG A 9 -4.39 -12.17 -8.52
CA ARG A 9 -3.71 -12.21 -7.23
C ARG A 9 -4.14 -11.03 -6.37
N ILE A 10 -4.21 -9.86 -7.01
CA ILE A 10 -4.67 -8.64 -6.36
C ILE A 10 -6.15 -8.77 -5.97
N LYS A 11 -6.92 -9.33 -6.90
CA LYS A 11 -8.36 -9.53 -6.73
C LYS A 11 -8.68 -10.32 -5.45
N TRP A 12 -7.82 -11.28 -5.13
CA TRP A 12 -8.01 -12.12 -3.94
C TRP A 12 -7.89 -11.32 -2.64
N ALA A 13 -7.16 -10.22 -2.67
CA ALA A 13 -6.94 -9.42 -1.47
C ALA A 13 -7.83 -8.19 -1.44
N CYS A 14 -7.84 -7.44 -2.54
CA CYS A 14 -8.60 -6.20 -2.65
C CYS A 14 -10.11 -6.43 -2.53
N ARG A 15 -10.56 -7.66 -2.84
CA ARG A 15 -11.98 -8.02 -2.73
C ARG A 15 -12.52 -7.66 -1.35
N ARG A 16 -11.68 -7.77 -0.33
CA ARG A 16 -12.05 -7.33 1.01
C ARG A 16 -11.42 -5.97 1.27
N GLY A 17 -10.12 -5.87 0.97
CA GLY A 17 -9.43 -4.60 1.06
C GLY A 17 -8.87 -4.31 2.44
N MET A 18 -9.53 -4.85 3.47
CA MET A 18 -9.17 -4.54 4.86
C MET A 18 -9.45 -3.07 5.14
N LEU A 19 -10.57 -2.80 5.80
CA LEU A 19 -11.11 -1.44 5.92
C LEU A 19 -10.11 -0.44 6.49
N GLU A 20 -9.21 -0.91 7.35
CA GLU A 20 -8.21 -0.05 7.94
C GLU A 20 -7.19 0.42 6.89
N LEU A 21 -7.11 -0.31 5.79
CA LEU A 21 -6.12 -0.04 4.75
C LEU A 21 -6.78 0.26 3.40
N ASP A 22 -7.95 -0.32 3.17
CA ASP A 22 -8.68 -0.20 1.90
C ASP A 22 -8.88 1.25 1.49
N VAL A 23 -9.26 2.09 2.44
CA VAL A 23 -9.56 3.50 2.17
C VAL A 23 -8.31 4.27 1.76
N VAL A 24 -7.14 3.68 1.96
CA VAL A 24 -5.89 4.33 1.60
C VAL A 24 -5.28 3.66 0.36
N ILE A 25 -5.26 2.34 0.36
CA ILE A 25 -4.61 1.57 -0.71
C ILE A 25 -5.35 1.72 -2.05
N MET A 26 -6.68 1.59 -2.03
CA MET A 26 -7.47 1.58 -3.27
C MET A 26 -7.25 2.86 -4.10
N PRO A 27 -7.45 4.07 -3.52
CA PRO A 27 -7.26 5.32 -4.26
C PRO A 27 -5.80 5.51 -4.69
N PHE A 28 -4.87 5.10 -3.82
CA PHE A 28 -3.45 5.20 -4.13
C PHE A 28 -3.11 4.39 -5.36
N PHE A 29 -3.59 3.16 -5.41
CA PHE A 29 -3.31 2.27 -6.52
C PHE A 29 -3.81 2.88 -7.84
N GLU A 30 -5.05 3.35 -7.84
CA GLU A 30 -5.66 3.91 -9.04
C GLU A 30 -4.86 5.09 -9.57
N GLU A 31 -4.49 5.97 -8.66
CA GLU A 31 -3.77 7.18 -9.03
C GLU A 31 -2.32 6.89 -9.42
N CYS A 32 -1.62 6.17 -8.56
CA CYS A 32 -0.17 6.04 -8.68
C CYS A 32 0.23 4.95 -9.69
N PHE A 33 -0.67 4.03 -10.00
CA PHE A 33 -0.38 2.92 -10.91
C PHE A 33 0.25 3.40 -12.22
N ASP A 34 -0.25 4.54 -12.71
CA ASP A 34 0.23 5.12 -13.97
C ASP A 34 1.70 5.57 -13.85
N SER A 35 2.13 5.81 -12.62
CA SER A 35 3.48 6.30 -12.36
C SER A 35 4.33 5.27 -11.62
N LEU A 36 3.75 4.10 -11.36
CA LEU A 36 4.47 3.04 -10.66
C LEU A 36 5.21 2.15 -11.65
N THR A 37 6.46 1.84 -11.33
CA THR A 37 7.25 0.95 -12.15
C THR A 37 6.86 -0.50 -11.86
N GLU A 38 7.18 -1.40 -12.78
CA GLU A 38 6.76 -2.79 -12.64
C GLU A 38 7.38 -3.47 -11.43
N SER A 39 8.61 -3.10 -11.09
CA SER A 39 9.22 -3.55 -9.86
C SER A 39 8.36 -3.17 -8.65
N GLU A 40 7.91 -1.92 -8.62
CA GLU A 40 7.03 -1.44 -7.57
C GLU A 40 5.72 -2.20 -7.59
N GLN A 41 5.25 -2.49 -8.81
CA GLN A 41 4.01 -3.23 -9.01
C GLN A 41 4.15 -4.67 -8.49
N ASP A 42 5.31 -5.27 -8.70
CA ASP A 42 5.56 -6.64 -8.26
C ASP A 42 5.58 -6.71 -6.74
N ASP A 43 6.25 -5.76 -6.11
CA ASP A 43 6.28 -5.68 -4.65
C ASP A 43 4.87 -5.50 -4.10
N PHE A 44 4.06 -4.75 -4.81
CA PHE A 44 2.67 -4.53 -4.42
C PHE A 44 1.89 -5.86 -4.42
N VAL A 45 2.10 -6.66 -5.46
CA VAL A 45 1.45 -7.96 -5.56
C VAL A 45 1.95 -8.89 -4.46
N ALA A 46 3.26 -8.96 -4.30
CA ALA A 46 3.87 -9.79 -3.27
C ALA A 46 3.38 -9.38 -1.87
N LEU A 47 3.23 -8.07 -1.68
CA LEU A 47 2.70 -7.52 -0.44
C LEU A 47 1.36 -8.13 -0.08
N LEU A 48 0.44 -8.13 -1.04
CA LEU A 48 -0.93 -8.53 -0.77
C LEU A 48 -1.04 -10.02 -0.43
N GLU A 49 -0.10 -10.82 -0.93
CA GLU A 49 -0.10 -12.25 -0.66
C GLU A 49 0.50 -12.55 0.71
N SER A 50 1.16 -11.56 1.30
CA SER A 50 1.91 -11.77 2.53
C SER A 50 1.15 -11.25 3.75
N ASP A 51 1.38 -11.87 4.90
CA ASP A 51 0.86 -11.39 6.16
C ASP A 51 1.91 -10.52 6.82
N ASP A 52 1.71 -9.21 6.77
CA ASP A 52 2.75 -8.27 7.18
C ASP A 52 2.27 -7.29 8.24
N PRO A 53 2.32 -7.69 9.52
CA PRO A 53 1.99 -6.81 10.63
C PRO A 53 3.11 -5.81 10.91
N ASP A 54 4.36 -6.26 10.72
CA ASP A 54 5.52 -5.40 10.90
C ASP A 54 5.57 -4.35 9.78
N LEU A 55 5.09 -4.75 8.62
CA LEU A 55 4.97 -3.84 7.48
C LEU A 55 3.88 -2.80 7.74
N PHE A 56 2.81 -3.21 8.40
CA PHE A 56 1.75 -2.30 8.83
C PHE A 56 2.34 -1.21 9.71
N ALA A 57 3.39 -1.56 10.45
CA ALA A 57 4.10 -0.59 11.28
C ALA A 57 4.80 0.47 10.44
N TRP A 58 5.07 0.17 9.17
CA TRP A 58 5.63 1.15 8.26
C TRP A 58 4.54 2.10 7.78
N VAL A 59 3.33 1.58 7.68
CA VAL A 59 2.16 2.40 7.32
C VAL A 59 1.98 3.54 8.33
N MET A 60 2.30 3.26 9.59
CA MET A 60 2.23 4.28 10.64
C MET A 60 3.61 4.89 10.88
N GLY A 61 4.64 4.29 10.27
CA GLY A 61 5.98 4.85 10.31
C GLY A 61 6.72 4.63 11.62
N HIS A 62 6.50 3.48 12.25
CA HIS A 62 7.12 3.18 13.53
C HIS A 62 7.68 1.76 13.58
N GLY A 63 7.89 1.16 12.42
CA GLY A 63 8.35 -0.22 12.39
C GLY A 63 9.56 -0.42 11.50
N ARG A 64 10.01 -1.66 11.41
CA ARG A 64 11.13 -2.03 10.55
C ARG A 64 10.85 -3.34 9.85
N CYS A 65 11.37 -3.48 8.64
CA CYS A 65 11.14 -4.66 7.82
C CYS A 65 12.45 -5.13 7.20
N GLU A 66 12.48 -6.39 6.78
CA GLU A 66 13.71 -6.99 6.28
C GLU A 66 14.00 -6.55 4.84
N ASN A 67 12.97 -6.40 4.04
CA ASN A 67 13.16 -5.95 2.67
C ASN A 67 12.60 -4.55 2.47
N LEU A 68 13.49 -3.61 2.21
CA LEU A 68 13.12 -2.21 2.07
C LEU A 68 12.36 -1.95 0.78
N GLY A 69 12.38 -2.92 -0.13
CA GLY A 69 11.58 -2.84 -1.33
C GLY A 69 10.11 -2.67 -1.01
N LEU A 70 9.62 -3.49 -0.08
CA LEU A 70 8.24 -3.39 0.37
C LEU A 70 8.02 -2.08 1.13
N ALA A 71 9.02 -1.72 1.92
CA ALA A 71 8.96 -0.51 2.73
C ALA A 71 8.85 0.73 1.83
N ALA A 72 9.57 0.73 0.72
CA ALA A 72 9.53 1.85 -0.22
C ALA A 72 8.14 2.06 -0.78
N MET A 73 7.48 0.97 -1.16
CA MET A 73 6.12 1.04 -1.66
C MET A 73 5.17 1.62 -0.61
N VAL A 74 5.29 1.11 0.61
CA VAL A 74 4.45 1.56 1.71
C VAL A 74 4.73 3.02 2.06
N ASP A 75 6.00 3.39 2.04
CA ASP A 75 6.41 4.77 2.33
C ASP A 75 5.70 5.75 1.40
N LYS A 76 5.60 5.38 0.12
CA LYS A 76 4.91 6.20 -0.86
C LYS A 76 3.41 6.22 -0.58
N ILE A 77 2.87 5.10 -0.09
CA ILE A 77 1.47 5.03 0.30
C ILE A 77 1.21 5.95 1.48
N VAL A 78 2.12 5.94 2.46
CA VAL A 78 2.01 6.80 3.63
C VAL A 78 2.00 8.26 3.23
N ALA A 79 2.85 8.62 2.28
CA ALA A 79 2.91 9.98 1.75
C ALA A 79 1.55 10.39 1.19
N HIS A 80 0.86 9.45 0.55
CA HIS A 80 -0.46 9.71 -0.01
C HIS A 80 -1.51 9.84 1.10
N ASN A 81 -1.35 9.03 2.13
CA ASN A 81 -2.26 9.05 3.28
C ASN A 81 -2.12 10.35 4.05
N LEU A 82 -0.90 10.88 4.10
CA LEU A 82 -0.62 12.14 4.77
C LEU A 82 -1.53 13.23 4.21
N SER A 83 -1.75 13.19 2.91
CA SER A 83 -2.65 14.14 2.25
C SER A 83 -4.07 13.99 2.76
N LYS A 84 -4.52 12.75 2.93
CA LYS A 84 -5.85 12.47 3.45
C LYS A 84 -5.99 13.00 4.89
N VAL A 85 -4.90 12.95 5.63
CA VAL A 85 -4.89 13.41 7.02
C VAL A 85 -4.89 14.95 7.08
N ARG A 86 -4.24 15.57 6.10
CA ARG A 86 -4.20 17.02 6.04
C ARG A 86 -5.46 17.57 5.37
N LEU A 87 -6.26 16.66 4.84
CA LEU A 87 -7.55 17.02 4.29
C LEU A 87 -8.63 17.09 5.37
N GLU A 88 -9.12 15.93 5.81
CA GLU A 88 -10.23 15.88 6.75
C GLU A 88 -9.78 15.42 8.13
N HIS A 89 -9.75 16.35 9.08
CA HIS A 89 -9.41 16.06 10.48
C HIS A 89 -7.96 15.61 10.62
N HIS A 90 -7.16 16.46 11.24
CA HIS A 90 -5.72 16.22 11.33
C HIS A 90 -5.40 15.42 12.58
N HIS A 91 -5.22 14.11 12.40
CA HIS A 91 -4.86 13.23 13.52
C HIS A 91 -3.44 12.72 13.32
N HIS A 92 -2.51 13.26 14.10
CA HIS A 92 -1.12 12.85 14.00
C HIS A 92 -0.59 12.47 15.38
N HIS A 93 -1.48 12.52 16.38
CA HIS A 93 -1.12 12.28 17.77
C HIS A 93 -0.09 13.31 18.22
N HIS A 94 -0.57 14.49 18.57
CA HIS A 94 0.30 15.59 18.96
C HIS A 94 -0.13 16.12 20.32
N MET A 1 3.29 -5.22 -18.68
CA MET A 1 3.09 -6.65 -19.02
C MET A 1 2.11 -7.28 -18.03
N TYR A 2 2.15 -6.83 -16.79
CA TYR A 2 1.15 -7.22 -15.80
C TYR A 2 -0.20 -6.61 -16.15
N THR A 3 -1.02 -7.40 -16.81
CA THR A 3 -2.29 -6.94 -17.35
C THR A 3 -3.46 -7.42 -16.51
N ALA A 4 -4.67 -7.39 -17.09
CA ALA A 4 -5.90 -7.73 -16.38
C ALA A 4 -5.85 -9.10 -15.72
N GLU A 5 -5.26 -10.08 -16.38
CA GLU A 5 -5.13 -11.42 -15.81
C GLU A 5 -4.32 -11.36 -14.53
N GLN A 6 -3.21 -10.64 -14.58
CA GLN A 6 -2.33 -10.48 -13.44
C GLN A 6 -2.98 -9.63 -12.35
N LYS A 7 -3.80 -8.68 -12.76
CA LYS A 7 -4.56 -7.87 -11.81
C LYS A 7 -5.55 -8.74 -11.04
N ALA A 8 -6.08 -9.77 -11.70
CA ALA A 8 -6.95 -10.74 -11.04
C ALA A 8 -6.19 -11.48 -9.94
N ARG A 9 -4.92 -11.76 -10.20
CA ARG A 9 -4.05 -12.41 -9.22
C ARG A 9 -3.90 -11.49 -8.00
N ILE A 10 -3.79 -10.20 -8.28
CA ILE A 10 -3.70 -9.18 -7.24
C ILE A 10 -4.99 -9.14 -6.42
N LYS A 11 -6.12 -9.23 -7.11
CA LYS A 11 -7.43 -9.22 -6.47
C LYS A 11 -7.53 -10.34 -5.42
N TRP A 12 -6.93 -11.49 -5.71
CA TRP A 12 -6.91 -12.61 -4.76
C TRP A 12 -6.12 -12.24 -3.51
N ALA A 13 -5.03 -11.49 -3.69
CA ALA A 13 -4.20 -11.06 -2.58
C ALA A 13 -4.92 -10.01 -1.75
N CYS A 14 -5.64 -9.12 -2.42
CA CYS A 14 -6.41 -8.09 -1.74
C CYS A 14 -7.56 -8.72 -0.97
N ARG A 15 -8.22 -9.69 -1.60
CA ARG A 15 -9.33 -10.39 -0.96
C ARG A 15 -8.81 -11.54 -0.09
N ARG A 16 -7.62 -11.35 0.46
CA ARG A 16 -7.04 -12.31 1.39
C ARG A 16 -7.93 -12.45 2.63
N GLY A 17 -8.43 -11.31 3.09
CA GLY A 17 -9.22 -11.29 4.31
C GLY A 17 -9.20 -9.92 4.95
N MET A 18 -8.11 -9.20 4.74
CA MET A 18 -7.97 -7.84 5.25
C MET A 18 -8.77 -6.88 4.35
N LEU A 19 -10.10 -7.01 4.41
CA LEU A 19 -10.98 -6.23 3.58
C LEU A 19 -10.91 -4.74 3.92
N GLU A 20 -10.47 -4.45 5.14
CA GLU A 20 -10.27 -3.07 5.58
C GLU A 20 -9.31 -2.35 4.64
N LEU A 21 -8.34 -3.09 4.11
CA LEU A 21 -7.38 -2.52 3.18
C LEU A 21 -7.81 -2.77 1.74
N ASP A 22 -8.48 -3.90 1.51
CA ASP A 22 -8.97 -4.28 0.17
C ASP A 22 -9.70 -3.13 -0.50
N VAL A 23 -10.57 -2.47 0.25
CA VAL A 23 -11.41 -1.40 -0.28
C VAL A 23 -10.64 -0.08 -0.48
N VAL A 24 -9.42 0.01 0.05
CA VAL A 24 -8.65 1.24 -0.05
C VAL A 24 -7.37 1.07 -0.86
N ILE A 25 -6.91 -0.17 -1.04
CA ILE A 25 -5.69 -0.42 -1.79
C ILE A 25 -5.89 -0.15 -3.28
N MET A 26 -7.06 -0.54 -3.80
CA MET A 26 -7.34 -0.45 -5.24
C MET A 26 -7.13 0.96 -5.80
N PRO A 27 -7.76 2.01 -5.23
CA PRO A 27 -7.60 3.39 -5.74
C PRO A 27 -6.16 3.87 -5.68
N PHE A 28 -5.48 3.59 -4.57
CA PHE A 28 -4.09 3.99 -4.39
C PHE A 28 -3.18 3.26 -5.36
N PHE A 29 -3.47 1.97 -5.56
CA PHE A 29 -2.70 1.17 -6.50
C PHE A 29 -2.77 1.78 -7.90
N GLU A 30 -3.98 2.12 -8.34
CA GLU A 30 -4.20 2.65 -9.68
C GLU A 30 -3.43 3.94 -9.90
N GLU A 31 -3.48 4.84 -8.93
CA GLU A 31 -2.78 6.13 -9.08
C GLU A 31 -1.26 5.97 -8.92
N CYS A 32 -0.83 5.23 -7.91
CA CYS A 32 0.59 5.10 -7.61
C CYS A 32 1.30 4.25 -8.67
N PHE A 33 0.59 3.26 -9.22
CA PHE A 33 1.13 2.41 -10.27
C PHE A 33 1.63 3.23 -11.46
N ASP A 34 0.94 4.34 -11.72
CA ASP A 34 1.32 5.24 -12.82
C ASP A 34 2.76 5.73 -12.64
N SER A 35 3.24 5.75 -11.41
CA SER A 35 4.61 6.15 -11.12
C SER A 35 5.47 4.96 -10.67
N LEU A 36 4.81 3.90 -10.20
CA LEU A 36 5.50 2.69 -9.75
C LEU A 36 5.55 1.66 -10.87
N THR A 37 6.74 1.30 -11.29
CA THR A 37 6.90 0.41 -12.42
C THR A 37 6.68 -1.05 -12.00
N GLU A 38 6.69 -1.95 -12.98
CA GLU A 38 6.37 -3.36 -12.74
C GLU A 38 7.38 -4.02 -11.79
N SER A 39 8.64 -3.63 -11.90
CA SER A 39 9.66 -4.09 -10.98
C SER A 39 9.29 -3.73 -9.54
N GLU A 40 8.73 -2.54 -9.38
CA GLU A 40 8.27 -2.07 -8.08
C GLU A 40 7.02 -2.84 -7.66
N GLN A 41 6.09 -2.99 -8.61
CA GLN A 41 4.87 -3.70 -8.42
C GLN A 41 5.12 -5.15 -7.98
N ASP A 42 6.09 -5.78 -8.61
CA ASP A 42 6.43 -7.18 -8.35
C ASP A 42 6.77 -7.41 -6.89
N ASP A 43 7.51 -6.49 -6.30
CA ASP A 43 7.89 -6.58 -4.91
C ASP A 43 6.67 -6.39 -4.01
N PHE A 44 5.83 -5.43 -4.41
CA PHE A 44 4.60 -5.11 -3.67
C PHE A 44 3.63 -6.29 -3.69
N VAL A 45 3.43 -6.90 -4.86
CA VAL A 45 2.55 -8.04 -4.99
C VAL A 45 3.04 -9.20 -4.13
N ALA A 46 4.36 -9.42 -4.16
CA ALA A 46 4.98 -10.46 -3.35
C ALA A 46 4.65 -10.29 -1.86
N LEU A 47 4.55 -9.03 -1.42
CA LEU A 47 4.18 -8.74 -0.04
C LEU A 47 2.74 -9.13 0.25
N LEU A 48 1.85 -8.79 -0.68
CA LEU A 48 0.41 -9.01 -0.50
C LEU A 48 0.06 -10.49 -0.41
N GLU A 49 0.93 -11.34 -0.93
CA GLU A 49 0.72 -12.78 -0.86
C GLU A 49 0.92 -13.30 0.57
N SER A 50 1.60 -12.49 1.38
CA SER A 50 1.84 -12.82 2.77
C SER A 50 1.02 -11.92 3.69
N ASP A 51 1.39 -11.88 4.96
CA ASP A 51 0.77 -10.96 5.91
C ASP A 51 1.19 -9.53 5.62
N ASP A 52 0.47 -8.59 6.20
CA ASP A 52 0.69 -7.18 5.93
C ASP A 52 1.03 -6.38 7.20
N PRO A 53 2.03 -6.80 8.00
CA PRO A 53 2.40 -6.07 9.21
C PRO A 53 3.25 -4.85 8.87
N ASP A 54 4.08 -5.00 7.84
CA ASP A 54 4.91 -3.92 7.35
C ASP A 54 4.04 -2.77 6.86
N LEU A 55 3.03 -3.13 6.09
CA LEU A 55 2.10 -2.17 5.52
C LEU A 55 1.30 -1.51 6.65
N PHE A 56 0.75 -2.33 7.51
CA PHE A 56 -0.08 -1.87 8.62
C PHE A 56 0.67 -0.91 9.54
N ALA A 57 1.88 -1.29 9.92
CA ALA A 57 2.67 -0.52 10.88
C ALA A 57 3.18 0.79 10.29
N TRP A 58 3.51 0.79 9.01
CA TRP A 58 4.11 1.98 8.41
C TRP A 58 3.07 3.01 7.98
N VAL A 59 1.86 2.54 7.66
CA VAL A 59 0.75 3.46 7.37
C VAL A 59 0.42 4.32 8.58
N MET A 60 0.43 3.71 9.77
CA MET A 60 0.21 4.45 10.99
C MET A 60 1.52 5.09 11.47
N GLY A 61 2.63 4.56 10.99
CA GLY A 61 3.93 5.15 11.27
C GLY A 61 4.51 4.71 12.59
N HIS A 62 4.57 3.41 12.82
CA HIS A 62 5.10 2.87 14.07
C HIS A 62 5.43 1.40 13.91
N GLY A 63 6.67 1.09 13.52
CA GLY A 63 7.09 -0.29 13.37
C GLY A 63 8.31 -0.42 12.48
N ARG A 64 8.82 -1.64 12.34
CA ARG A 64 9.99 -1.89 11.52
C ARG A 64 9.60 -2.60 10.24
N CYS A 65 10.54 -2.66 9.31
CA CYS A 65 10.35 -3.38 8.06
C CYS A 65 11.71 -3.77 7.50
N GLU A 66 11.77 -4.93 6.88
CA GLU A 66 13.01 -5.44 6.34
C GLU A 66 13.28 -4.86 4.96
N ASN A 67 12.21 -4.72 4.18
CA ASN A 67 12.31 -4.20 2.82
C ASN A 67 11.88 -2.74 2.78
N LEU A 68 12.85 -1.86 2.65
CA LEU A 68 12.58 -0.42 2.62
C LEU A 68 11.98 -0.02 1.28
N GLY A 69 12.18 -0.85 0.26
CA GLY A 69 11.55 -0.62 -1.02
C GLY A 69 10.04 -0.66 -0.92
N LEU A 70 9.53 -1.63 -0.16
CA LEU A 70 8.11 -1.70 0.15
C LEU A 70 7.67 -0.49 0.94
N ALA A 71 8.45 -0.16 1.98
CA ALA A 71 8.15 0.99 2.83
C ALA A 71 8.12 2.28 2.01
N ALA A 72 8.92 2.33 0.95
CA ALA A 72 8.97 3.49 0.08
C ALA A 72 7.63 3.75 -0.59
N MET A 73 6.99 2.69 -1.10
CA MET A 73 5.70 2.84 -1.76
C MET A 73 4.61 3.07 -0.73
N VAL A 74 4.79 2.54 0.48
CA VAL A 74 3.84 2.75 1.57
C VAL A 74 3.86 4.22 1.99
N ASP A 75 5.07 4.80 2.05
CA ASP A 75 5.25 6.21 2.37
C ASP A 75 4.43 7.10 1.44
N LYS A 76 4.37 6.71 0.18
CA LYS A 76 3.62 7.44 -0.83
C LYS A 76 2.12 7.39 -0.53
N ILE A 77 1.68 6.26 0.02
CA ILE A 77 0.30 6.12 0.47
C ILE A 77 0.08 6.95 1.73
N VAL A 78 1.06 6.90 2.63
CA VAL A 78 1.01 7.65 3.88
C VAL A 78 0.89 9.15 3.62
N ALA A 79 1.51 9.61 2.53
CA ALA A 79 1.44 11.01 2.15
C ALA A 79 -0.01 11.46 1.99
N HIS A 80 -0.82 10.62 1.35
CA HIS A 80 -2.23 10.90 1.18
C HIS A 80 -2.95 10.91 2.53
N ASN A 81 -2.62 9.94 3.36
CA ASN A 81 -3.23 9.80 4.68
C ASN A 81 -2.89 11.01 5.54
N LEU A 82 -1.63 11.42 5.50
CA LEU A 82 -1.16 12.58 6.24
C LEU A 82 -1.88 13.84 5.74
N SER A 83 -2.07 13.92 4.42
CA SER A 83 -2.78 15.05 3.84
C SER A 83 -4.23 15.05 4.32
N LYS A 84 -4.82 13.87 4.45
CA LYS A 84 -6.16 13.75 5.01
C LYS A 84 -6.19 14.33 6.42
N VAL A 85 -5.15 14.05 7.19
CA VAL A 85 -5.05 14.51 8.56
C VAL A 85 -4.96 16.03 8.62
N ARG A 86 -4.14 16.60 7.74
CA ARG A 86 -3.95 18.06 7.71
C ARG A 86 -5.17 18.75 7.07
N LEU A 87 -5.89 18.00 6.24
CA LEU A 87 -7.08 18.52 5.59
C LEU A 87 -8.25 18.56 6.57
N GLU A 88 -8.42 17.47 7.31
CA GLU A 88 -9.45 17.41 8.35
C GLU A 88 -9.06 18.32 9.51
N HIS A 89 -7.77 18.60 9.62
CA HIS A 89 -7.28 19.69 10.46
C HIS A 89 -7.59 19.44 11.93
N HIS A 90 -7.41 18.20 12.38
CA HIS A 90 -7.78 17.81 13.73
C HIS A 90 -6.59 17.88 14.69
N HIS A 91 -6.00 19.08 14.79
CA HIS A 91 -5.01 19.41 15.83
C HIS A 91 -3.69 18.64 15.74
N HIS A 92 -3.50 17.84 14.70
CA HIS A 92 -2.26 17.07 14.58
C HIS A 92 -1.18 17.91 13.90
N HIS A 93 -0.33 18.52 14.71
CA HIS A 93 0.81 19.28 14.21
C HIS A 93 2.07 18.46 14.34
N HIS A 94 2.25 17.88 15.52
CA HIS A 94 3.45 17.12 15.84
C HIS A 94 3.10 15.66 16.06
N MET A 1 6.33 -7.14 -18.08
CA MET A 1 4.98 -7.51 -18.54
C MET A 1 4.05 -7.86 -17.39
N TYR A 2 3.11 -6.97 -17.10
CA TYR A 2 2.09 -7.23 -16.11
C TYR A 2 0.72 -7.07 -16.75
N THR A 3 -0.07 -8.11 -16.68
CA THR A 3 -1.33 -8.16 -17.42
C THR A 3 -2.53 -8.45 -16.52
N ALA A 4 -3.69 -8.71 -17.13
CA ALA A 4 -4.95 -8.89 -16.41
C ALA A 4 -4.88 -10.01 -15.37
N GLU A 5 -4.17 -11.09 -15.69
CA GLU A 5 -4.06 -12.22 -14.77
C GLU A 5 -3.40 -11.78 -13.46
N GLN A 6 -2.34 -10.99 -13.59
CA GLN A 6 -1.64 -10.46 -12.43
C GLN A 6 -2.53 -9.49 -11.67
N LYS A 7 -3.37 -8.75 -12.40
CA LYS A 7 -4.30 -7.82 -11.76
C LYS A 7 -5.32 -8.56 -10.91
N ALA A 8 -5.71 -9.75 -11.36
CA ALA A 8 -6.66 -10.57 -10.61
C ALA A 8 -6.08 -10.96 -9.26
N ARG A 9 -4.78 -11.23 -9.24
CA ARG A 9 -4.07 -11.58 -8.00
C ARG A 9 -4.14 -10.41 -7.03
N ILE A 10 -4.04 -9.20 -7.58
CA ILE A 10 -4.14 -7.98 -6.80
C ILE A 10 -5.55 -7.82 -6.22
N LYS A 11 -6.54 -8.10 -7.06
CA LYS A 11 -7.94 -8.03 -6.64
C LYS A 11 -8.22 -8.88 -5.41
N TRP A 12 -7.55 -10.02 -5.32
CA TRP A 12 -7.70 -10.90 -4.15
C TRP A 12 -7.32 -10.17 -2.86
N ALA A 13 -6.25 -9.38 -2.92
CA ALA A 13 -5.77 -8.67 -1.75
C ALA A 13 -6.71 -7.53 -1.36
N CYS A 14 -7.51 -7.10 -2.33
CA CYS A 14 -8.49 -6.04 -2.12
C CYS A 14 -9.67 -6.54 -1.29
N ARG A 15 -9.86 -7.87 -1.31
CA ARG A 15 -11.01 -8.52 -0.69
C ARG A 15 -11.19 -8.15 0.79
N ARG A 16 -12.31 -8.60 1.33
CA ARG A 16 -12.75 -8.21 2.66
C ARG A 16 -11.79 -8.70 3.73
N GLY A 17 -11.21 -7.76 4.45
CA GLY A 17 -10.30 -8.08 5.53
C GLY A 17 -10.06 -6.88 6.43
N MET A 18 -9.75 -5.75 5.81
CA MET A 18 -9.48 -4.53 6.55
C MET A 18 -10.00 -3.32 5.76
N LEU A 19 -11.21 -2.89 6.08
CA LEU A 19 -11.84 -1.78 5.38
C LEU A 19 -11.10 -0.47 5.65
N GLU A 20 -10.44 -0.42 6.79
CA GLU A 20 -9.64 0.74 7.17
C GLU A 20 -8.49 0.96 6.20
N LEU A 21 -7.98 -0.13 5.63
CA LEU A 21 -6.87 -0.03 4.69
C LEU A 21 -7.38 0.08 3.25
N ASP A 22 -8.63 -0.31 3.04
CA ASP A 22 -9.25 -0.28 1.71
C ASP A 22 -9.17 1.12 1.08
N VAL A 23 -9.50 2.12 1.87
CA VAL A 23 -9.55 3.49 1.39
C VAL A 23 -8.16 4.13 1.35
N VAL A 24 -7.18 3.48 1.94
CA VAL A 24 -5.83 4.01 2.00
C VAL A 24 -4.95 3.37 0.91
N ILE A 25 -5.04 2.05 0.80
CA ILE A 25 -4.18 1.30 -0.11
C ILE A 25 -4.74 1.28 -1.52
N MET A 26 -6.01 0.89 -1.67
CA MET A 26 -6.60 0.69 -3.00
C MET A 26 -6.51 1.95 -3.88
N PRO A 27 -7.01 3.12 -3.41
CA PRO A 27 -6.94 4.35 -4.20
C PRO A 27 -5.51 4.75 -4.52
N PHE A 28 -4.61 4.52 -3.57
CA PHE A 28 -3.19 4.81 -3.78
C PHE A 28 -2.63 3.90 -4.85
N PHE A 29 -3.00 2.64 -4.81
CA PHE A 29 -2.56 1.66 -5.79
C PHE A 29 -2.97 2.11 -7.18
N GLU A 30 -4.23 2.50 -7.34
CA GLU A 30 -4.73 2.94 -8.63
C GLU A 30 -4.00 4.18 -9.12
N GLU A 31 -3.64 5.04 -8.17
CA GLU A 31 -2.86 6.25 -8.47
C GLU A 31 -1.44 5.90 -8.91
N CYS A 32 -0.76 5.10 -8.10
CA CYS A 32 0.67 4.87 -8.26
C CYS A 32 0.97 3.81 -9.31
N PHE A 33 0.02 2.89 -9.52
CA PHE A 33 0.17 1.81 -10.49
C PHE A 33 0.53 2.35 -11.87
N ASP A 34 -0.03 3.51 -12.20
CA ASP A 34 0.23 4.17 -13.48
C ASP A 34 1.71 4.53 -13.65
N SER A 35 2.36 4.87 -12.55
CA SER A 35 3.76 5.28 -12.57
C SER A 35 4.69 4.08 -12.44
N LEU A 36 4.32 3.16 -11.55
CA LEU A 36 5.15 2.00 -11.26
C LEU A 36 5.31 1.10 -12.47
N THR A 37 6.53 0.63 -12.71
CA THR A 37 6.78 -0.39 -13.70
C THR A 37 6.48 -1.75 -13.11
N GLU A 38 6.34 -2.77 -13.94
CA GLU A 38 5.95 -4.11 -13.50
C GLU A 38 6.80 -4.61 -12.34
N SER A 39 8.10 -4.36 -12.40
CA SER A 39 8.99 -4.74 -11.32
C SER A 39 8.62 -4.06 -10.00
N GLU A 40 8.34 -2.76 -10.06
CA GLU A 40 7.91 -2.01 -8.88
C GLU A 40 6.55 -2.51 -8.42
N GLN A 41 5.70 -2.78 -9.41
CA GLN A 41 4.36 -3.29 -9.16
C GLN A 41 4.42 -4.65 -8.48
N ASP A 42 5.30 -5.50 -8.96
CA ASP A 42 5.41 -6.88 -8.49
C ASP A 42 5.81 -6.96 -7.04
N ASP A 43 6.80 -6.16 -6.64
CA ASP A 43 7.22 -6.09 -5.24
C ASP A 43 6.06 -5.64 -4.35
N PHE A 44 5.29 -4.68 -4.85
CA PHE A 44 4.14 -4.18 -4.12
C PHE A 44 3.06 -5.25 -4.04
N VAL A 45 2.84 -5.98 -5.13
CA VAL A 45 1.87 -7.06 -5.16
C VAL A 45 2.28 -8.18 -4.20
N ALA A 46 3.58 -8.47 -4.15
CA ALA A 46 4.11 -9.46 -3.22
C ALA A 46 3.76 -9.09 -1.78
N LEU A 47 3.77 -7.79 -1.49
CA LEU A 47 3.36 -7.29 -0.20
C LEU A 47 1.87 -7.52 0.04
N LEU A 48 1.08 -7.33 -1.02
CA LEU A 48 -0.37 -7.40 -0.93
C LEU A 48 -0.87 -8.84 -0.71
N GLU A 49 -0.22 -9.80 -1.35
CA GLU A 49 -0.63 -11.20 -1.23
C GLU A 49 -0.06 -11.84 0.03
N SER A 50 0.93 -11.17 0.63
CA SER A 50 1.51 -11.63 1.87
C SER A 50 0.65 -11.14 3.05
N ASP A 51 1.15 -11.31 4.27
CA ASP A 51 0.47 -10.80 5.44
C ASP A 51 0.85 -9.34 5.63
N ASP A 52 0.13 -8.63 6.49
CA ASP A 52 0.35 -7.20 6.65
C ASP A 52 0.77 -6.80 8.08
N PRO A 53 1.81 -7.43 8.67
CA PRO A 53 2.28 -7.04 9.98
C PRO A 53 3.29 -5.90 9.91
N ASP A 54 4.34 -6.13 9.12
CA ASP A 54 5.36 -5.12 8.87
C ASP A 54 4.79 -3.99 8.01
N LEU A 55 3.88 -4.35 7.12
CA LEU A 55 3.22 -3.38 6.25
C LEU A 55 2.36 -2.45 7.10
N PHE A 56 1.53 -3.03 7.97
CA PHE A 56 0.67 -2.25 8.84
C PHE A 56 1.51 -1.36 9.77
N ALA A 57 2.67 -1.88 10.14
CA ALA A 57 3.57 -1.20 11.05
C ALA A 57 4.04 0.14 10.50
N TRP A 58 4.28 0.20 9.19
CA TRP A 58 4.72 1.45 8.58
C TRP A 58 3.55 2.40 8.37
N VAL A 59 2.37 1.82 8.12
CA VAL A 59 1.16 2.62 7.95
C VAL A 59 0.83 3.39 9.23
N MET A 60 1.01 2.73 10.37
CA MET A 60 0.77 3.37 11.66
C MET A 60 2.03 4.03 12.20
N GLY A 61 3.16 3.74 11.57
CA GLY A 61 4.42 4.32 11.99
C GLY A 61 4.87 3.76 13.32
N HIS A 62 4.58 2.48 13.53
CA HIS A 62 4.83 1.84 14.81
C HIS A 62 5.66 0.56 14.60
N GLY A 63 6.42 0.53 13.50
CA GLY A 63 7.25 -0.62 13.22
C GLY A 63 8.28 -0.34 12.15
N ARG A 64 9.10 -1.35 11.83
CA ARG A 64 10.16 -1.20 10.85
C ARG A 64 10.26 -2.46 9.98
N CYS A 65 11.08 -2.40 8.95
CA CYS A 65 11.38 -3.56 8.12
C CYS A 65 12.85 -3.53 7.72
N GLU A 66 13.32 -4.60 7.11
CA GLU A 66 14.74 -4.75 6.81
C GLU A 66 15.12 -4.08 5.48
N ASN A 67 14.22 -4.11 4.51
CA ASN A 67 14.53 -3.55 3.20
C ASN A 67 13.72 -2.29 2.92
N LEU A 68 14.43 -1.17 2.74
CA LEU A 68 13.78 0.13 2.59
C LEU A 68 13.17 0.29 1.19
N GLY A 69 13.54 -0.58 0.28
CA GLY A 69 12.94 -0.55 -1.05
C GLY A 69 11.45 -0.83 -0.98
N LEU A 70 11.09 -1.88 -0.24
CA LEU A 70 9.68 -2.18 0.00
C LEU A 70 9.07 -1.15 0.94
N ALA A 71 9.86 -0.69 1.90
CA ALA A 71 9.40 0.31 2.86
C ALA A 71 9.00 1.61 2.16
N ALA A 72 9.76 1.98 1.13
CA ALA A 72 9.50 3.20 0.36
C ALA A 72 8.10 3.16 -0.25
N MET A 73 7.68 1.97 -0.68
CA MET A 73 6.36 1.79 -1.26
C MET A 73 5.28 2.05 -0.22
N VAL A 74 5.49 1.50 0.98
CA VAL A 74 4.54 1.66 2.06
C VAL A 74 4.52 3.10 2.55
N ASP A 75 5.69 3.73 2.57
CA ASP A 75 5.81 5.14 2.97
C ASP A 75 4.97 6.02 2.06
N LYS A 76 4.98 5.71 0.77
CA LYS A 76 4.17 6.45 -0.20
C LYS A 76 2.68 6.26 0.09
N ILE A 77 2.32 5.06 0.56
CA ILE A 77 0.95 4.80 1.00
C ILE A 77 0.60 5.72 2.17
N VAL A 78 1.53 5.82 3.12
CA VAL A 78 1.35 6.66 4.29
C VAL A 78 1.20 8.12 3.89
N ALA A 79 1.99 8.56 2.91
CA ALA A 79 1.91 9.93 2.41
C ALA A 79 0.52 10.21 1.82
N HIS A 80 -0.05 9.19 1.18
CA HIS A 80 -1.40 9.30 0.63
C HIS A 80 -2.41 9.49 1.77
N ASN A 81 -2.22 8.74 2.85
CA ASN A 81 -3.09 8.86 4.02
C ASN A 81 -2.87 10.19 4.73
N LEU A 82 -1.61 10.54 4.95
CA LEU A 82 -1.26 11.76 5.64
C LEU A 82 -1.86 12.98 4.95
N SER A 83 -2.00 12.90 3.64
CA SER A 83 -2.57 14.00 2.87
C SER A 83 -4.05 14.20 3.21
N LYS A 84 -4.81 13.12 3.31
CA LYS A 84 -6.22 13.23 3.69
C LYS A 84 -6.33 13.65 5.17
N VAL A 85 -5.31 13.28 5.94
CA VAL A 85 -5.24 13.65 7.35
C VAL A 85 -4.94 15.13 7.52
N ARG A 86 -4.01 15.64 6.73
CA ARG A 86 -3.62 17.04 6.78
C ARG A 86 -4.67 17.91 6.11
N LEU A 87 -5.51 17.28 5.32
CA LEU A 87 -6.58 17.97 4.62
C LEU A 87 -7.69 18.38 5.60
N GLU A 88 -8.26 17.40 6.28
CA GLU A 88 -9.35 17.67 7.22
C GLU A 88 -9.09 17.02 8.58
N HIS A 89 -9.34 15.73 8.67
CA HIS A 89 -9.29 15.00 9.94
C HIS A 89 -7.86 14.79 10.41
N HIS A 90 -7.38 15.66 11.27
CA HIS A 90 -6.03 15.55 11.83
C HIS A 90 -6.02 14.52 12.95
N HIS A 91 -5.82 13.25 12.60
CA HIS A 91 -5.83 12.19 13.59
C HIS A 91 -4.54 11.38 13.50
N HIS A 92 -3.97 11.09 14.67
CA HIS A 92 -2.71 10.35 14.79
C HIS A 92 -1.55 11.17 14.24
N HIS A 93 -0.86 11.87 15.13
CA HIS A 93 0.33 12.61 14.75
C HIS A 93 1.56 11.77 15.09
N HIS A 94 1.60 11.24 16.31
CA HIS A 94 2.68 10.35 16.70
C HIS A 94 2.15 8.92 16.85
N MET A 1 1.63 -3.86 -19.99
CA MET A 1 2.10 -5.08 -19.28
C MET A 1 1.08 -5.58 -18.27
N TYR A 2 0.21 -4.69 -17.80
CA TYR A 2 -0.81 -5.06 -16.83
C TYR A 2 -2.17 -4.51 -17.25
N THR A 3 -3.03 -5.41 -17.70
CA THR A 3 -4.39 -5.07 -18.08
C THR A 3 -5.36 -5.27 -16.93
N ALA A 4 -6.66 -5.21 -17.23
CA ALA A 4 -7.70 -5.34 -16.22
C ALA A 4 -7.61 -6.65 -15.46
N GLU A 5 -7.28 -7.73 -16.18
CA GLU A 5 -7.18 -9.05 -15.59
C GLU A 5 -6.11 -9.08 -14.49
N GLN A 6 -4.99 -8.44 -14.77
CA GLN A 6 -3.87 -8.44 -13.85
C GLN A 6 -4.20 -7.73 -12.55
N LYS A 7 -4.81 -6.56 -12.65
CA LYS A 7 -5.20 -5.82 -11.45
C LYS A 7 -6.32 -6.55 -10.73
N ALA A 8 -7.16 -7.26 -11.49
CA ALA A 8 -8.24 -8.04 -10.91
C ALA A 8 -7.69 -9.14 -9.99
N ARG A 9 -6.64 -9.82 -10.43
CA ARG A 9 -6.01 -10.84 -9.59
C ARG A 9 -5.35 -10.21 -8.36
N ILE A 10 -4.86 -9.00 -8.53
CA ILE A 10 -4.34 -8.22 -7.41
C ILE A 10 -5.47 -7.87 -6.45
N LYS A 11 -6.61 -7.49 -7.01
CA LYS A 11 -7.83 -7.19 -6.26
C LYS A 11 -8.22 -8.35 -5.35
N TRP A 12 -8.00 -9.58 -5.82
CA TRP A 12 -8.30 -10.77 -5.03
C TRP A 12 -7.39 -10.88 -3.81
N ALA A 13 -6.23 -10.22 -3.88
CA ALA A 13 -5.26 -10.26 -2.80
C ALA A 13 -5.39 -9.00 -1.93
N CYS A 14 -6.59 -8.44 -1.89
CA CYS A 14 -6.88 -7.24 -1.10
C CYS A 14 -6.61 -7.44 0.39
N ARG A 15 -6.66 -8.70 0.85
CA ARG A 15 -6.34 -9.06 2.23
C ARG A 15 -7.46 -8.67 3.20
N ARG A 16 -7.97 -9.66 3.92
CA ARG A 16 -8.97 -9.40 4.95
C ARG A 16 -8.28 -9.23 6.30
N GLY A 17 -8.61 -8.14 6.98
CA GLY A 17 -8.04 -7.85 8.27
C GLY A 17 -8.50 -6.52 8.78
N MET A 18 -8.35 -5.50 7.95
CA MET A 18 -8.81 -4.16 8.26
C MET A 18 -9.63 -3.62 7.10
N LEU A 19 -10.90 -3.33 7.34
CA LEU A 19 -11.80 -2.87 6.29
C LEU A 19 -11.28 -1.57 5.67
N GLU A 20 -10.64 -0.76 6.51
CA GLU A 20 -10.08 0.51 6.08
C GLU A 20 -8.88 0.32 5.15
N LEU A 21 -8.10 -0.73 5.42
CA LEU A 21 -6.94 -1.04 4.58
C LEU A 21 -7.38 -1.59 3.23
N ASP A 22 -8.52 -2.29 3.25
CA ASP A 22 -9.13 -2.81 2.03
C ASP A 22 -9.51 -1.66 1.09
N VAL A 23 -9.86 -0.52 1.67
CA VAL A 23 -10.20 0.66 0.90
C VAL A 23 -8.95 1.33 0.33
N VAL A 24 -7.81 1.14 1.00
CA VAL A 24 -6.57 1.78 0.60
C VAL A 24 -6.05 1.24 -0.74
N ILE A 25 -6.01 -0.09 -0.87
CA ILE A 25 -5.41 -0.72 -2.04
C ILE A 25 -6.08 -0.29 -3.35
N MET A 26 -7.40 -0.11 -3.32
CA MET A 26 -8.19 0.11 -4.54
C MET A 26 -7.72 1.34 -5.35
N PRO A 27 -7.65 2.55 -4.74
CA PRO A 27 -7.20 3.75 -5.45
C PRO A 27 -5.68 3.94 -5.38
N PHE A 28 -5.06 3.49 -4.30
CA PHE A 28 -3.64 3.70 -4.10
C PHE A 28 -2.81 2.91 -5.11
N PHE A 29 -3.28 1.71 -5.49
CA PHE A 29 -2.59 0.94 -6.51
C PHE A 29 -2.54 1.71 -7.83
N GLU A 30 -3.69 2.25 -8.22
CA GLU A 30 -3.79 3.04 -9.44
C GLU A 30 -2.77 4.19 -9.42
N GLU A 31 -2.61 4.79 -8.26
CA GLU A 31 -1.68 5.91 -8.08
C GLU A 31 -0.22 5.45 -8.14
N CYS A 32 0.13 4.45 -7.34
CA CYS A 32 1.53 4.03 -7.21
C CYS A 32 2.02 3.29 -8.45
N PHE A 33 1.09 2.60 -9.13
CA PHE A 33 1.41 1.87 -10.36
C PHE A 33 2.13 2.78 -11.37
N ASP A 34 1.73 4.04 -11.40
CA ASP A 34 2.32 5.03 -12.29
C ASP A 34 3.82 5.23 -12.03
N SER A 35 4.25 4.97 -10.80
CA SER A 35 5.65 5.16 -10.44
C SER A 35 6.29 3.85 -9.97
N LEU A 36 5.60 2.74 -10.18
CA LEU A 36 6.14 1.43 -9.86
C LEU A 36 6.78 0.79 -11.08
N THR A 37 7.20 -0.45 -10.93
CA THR A 37 7.77 -1.23 -12.02
C THR A 37 7.37 -2.68 -11.82
N GLU A 38 7.57 -3.52 -12.83
CA GLU A 38 7.17 -4.93 -12.74
C GLU A 38 7.88 -5.61 -11.58
N SER A 39 9.16 -5.32 -11.43
CA SER A 39 9.94 -5.83 -10.31
C SER A 39 9.30 -5.44 -8.97
N GLU A 40 8.97 -4.17 -8.83
CA GLU A 40 8.35 -3.67 -7.61
C GLU A 40 6.96 -4.27 -7.43
N GLN A 41 6.28 -4.47 -8.55
CA GLN A 41 4.95 -5.06 -8.54
C GLN A 41 4.99 -6.52 -8.08
N ASP A 42 6.12 -7.18 -8.31
CA ASP A 42 6.31 -8.53 -7.81
C ASP A 42 6.40 -8.53 -6.29
N ASP A 43 7.18 -7.61 -5.76
CA ASP A 43 7.30 -7.43 -4.31
C ASP A 43 5.98 -6.99 -3.71
N PHE A 44 5.24 -6.17 -4.46
CA PHE A 44 3.93 -5.69 -4.04
C PHE A 44 2.96 -6.86 -3.86
N VAL A 45 2.89 -7.72 -4.87
CA VAL A 45 2.01 -8.88 -4.80
C VAL A 45 2.50 -9.86 -3.72
N ALA A 46 3.81 -9.99 -3.61
CA ALA A 46 4.41 -10.85 -2.58
C ALA A 46 4.01 -10.37 -1.19
N LEU A 47 4.10 -9.07 -0.98
CA LEU A 47 3.80 -8.47 0.32
C LEU A 47 2.32 -8.61 0.66
N LEU A 48 1.46 -8.51 -0.35
CA LEU A 48 0.02 -8.62 -0.15
C LEU A 48 -0.37 -10.00 0.39
N GLU A 49 0.36 -11.02 -0.04
CA GLU A 49 0.10 -12.37 0.43
C GLU A 49 0.81 -12.64 1.75
N SER A 50 1.73 -11.76 2.12
CA SER A 50 2.49 -11.91 3.35
C SER A 50 1.77 -11.20 4.50
N ASP A 51 2.27 -11.40 5.71
CA ASP A 51 1.69 -10.77 6.90
C ASP A 51 2.00 -9.28 6.91
N ASP A 52 1.18 -8.50 7.62
CA ASP A 52 1.30 -7.04 7.56
C ASP A 52 1.59 -6.37 8.92
N PRO A 53 2.63 -6.81 9.66
CA PRO A 53 3.00 -6.18 10.92
C PRO A 53 3.85 -4.94 10.71
N ASP A 54 4.97 -5.12 10.01
CA ASP A 54 5.84 -4.00 9.67
C ASP A 54 5.15 -3.12 8.64
N LEU A 55 4.34 -3.74 7.78
CA LEU A 55 3.56 -3.01 6.80
C LEU A 55 2.65 -2.00 7.49
N PHE A 56 1.92 -2.46 8.50
CA PHE A 56 1.02 -1.60 9.27
C PHE A 56 1.78 -0.45 9.91
N ALA A 57 2.99 -0.73 10.34
CA ALA A 57 3.82 0.25 11.04
C ALA A 57 4.37 1.31 10.09
N TRP A 58 4.62 0.94 8.83
CA TRP A 58 5.14 1.90 7.87
C TRP A 58 4.05 2.81 7.33
N VAL A 59 2.83 2.32 7.31
CA VAL A 59 1.69 3.12 6.86
C VAL A 59 1.44 4.28 7.81
N MET A 60 1.73 4.07 9.09
CA MET A 60 1.62 5.15 10.07
C MET A 60 2.98 5.81 10.28
N GLY A 61 4.03 5.15 9.81
CA GLY A 61 5.37 5.70 9.92
C GLY A 61 5.89 5.63 11.34
N HIS A 62 5.84 4.45 11.93
CA HIS A 62 6.25 4.26 13.31
C HIS A 62 6.95 2.90 13.47
N GLY A 63 7.42 2.35 12.35
CA GLY A 63 7.99 1.03 12.38
C GLY A 63 9.30 0.93 11.63
N ARG A 64 9.79 -0.29 11.48
CA ARG A 64 11.05 -0.55 10.80
C ARG A 64 10.94 -1.83 9.98
N CYS A 65 11.68 -1.89 8.89
CA CYS A 65 11.70 -3.07 8.04
C CYS A 65 13.13 -3.34 7.61
N GLU A 66 13.43 -4.58 7.25
CA GLU A 66 14.81 -4.98 6.96
C GLU A 66 15.30 -4.40 5.62
N ASN A 67 14.46 -4.40 4.60
CA ASN A 67 14.86 -3.89 3.31
C ASN A 67 14.03 -2.68 2.92
N LEU A 68 14.70 -1.67 2.40
CA LEU A 68 14.03 -0.46 1.95
C LEU A 68 13.33 -0.66 0.63
N GLY A 69 13.64 -1.76 -0.06
CA GLY A 69 13.00 -2.05 -1.33
C GLY A 69 11.49 -2.15 -1.21
N LEU A 70 11.04 -2.90 -0.21
CA LEU A 70 9.62 -3.02 0.07
C LEU A 70 9.07 -1.69 0.57
N ALA A 71 9.87 -1.00 1.35
CA ALA A 71 9.47 0.27 1.94
C ALA A 71 9.34 1.38 0.89
N ALA A 72 10.08 1.24 -0.20
CA ALA A 72 10.11 2.25 -1.26
C ALA A 72 8.72 2.47 -1.85
N MET A 73 8.01 1.38 -2.13
CA MET A 73 6.65 1.49 -2.67
C MET A 73 5.67 1.95 -1.59
N VAL A 74 5.96 1.62 -0.35
CA VAL A 74 5.13 2.06 0.78
C VAL A 74 5.21 3.58 0.92
N ASP A 75 6.39 4.14 0.67
CA ASP A 75 6.61 5.57 0.71
C ASP A 75 5.63 6.29 -0.21
N LYS A 76 5.42 5.72 -1.40
CA LYS A 76 4.49 6.28 -2.37
C LYS A 76 3.07 6.27 -1.80
N ILE A 77 2.75 5.20 -1.10
CA ILE A 77 1.45 5.05 -0.46
C ILE A 77 1.27 6.11 0.63
N VAL A 78 2.29 6.25 1.48
CA VAL A 78 2.25 7.23 2.56
C VAL A 78 2.13 8.65 2.01
N ALA A 79 2.82 8.92 0.90
CA ALA A 79 2.79 10.23 0.27
C ALA A 79 1.36 10.63 -0.12
N HIS A 80 0.63 9.69 -0.72
CA HIS A 80 -0.76 9.94 -1.11
C HIS A 80 -1.66 9.98 0.14
N ASN A 81 -1.35 9.14 1.11
CA ASN A 81 -2.11 9.07 2.35
C ASN A 81 -2.01 10.37 3.13
N LEU A 82 -0.80 10.92 3.22
CA LEU A 82 -0.57 12.18 3.92
C LEU A 82 -1.45 13.28 3.32
N SER A 83 -1.66 13.21 2.02
CA SER A 83 -2.47 14.21 1.33
C SER A 83 -3.92 14.18 1.81
N LYS A 84 -4.54 13.00 1.82
CA LYS A 84 -5.94 12.90 2.21
C LYS A 84 -6.12 13.21 3.70
N VAL A 85 -5.05 13.04 4.46
CA VAL A 85 -5.07 13.37 5.88
C VAL A 85 -4.91 14.88 6.09
N ARG A 86 -4.17 15.52 5.20
CA ARG A 86 -3.92 16.96 5.30
C ARG A 86 -5.12 17.75 4.76
N LEU A 87 -5.85 17.13 3.84
CA LEU A 87 -7.03 17.75 3.25
C LEU A 87 -8.15 17.84 4.28
N GLU A 88 -8.32 16.77 5.03
CA GLU A 88 -9.27 16.76 6.13
C GLU A 88 -8.57 17.19 7.41
N HIS A 89 -9.28 17.17 8.52
CA HIS A 89 -8.68 17.58 9.78
C HIS A 89 -8.12 16.40 10.56
N HIS A 90 -6.96 15.93 10.09
CA HIS A 90 -6.14 14.93 10.76
C HIS A 90 -6.92 13.69 11.21
N HIS A 91 -7.47 13.73 12.43
CA HIS A 91 -8.09 12.58 13.08
C HIS A 91 -7.02 11.58 13.52
N HIS A 92 -7.38 10.69 14.44
CA HIS A 92 -6.42 9.75 15.03
C HIS A 92 -5.37 10.53 15.82
N HIS A 93 -5.77 11.05 16.97
CA HIS A 93 -4.91 11.91 17.76
C HIS A 93 -4.22 11.14 18.87
N HIS A 94 -4.71 9.94 19.16
CA HIS A 94 -4.12 9.10 20.19
C HIS A 94 -4.15 7.64 19.76
N MET A 1 3.59 -6.67 -17.93
CA MET A 1 2.56 -5.67 -17.58
C MET A 1 1.27 -6.39 -17.19
N TYR A 2 0.35 -5.70 -16.53
CA TYR A 2 -0.89 -6.31 -16.09
C TYR A 2 -2.10 -5.57 -16.63
N THR A 3 -2.98 -6.30 -17.32
CA THR A 3 -4.21 -5.75 -17.85
C THR A 3 -5.27 -5.66 -16.77
N ALA A 4 -6.44 -5.15 -17.12
CA ALA A 4 -7.52 -4.96 -16.15
C ALA A 4 -7.89 -6.25 -15.44
N GLU A 5 -8.03 -7.32 -16.22
CA GLU A 5 -8.35 -8.62 -15.67
C GLU A 5 -7.20 -9.15 -14.82
N GLN A 6 -6.00 -8.98 -15.34
CA GLN A 6 -4.81 -9.52 -14.70
C GLN A 6 -4.48 -8.78 -13.41
N LYS A 7 -4.66 -7.45 -13.40
CA LYS A 7 -4.44 -6.66 -12.19
C LYS A 7 -5.50 -6.98 -11.15
N ALA A 8 -6.70 -7.32 -11.61
CA ALA A 8 -7.79 -7.71 -10.73
C ALA A 8 -7.41 -8.93 -9.90
N ARG A 9 -6.66 -9.85 -10.49
CA ARG A 9 -6.20 -11.04 -9.78
C ARG A 9 -5.33 -10.62 -8.60
N ILE A 10 -4.63 -9.50 -8.76
CA ILE A 10 -3.79 -8.96 -7.71
C ILE A 10 -4.65 -8.34 -6.61
N LYS A 11 -5.66 -7.58 -7.00
CA LYS A 11 -6.53 -6.92 -6.04
C LYS A 11 -7.35 -7.96 -5.25
N TRP A 12 -7.72 -9.05 -5.90
CA TRP A 12 -8.36 -10.18 -5.22
C TRP A 12 -7.43 -10.74 -4.15
N ALA A 13 -6.14 -10.81 -4.45
CA ALA A 13 -5.16 -11.41 -3.56
C ALA A 13 -4.81 -10.48 -2.40
N CYS A 14 -4.67 -9.19 -2.69
CA CYS A 14 -4.23 -8.24 -1.67
C CYS A 14 -5.29 -8.06 -0.57
N ARG A 15 -6.56 -8.26 -0.92
CA ARG A 15 -7.62 -8.08 0.04
C ARG A 15 -7.95 -9.41 0.74
N ARG A 16 -7.12 -9.74 1.71
CA ARG A 16 -7.34 -10.91 2.56
C ARG A 16 -7.01 -10.56 4.00
N GLY A 17 -7.42 -11.41 4.93
CA GLY A 17 -7.14 -11.16 6.33
C GLY A 17 -8.22 -10.33 6.99
N MET A 18 -8.39 -9.11 6.50
CA MET A 18 -9.40 -8.21 7.03
C MET A 18 -9.80 -7.17 5.99
N LEU A 19 -11.10 -6.88 5.93
CA LEU A 19 -11.65 -5.93 4.95
C LEU A 19 -11.24 -4.51 5.27
N GLU A 20 -10.84 -4.26 6.50
CA GLU A 20 -10.41 -2.93 6.93
C GLU A 20 -9.22 -2.41 6.10
N LEU A 21 -8.48 -3.32 5.47
CA LEU A 21 -7.35 -2.92 4.65
C LEU A 21 -7.78 -2.54 3.23
N ASP A 22 -9.02 -2.91 2.86
CA ASP A 22 -9.55 -2.62 1.53
C ASP A 22 -9.51 -1.12 1.25
N VAL A 23 -9.87 -0.33 2.26
CA VAL A 23 -9.95 1.12 2.13
C VAL A 23 -8.59 1.75 1.85
N VAL A 24 -7.53 1.16 2.39
CA VAL A 24 -6.20 1.74 2.27
C VAL A 24 -5.34 1.02 1.23
N ILE A 25 -5.97 0.12 0.48
CA ILE A 25 -5.25 -0.60 -0.56
C ILE A 25 -5.85 -0.33 -1.94
N MET A 26 -7.16 -0.54 -2.07
CA MET A 26 -7.82 -0.52 -3.38
C MET A 26 -7.58 0.78 -4.16
N PRO A 27 -7.88 1.97 -3.59
CA PRO A 27 -7.74 3.23 -4.33
C PRO A 27 -6.27 3.65 -4.50
N PHE A 28 -5.46 3.36 -3.49
CA PHE A 28 -4.05 3.71 -3.53
C PHE A 28 -3.31 2.85 -4.56
N PHE A 29 -3.71 1.59 -4.67
CA PHE A 29 -3.16 0.67 -5.66
C PHE A 29 -3.32 1.24 -7.06
N GLU A 30 -4.49 1.82 -7.32
CA GLU A 30 -4.80 2.41 -8.62
C GLU A 30 -3.75 3.46 -8.98
N GLU A 31 -3.40 4.26 -8.00
CA GLU A 31 -2.42 5.33 -8.19
C GLU A 31 -1.00 4.77 -8.27
N CYS A 32 -0.64 3.94 -7.31
CA CYS A 32 0.71 3.40 -7.24
C CYS A 32 1.03 2.57 -8.47
N PHE A 33 0.12 1.68 -8.86
CA PHE A 33 0.33 0.81 -10.02
C PHE A 33 0.56 1.64 -11.30
N ASP A 34 -0.13 2.76 -11.38
CA ASP A 34 -0.03 3.65 -12.54
C ASP A 34 1.36 4.24 -12.67
N SER A 35 2.06 4.40 -11.54
CA SER A 35 3.34 5.10 -11.53
C SER A 35 4.53 4.18 -11.26
N LEU A 36 4.29 3.06 -10.58
CA LEU A 36 5.38 2.16 -10.19
C LEU A 36 5.81 1.27 -11.34
N THR A 37 6.96 0.64 -11.18
CA THR A 37 7.47 -0.28 -12.18
C THR A 37 7.26 -1.73 -11.74
N GLU A 38 7.34 -2.65 -12.69
CA GLU A 38 7.10 -4.07 -12.42
C GLU A 38 8.05 -4.62 -11.36
N SER A 39 9.29 -4.14 -11.39
CA SER A 39 10.28 -4.51 -10.39
C SER A 39 9.79 -4.16 -8.99
N GLU A 40 9.22 -2.97 -8.85
CA GLU A 40 8.66 -2.53 -7.58
C GLU A 40 7.38 -3.30 -7.27
N GLN A 41 6.64 -3.62 -8.32
CA GLN A 41 5.41 -4.38 -8.20
C GLN A 41 5.69 -5.80 -7.69
N ASP A 42 6.84 -6.34 -8.05
CA ASP A 42 7.25 -7.66 -7.55
C ASP A 42 7.35 -7.61 -6.02
N ASP A 43 7.97 -6.56 -5.51
CA ASP A 43 8.07 -6.35 -4.08
C ASP A 43 6.70 -6.05 -3.48
N PHE A 44 5.92 -5.25 -4.19
CA PHE A 44 4.58 -4.85 -3.74
C PHE A 44 3.65 -6.07 -3.63
N VAL A 45 3.66 -6.93 -4.64
CA VAL A 45 2.85 -8.13 -4.63
C VAL A 45 3.32 -9.07 -3.53
N ALA A 46 4.63 -9.14 -3.34
CA ALA A 46 5.20 -9.94 -2.26
C ALA A 46 4.65 -9.49 -0.91
N LEU A 47 4.47 -8.19 -0.76
CA LEU A 47 3.88 -7.61 0.44
C LEU A 47 2.43 -8.03 0.60
N LEU A 48 1.69 -7.99 -0.51
CA LEU A 48 0.26 -8.30 -0.49
C LEU A 48 0.01 -9.77 -0.16
N GLU A 49 0.94 -10.62 -0.53
CA GLU A 49 0.85 -12.05 -0.28
C GLU A 49 1.25 -12.40 1.15
N SER A 50 1.87 -11.45 1.82
CA SER A 50 2.39 -11.68 3.16
C SER A 50 1.41 -11.21 4.24
N ASP A 51 1.76 -11.48 5.49
CA ASP A 51 1.00 -11.00 6.63
C ASP A 51 1.37 -9.54 6.91
N ASP A 52 0.52 -8.80 7.61
CA ASP A 52 0.68 -7.36 7.72
C ASP A 52 0.93 -6.84 9.16
N PRO A 53 1.91 -7.39 9.91
CA PRO A 53 2.25 -6.86 11.23
C PRO A 53 3.22 -5.68 11.10
N ASP A 54 4.33 -5.94 10.43
CA ASP A 54 5.34 -4.91 10.15
C ASP A 54 4.72 -3.81 9.30
N LEU A 55 3.85 -4.22 8.38
CA LEU A 55 3.20 -3.29 7.47
C LEU A 55 2.33 -2.32 8.27
N PHE A 56 1.48 -2.86 9.14
CA PHE A 56 0.61 -2.04 9.98
C PHE A 56 1.45 -1.13 10.89
N ALA A 57 2.58 -1.65 11.34
CA ALA A 57 3.48 -0.91 12.21
C ALA A 57 4.08 0.31 11.51
N TRP A 58 4.30 0.19 10.20
CA TRP A 58 4.84 1.31 9.43
C TRP A 58 3.77 2.33 9.09
N VAL A 59 2.52 1.88 8.99
CA VAL A 59 1.40 2.79 8.81
C VAL A 59 1.31 3.74 10.00
N MET A 60 1.56 3.21 11.19
CA MET A 60 1.59 4.03 12.39
C MET A 60 2.96 4.69 12.55
N GLY A 61 3.96 4.10 11.91
CA GLY A 61 5.30 4.65 11.95
C GLY A 61 6.03 4.31 13.22
N HIS A 62 6.01 3.03 13.60
CA HIS A 62 6.67 2.61 14.83
C HIS A 62 7.33 1.24 14.63
N GLY A 63 7.71 0.93 13.40
CA GLY A 63 8.30 -0.36 13.10
C GLY A 63 9.61 -0.25 12.34
N ARG A 64 10.20 -1.39 12.02
CA ARG A 64 11.45 -1.42 11.26
C ARG A 64 11.31 -2.35 10.05
N CYS A 65 12.23 -2.22 9.11
CA CYS A 65 12.30 -3.12 7.98
C CYS A 65 13.76 -3.37 7.60
N GLU A 66 14.08 -4.62 7.32
CA GLU A 66 15.44 -4.99 6.94
C GLU A 66 15.78 -4.46 5.56
N ASN A 67 14.79 -4.44 4.67
CA ASN A 67 14.96 -3.87 3.34
C ASN A 67 13.96 -2.75 3.12
N LEU A 68 14.47 -1.54 2.98
CA LEU A 68 13.64 -0.35 2.85
C LEU A 68 12.91 -0.33 1.52
N GLY A 69 13.35 -1.17 0.59
CA GLY A 69 12.68 -1.30 -0.69
C GLY A 69 11.22 -1.67 -0.53
N LEU A 70 10.93 -2.51 0.47
CA LEU A 70 9.55 -2.89 0.76
C LEU A 70 8.78 -1.72 1.36
N ALA A 71 9.46 -0.98 2.22
CA ALA A 71 8.85 0.14 2.94
C ALA A 71 8.53 1.29 1.99
N ALA A 72 9.25 1.35 0.87
CA ALA A 72 9.07 2.41 -0.11
C ALA A 72 7.63 2.48 -0.61
N MET A 73 7.03 1.31 -0.86
CA MET A 73 5.64 1.27 -1.31
C MET A 73 4.69 1.60 -0.17
N VAL A 74 5.04 1.16 1.03
CA VAL A 74 4.24 1.44 2.22
C VAL A 74 4.20 2.94 2.48
N ASP A 75 5.34 3.59 2.23
CA ASP A 75 5.47 5.04 2.38
C ASP A 75 4.41 5.77 1.56
N LYS A 76 4.23 5.33 0.32
CA LYS A 76 3.30 5.96 -0.60
C LYS A 76 1.87 5.78 -0.13
N ILE A 77 1.59 4.63 0.47
CA ILE A 77 0.29 4.35 1.03
C ILE A 77 0.01 5.29 2.22
N VAL A 78 0.96 5.35 3.15
CA VAL A 78 0.83 6.18 4.33
C VAL A 78 0.73 7.66 3.96
N ALA A 79 1.57 8.08 3.00
CA ALA A 79 1.56 9.47 2.53
C ALA A 79 0.19 9.86 1.97
N HIS A 80 -0.46 8.91 1.31
CA HIS A 80 -1.80 9.13 0.77
C HIS A 80 -2.84 9.19 1.87
N ASN A 81 -2.67 8.35 2.88
CA ASN A 81 -3.58 8.34 4.01
C ASN A 81 -3.44 9.63 4.81
N LEU A 82 -2.22 10.12 4.90
CA LEU A 82 -1.94 11.36 5.62
C LEU A 82 -2.73 12.53 5.04
N SER A 83 -2.74 12.62 3.72
CA SER A 83 -3.39 13.74 3.04
C SER A 83 -4.91 13.67 3.15
N LYS A 84 -5.48 12.47 3.05
CA LYS A 84 -6.93 12.33 3.19
C LYS A 84 -7.37 12.63 4.61
N VAL A 85 -6.48 12.38 5.58
CA VAL A 85 -6.75 12.68 6.98
C VAL A 85 -6.71 14.18 7.23
N ARG A 86 -5.81 14.89 6.56
CA ARG A 86 -5.70 16.34 6.74
C ARG A 86 -6.88 17.03 6.06
N LEU A 87 -7.50 16.33 5.12
CA LEU A 87 -8.67 16.85 4.42
C LEU A 87 -9.95 16.59 5.22
N GLU A 88 -10.15 15.34 5.61
CA GLU A 88 -11.37 14.94 6.31
C GLU A 88 -11.32 15.36 7.79
N HIS A 89 -10.13 15.53 8.31
CA HIS A 89 -9.95 15.97 9.68
C HIS A 89 -8.86 17.04 9.74
N HIS A 90 -8.14 17.12 10.84
CA HIS A 90 -7.12 18.14 10.99
C HIS A 90 -5.79 17.50 11.37
N HIS A 91 -4.83 17.54 10.45
CA HIS A 91 -3.52 16.95 10.68
C HIS A 91 -2.47 17.67 9.85
N HIS A 92 -1.32 17.97 10.45
CA HIS A 92 -0.25 18.65 9.75
C HIS A 92 0.77 17.65 9.22
N HIS A 93 1.83 18.16 8.59
CA HIS A 93 2.89 17.33 8.05
C HIS A 93 4.15 18.15 7.85
N HIS A 94 5.28 17.47 7.73
CA HIS A 94 6.57 18.14 7.54
C HIS A 94 7.29 17.52 6.36
N MET A 1 2.57 -6.26 -17.87
CA MET A 1 1.34 -6.97 -18.30
C MET A 1 0.29 -6.95 -17.20
N TYR A 2 -0.63 -5.99 -17.28
CA TYR A 2 -1.70 -5.90 -16.29
C TYR A 2 -3.05 -5.81 -16.95
N THR A 3 -3.98 -6.61 -16.45
CA THR A 3 -5.35 -6.63 -16.94
C THR A 3 -6.30 -6.26 -15.80
N ALA A 4 -7.57 -6.12 -16.12
CA ALA A 4 -8.59 -5.86 -15.11
C ALA A 4 -8.71 -7.06 -14.19
N GLU A 5 -8.55 -8.25 -14.77
CA GLU A 5 -8.56 -9.50 -14.03
C GLU A 5 -7.41 -9.51 -13.03
N GLN A 6 -6.24 -9.07 -13.48
CA GLN A 6 -5.07 -9.00 -12.62
C GLN A 6 -5.31 -8.03 -11.46
N LYS A 7 -5.88 -6.87 -11.77
CA LYS A 7 -6.23 -5.91 -10.74
C LYS A 7 -7.21 -6.50 -9.74
N ALA A 8 -8.13 -7.32 -10.23
CA ALA A 8 -9.16 -7.93 -9.39
C ALA A 8 -8.54 -8.85 -8.34
N ARG A 9 -7.57 -9.65 -8.77
CA ARG A 9 -6.91 -10.59 -7.86
C ARG A 9 -6.23 -9.83 -6.73
N ILE A 10 -5.62 -8.70 -7.07
CA ILE A 10 -4.92 -7.86 -6.10
C ILE A 10 -5.93 -7.19 -5.16
N LYS A 11 -7.03 -6.70 -5.73
CA LYS A 11 -8.11 -6.09 -4.94
C LYS A 11 -8.66 -7.08 -3.91
N TRP A 12 -8.72 -8.36 -4.28
CA TRP A 12 -9.18 -9.39 -3.36
C TRP A 12 -8.19 -9.56 -2.19
N ALA A 13 -6.92 -9.32 -2.48
CA ALA A 13 -5.88 -9.47 -1.47
C ALA A 13 -5.74 -8.21 -0.61
N CYS A 14 -6.46 -7.15 -0.98
CA CYS A 14 -6.40 -5.89 -0.24
C CYS A 14 -6.99 -6.06 1.15
N ARG A 15 -8.05 -6.84 1.27
CA ARG A 15 -8.64 -7.11 2.57
C ARG A 15 -7.92 -8.27 3.25
N ARG A 16 -6.76 -7.97 3.81
CA ARG A 16 -5.99 -8.97 4.55
C ARG A 16 -6.60 -9.19 5.93
N GLY A 17 -7.16 -8.13 6.48
CA GLY A 17 -7.79 -8.20 7.79
C GLY A 17 -8.11 -6.83 8.33
N MET A 18 -7.14 -5.94 8.25
CA MET A 18 -7.31 -4.56 8.67
C MET A 18 -8.34 -3.85 7.79
N LEU A 19 -9.54 -3.69 8.31
CA LEU A 19 -10.65 -3.14 7.54
C LEU A 19 -10.41 -1.67 7.21
N GLU A 20 -9.69 -0.98 8.09
CA GLU A 20 -9.41 0.44 7.89
C GLU A 20 -8.50 0.65 6.68
N LEU A 21 -7.80 -0.40 6.28
CA LEU A 21 -6.89 -0.32 5.14
C LEU A 21 -7.60 -0.65 3.84
N ASP A 22 -8.85 -1.09 3.92
CA ASP A 22 -9.64 -1.41 2.73
C ASP A 22 -9.84 -0.18 1.87
N VAL A 23 -10.11 0.95 2.53
CA VAL A 23 -10.33 2.22 1.85
C VAL A 23 -9.00 2.84 1.44
N VAL A 24 -7.91 2.27 1.93
CA VAL A 24 -6.57 2.78 1.66
C VAL A 24 -5.90 2.02 0.53
N ILE A 25 -5.69 0.73 0.74
CA ILE A 25 -4.90 -0.09 -0.19
C ILE A 25 -5.51 -0.12 -1.59
N MET A 26 -6.83 -0.21 -1.68
CA MET A 26 -7.50 -0.36 -2.97
C MET A 26 -7.23 0.82 -3.92
N PRO A 27 -7.51 2.07 -3.51
CA PRO A 27 -7.21 3.25 -4.35
C PRO A 27 -5.71 3.54 -4.44
N PHE A 28 -5.00 3.32 -3.34
CA PHE A 28 -3.56 3.54 -3.31
C PHE A 28 -2.84 2.62 -4.27
N PHE A 29 -3.37 1.41 -4.43
CA PHE A 29 -2.85 0.47 -5.41
C PHE A 29 -2.87 1.11 -6.79
N GLU A 30 -4.00 1.71 -7.14
CA GLU A 30 -4.15 2.37 -8.44
C GLU A 30 -3.22 3.56 -8.55
N GLU A 31 -3.01 4.25 -7.44
CA GLU A 31 -2.11 5.40 -7.39
C GLU A 31 -0.65 4.97 -7.60
N CYS A 32 -0.21 3.96 -6.86
CA CYS A 32 1.18 3.51 -6.94
C CYS A 32 1.43 2.74 -8.23
N PHE A 33 0.43 1.98 -8.68
CA PHE A 33 0.50 1.26 -9.95
C PHE A 33 0.87 2.20 -11.08
N ASP A 34 0.35 3.42 -10.99
CA ASP A 34 0.57 4.44 -12.00
C ASP A 34 2.03 4.91 -12.01
N SER A 35 2.72 4.65 -10.91
CA SER A 35 4.07 5.19 -10.71
C SER A 35 5.12 4.09 -10.61
N LEU A 36 4.70 2.84 -10.59
CA LEU A 36 5.63 1.72 -10.39
C LEU A 36 5.77 0.90 -11.67
N THR A 37 6.59 -0.14 -11.61
CA THR A 37 6.74 -1.07 -12.70
C THR A 37 6.74 -2.51 -12.18
N GLU A 38 6.88 -3.47 -13.10
CA GLU A 38 6.72 -4.90 -12.78
C GLU A 38 7.56 -5.31 -11.57
N SER A 39 8.80 -4.86 -11.52
CA SER A 39 9.71 -5.20 -10.44
C SER A 39 9.12 -4.83 -9.08
N GLU A 40 8.66 -3.60 -8.94
CA GLU A 40 8.06 -3.11 -7.69
C GLU A 40 6.71 -3.76 -7.47
N GLN A 41 5.93 -3.82 -8.55
CA GLN A 41 4.58 -4.37 -8.52
C GLN A 41 4.57 -5.82 -8.05
N ASP A 42 5.54 -6.59 -8.48
CA ASP A 42 5.64 -8.00 -8.09
C ASP A 42 5.96 -8.11 -6.61
N ASP A 43 6.88 -7.28 -6.14
CA ASP A 43 7.29 -7.27 -4.74
C ASP A 43 6.12 -6.83 -3.86
N PHE A 44 5.34 -5.91 -4.38
CA PHE A 44 4.14 -5.41 -3.71
C PHE A 44 3.10 -6.52 -3.54
N VAL A 45 2.81 -7.22 -4.64
CA VAL A 45 1.83 -8.31 -4.62
C VAL A 45 2.27 -9.42 -3.66
N ALA A 46 3.55 -9.77 -3.74
CA ALA A 46 4.11 -10.81 -2.87
C ALA A 46 3.93 -10.47 -1.39
N LEU A 47 4.14 -9.20 -1.07
CA LEU A 47 4.01 -8.75 0.32
C LEU A 47 2.58 -8.85 0.81
N LEU A 48 1.63 -8.56 -0.09
CA LEU A 48 0.21 -8.58 0.26
C LEU A 48 -0.26 -9.97 0.66
N GLU A 49 0.46 -10.99 0.22
CA GLU A 49 0.12 -12.37 0.55
C GLU A 49 0.56 -12.71 1.96
N SER A 50 1.38 -11.87 2.55
CA SER A 50 1.89 -12.11 3.90
C SER A 50 1.09 -11.30 4.92
N ASP A 51 1.33 -11.58 6.19
CA ASP A 51 0.74 -10.80 7.29
C ASP A 51 1.33 -9.40 7.28
N ASP A 52 0.64 -8.44 7.90
CA ASP A 52 1.03 -7.03 7.77
C ASP A 52 1.42 -6.35 9.10
N PRO A 53 2.35 -6.91 9.89
CA PRO A 53 2.83 -6.25 11.10
C PRO A 53 3.98 -5.30 10.78
N ASP A 54 4.97 -5.83 10.07
CA ASP A 54 6.10 -5.04 9.61
C ASP A 54 5.65 -4.08 8.51
N LEU A 55 4.67 -4.51 7.73
CA LEU A 55 4.08 -3.65 6.70
C LEU A 55 3.47 -2.42 7.35
N PHE A 56 2.65 -2.64 8.38
CA PHE A 56 2.03 -1.55 9.12
C PHE A 56 3.08 -0.70 9.80
N ALA A 57 4.16 -1.34 10.23
CA ALA A 57 5.25 -0.67 10.94
C ALA A 57 5.87 0.44 10.10
N TRP A 58 6.16 0.15 8.84
CA TRP A 58 6.78 1.14 7.98
C TRP A 58 5.79 2.22 7.56
N VAL A 59 4.52 1.86 7.50
CA VAL A 59 3.46 2.84 7.20
C VAL A 59 3.34 3.85 8.34
N MET A 60 3.34 3.35 9.57
CA MET A 60 3.21 4.21 10.75
C MET A 60 4.55 4.90 11.08
N GLY A 61 5.64 4.37 10.55
CA GLY A 61 6.94 4.96 10.77
C GLY A 61 7.57 4.49 12.07
N HIS A 62 7.40 3.20 12.36
CA HIS A 62 7.95 2.61 13.58
C HIS A 62 8.19 1.13 13.34
N GLY A 63 9.37 0.78 12.86
CA GLY A 63 9.67 -0.62 12.63
C GLY A 63 10.92 -0.83 11.78
N ARG A 64 11.19 -2.08 11.44
CA ARG A 64 12.35 -2.45 10.65
C ARG A 64 11.98 -3.54 9.65
N CYS A 65 12.88 -3.84 8.73
CA CYS A 65 12.65 -4.88 7.73
C CYS A 65 13.97 -5.37 7.18
N GLU A 66 13.96 -6.55 6.59
CA GLU A 66 15.19 -7.17 6.09
C GLU A 66 15.53 -6.69 4.69
N ASN A 67 14.52 -6.42 3.87
CA ASN A 67 14.75 -6.03 2.48
C ASN A 67 14.21 -4.63 2.23
N LEU A 68 15.09 -3.73 1.80
CA LEU A 68 14.72 -2.34 1.57
C LEU A 68 13.93 -2.17 0.26
N GLY A 69 13.94 -3.21 -0.56
CA GLY A 69 13.16 -3.17 -1.79
C GLY A 69 11.68 -2.97 -1.51
N LEU A 70 11.21 -3.60 -0.43
CA LEU A 70 9.84 -3.43 0.02
C LEU A 70 9.60 -2.01 0.53
N ALA A 71 10.63 -1.45 1.17
CA ALA A 71 10.54 -0.11 1.73
C ALA A 71 10.45 0.96 0.66
N ALA A 72 11.10 0.70 -0.48
CA ALA A 72 11.16 1.64 -1.59
C ALA A 72 9.76 2.04 -2.07
N MET A 73 8.88 1.07 -2.19
CA MET A 73 7.51 1.34 -2.65
C MET A 73 6.70 2.02 -1.54
N VAL A 74 7.05 1.75 -0.29
CA VAL A 74 6.37 2.35 0.85
C VAL A 74 6.55 3.87 0.84
N ASP A 75 7.75 4.31 0.47
CA ASP A 75 8.06 5.73 0.35
C ASP A 75 7.06 6.43 -0.58
N LYS A 76 6.74 5.76 -1.67
CA LYS A 76 5.83 6.31 -2.67
C LYS A 76 4.41 6.39 -2.11
N ILE A 77 4.03 5.37 -1.36
CA ILE A 77 2.73 5.34 -0.71
C ILE A 77 2.61 6.48 0.30
N VAL A 78 3.61 6.58 1.18
CA VAL A 78 3.63 7.61 2.21
C VAL A 78 3.65 9.00 1.58
N ALA A 79 4.46 9.18 0.54
CA ALA A 79 4.57 10.46 -0.15
C ALA A 79 3.22 10.90 -0.71
N HIS A 80 2.53 9.97 -1.36
CA HIS A 80 1.23 10.26 -1.97
C HIS A 80 0.17 10.45 -0.90
N ASN A 81 0.29 9.68 0.17
CA ASN A 81 -0.64 9.75 1.29
C ASN A 81 -0.46 11.06 2.08
N LEU A 82 0.77 11.52 2.18
CA LEU A 82 1.11 12.66 3.04
C LEU A 82 0.25 13.88 2.71
N SER A 83 0.00 14.12 1.43
CA SER A 83 -0.73 15.31 1.03
C SER A 83 -2.19 15.26 1.49
N LYS A 84 -2.84 14.13 1.25
CA LYS A 84 -4.25 13.97 1.63
C LYS A 84 -4.39 13.90 3.15
N VAL A 85 -3.33 13.51 3.83
CA VAL A 85 -3.32 13.47 5.30
C VAL A 85 -3.21 14.89 5.86
N ARG A 86 -2.18 15.60 5.43
CA ARG A 86 -1.89 16.92 5.94
C ARG A 86 -2.94 17.93 5.47
N LEU A 87 -3.77 17.51 4.53
CA LEU A 87 -4.89 18.32 4.06
C LEU A 87 -5.83 18.65 5.22
N GLU A 88 -6.09 17.65 6.04
CA GLU A 88 -7.02 17.77 7.17
C GLU A 88 -8.40 18.24 6.74
N HIS A 89 -9.27 17.29 6.45
CA HIS A 89 -10.63 17.62 6.09
C HIS A 89 -11.58 16.70 6.86
N HIS A 90 -12.66 17.26 7.39
CA HIS A 90 -13.61 16.50 8.17
C HIS A 90 -14.30 15.45 7.31
N HIS A 91 -13.94 14.19 7.56
CA HIS A 91 -14.46 13.06 6.81
C HIS A 91 -14.65 11.86 7.74
N HIS A 92 -13.82 11.79 8.77
CA HIS A 92 -13.91 10.71 9.77
C HIS A 92 -12.97 11.00 10.93
N HIS A 93 -11.67 11.08 10.62
CA HIS A 93 -10.62 11.26 11.63
C HIS A 93 -10.77 10.14 12.68
N HIS A 94 -10.82 10.51 13.95
CA HIS A 94 -10.93 9.56 15.05
C HIS A 94 -11.42 10.30 16.29
N MET A 1 3.72 -4.26 -18.13
CA MET A 1 2.36 -4.47 -18.67
C MET A 1 1.62 -5.51 -17.84
N TYR A 2 0.60 -5.06 -17.12
CA TYR A 2 -0.15 -5.94 -16.23
C TYR A 2 -1.54 -6.16 -16.80
N THR A 3 -1.81 -7.39 -17.18
CA THR A 3 -3.03 -7.74 -17.89
C THR A 3 -4.25 -7.68 -17.00
N ALA A 4 -5.42 -7.77 -17.61
CA ALA A 4 -6.68 -7.78 -16.88
C ALA A 4 -6.80 -9.04 -16.02
N GLU A 5 -6.21 -10.12 -16.50
CA GLU A 5 -6.15 -11.36 -15.76
C GLU A 5 -5.34 -11.17 -14.48
N GLN A 6 -4.23 -10.44 -14.61
CA GLN A 6 -3.38 -10.13 -13.47
C GLN A 6 -4.05 -9.14 -12.52
N LYS A 7 -4.92 -8.28 -13.06
CA LYS A 7 -5.67 -7.34 -12.22
C LYS A 7 -6.48 -8.09 -11.17
N ALA A 8 -7.03 -9.23 -11.58
CA ALA A 8 -7.82 -10.07 -10.70
C ALA A 8 -6.98 -10.56 -9.53
N ARG A 9 -5.72 -10.86 -9.80
CA ARG A 9 -4.81 -11.37 -8.78
C ARG A 9 -4.64 -10.36 -7.65
N ILE A 10 -4.66 -9.09 -8.00
CA ILE A 10 -4.52 -8.03 -7.01
C ILE A 10 -5.78 -7.93 -6.16
N LYS A 11 -6.94 -7.92 -6.82
CA LYS A 11 -8.23 -7.78 -6.14
C LYS A 11 -8.49 -8.97 -5.22
N TRP A 12 -8.12 -10.16 -5.68
CA TRP A 12 -8.31 -11.37 -4.89
C TRP A 12 -7.36 -11.43 -3.70
N ALA A 13 -6.25 -10.71 -3.77
CA ALA A 13 -5.23 -10.79 -2.74
C ALA A 13 -5.32 -9.63 -1.73
N CYS A 14 -5.97 -8.54 -2.12
CA CYS A 14 -6.04 -7.36 -1.26
C CYS A 14 -6.99 -7.59 -0.08
N ARG A 15 -7.96 -8.46 -0.27
CA ARG A 15 -8.90 -8.80 0.79
C ARG A 15 -8.29 -9.81 1.76
N ARG A 16 -8.95 -9.97 2.92
CA ARG A 16 -8.48 -10.86 4.00
C ARG A 16 -7.31 -10.23 4.75
N GLY A 17 -7.14 -10.64 6.00
CA GLY A 17 -6.07 -10.09 6.82
C GLY A 17 -6.57 -8.91 7.60
N MET A 18 -6.90 -7.85 6.88
CA MET A 18 -7.51 -6.68 7.47
C MET A 18 -8.52 -6.10 6.49
N LEU A 19 -9.78 -6.47 6.67
CA LEU A 19 -10.84 -6.14 5.72
C LEU A 19 -11.02 -4.63 5.56
N GLU A 20 -10.73 -3.88 6.61
CA GLU A 20 -10.87 -2.42 6.56
C GLU A 20 -9.85 -1.80 5.60
N LEU A 21 -8.70 -2.45 5.44
CA LEU A 21 -7.65 -1.94 4.57
C LEU A 21 -8.03 -2.08 3.11
N ASP A 22 -8.76 -3.15 2.78
CA ASP A 22 -9.19 -3.42 1.41
C ASP A 22 -9.86 -2.19 0.78
N VAL A 23 -10.63 -1.48 1.59
CA VAL A 23 -11.37 -0.31 1.14
C VAL A 23 -10.44 0.78 0.61
N VAL A 24 -9.24 0.88 1.18
CA VAL A 24 -8.31 1.94 0.80
C VAL A 24 -7.16 1.42 -0.07
N ILE A 25 -6.85 0.13 0.04
CA ILE A 25 -5.74 -0.47 -0.71
C ILE A 25 -5.93 -0.32 -2.21
N MET A 26 -7.13 -0.63 -2.69
CA MET A 26 -7.42 -0.57 -4.12
C MET A 26 -7.26 0.86 -4.68
N PRO A 27 -7.91 1.88 -4.07
CA PRO A 27 -7.70 3.28 -4.47
C PRO A 27 -6.24 3.71 -4.41
N PHE A 28 -5.53 3.29 -3.37
CA PHE A 28 -4.12 3.62 -3.23
C PHE A 28 -3.29 3.02 -4.36
N PHE A 29 -3.66 1.82 -4.80
CA PHE A 29 -2.97 1.17 -5.92
C PHE A 29 -3.09 2.01 -7.18
N GLU A 30 -4.26 2.61 -7.38
CA GLU A 30 -4.48 3.47 -8.53
C GLU A 30 -3.51 4.64 -8.51
N GLU A 31 -3.39 5.22 -7.33
CA GLU A 31 -2.53 6.38 -7.12
C GLU A 31 -1.04 6.03 -7.29
N CYS A 32 -0.60 4.99 -6.61
CA CYS A 32 0.83 4.63 -6.61
C CYS A 32 1.25 4.02 -7.94
N PHE A 33 0.29 3.44 -8.66
CA PHE A 33 0.54 2.85 -9.97
C PHE A 33 1.22 3.85 -10.90
N ASP A 34 0.86 5.12 -10.77
CA ASP A 34 1.44 6.17 -11.60
C ASP A 34 2.94 6.32 -11.36
N SER A 35 3.39 5.89 -10.20
CA SER A 35 4.79 6.10 -9.81
C SER A 35 5.56 4.78 -9.71
N LEU A 36 4.86 3.66 -9.84
CA LEU A 36 5.48 2.35 -9.68
C LEU A 36 5.52 1.59 -11.00
N THR A 37 6.47 0.67 -11.11
CA THR A 37 6.58 -0.18 -12.30
C THR A 37 6.32 -1.63 -11.93
N GLU A 38 6.52 -2.54 -12.89
CA GLU A 38 6.24 -3.97 -12.69
C GLU A 38 6.98 -4.52 -11.48
N SER A 39 8.22 -4.09 -11.29
CA SER A 39 9.04 -4.54 -10.18
C SER A 39 8.38 -4.21 -8.84
N GLU A 40 7.96 -2.95 -8.68
CA GLU A 40 7.28 -2.53 -7.46
C GLU A 40 5.94 -3.23 -7.34
N GLN A 41 5.28 -3.40 -8.48
CA GLN A 41 3.99 -4.09 -8.52
C GLN A 41 4.12 -5.54 -8.05
N ASP A 42 5.19 -6.20 -8.45
CA ASP A 42 5.42 -7.59 -8.06
C ASP A 42 5.67 -7.70 -6.56
N ASP A 43 6.48 -6.80 -6.03
CA ASP A 43 6.74 -6.74 -4.60
C ASP A 43 5.44 -6.51 -3.81
N PHE A 44 4.60 -5.64 -4.35
CA PHE A 44 3.33 -5.32 -3.74
C PHE A 44 2.41 -6.55 -3.71
N VAL A 45 2.30 -7.22 -4.85
CA VAL A 45 1.48 -8.42 -4.95
C VAL A 45 2.01 -9.53 -4.04
N ALA A 46 3.33 -9.61 -3.92
CA ALA A 46 3.96 -10.60 -3.04
C ALA A 46 3.52 -10.37 -1.60
N LEU A 47 3.37 -9.10 -1.24
CA LEU A 47 2.89 -8.72 0.09
C LEU A 47 1.44 -9.14 0.29
N LEU A 48 0.65 -9.01 -0.76
CA LEU A 48 -0.79 -9.30 -0.68
C LEU A 48 -1.05 -10.79 -0.43
N GLU A 49 -0.07 -11.61 -0.76
CA GLU A 49 -0.17 -13.05 -0.51
C GLU A 49 0.04 -13.36 0.97
N SER A 50 0.52 -12.37 1.71
CA SER A 50 0.76 -12.53 3.14
C SER A 50 -0.02 -11.46 3.92
N ASP A 51 0.34 -11.29 5.18
CA ASP A 51 -0.21 -10.21 5.99
C ASP A 51 0.53 -8.92 5.67
N ASP A 52 0.21 -7.85 6.39
CA ASP A 52 0.85 -6.55 6.17
C ASP A 52 1.60 -6.06 7.41
N PRO A 53 2.52 -6.87 7.99
CA PRO A 53 3.13 -6.53 9.27
C PRO A 53 4.06 -5.32 9.19
N ASP A 54 5.04 -5.39 8.29
CA ASP A 54 6.01 -4.31 8.12
C ASP A 54 5.34 -3.08 7.51
N LEU A 55 4.39 -3.32 6.61
CA LEU A 55 3.65 -2.24 5.97
C LEU A 55 2.87 -1.46 7.03
N PHE A 56 2.13 -2.20 7.87
CA PHE A 56 1.35 -1.59 8.94
C PHE A 56 2.26 -0.86 9.91
N ALA A 57 3.43 -1.45 10.15
CA ALA A 57 4.40 -0.92 11.09
C ALA A 57 4.88 0.47 10.70
N TRP A 58 5.19 0.66 9.42
CA TRP A 58 5.70 1.95 8.94
C TRP A 58 4.59 2.99 8.90
N VAL A 59 3.36 2.54 8.71
CA VAL A 59 2.21 3.45 8.77
C VAL A 59 2.03 3.97 10.20
N MET A 60 2.14 3.07 11.17
CA MET A 60 2.00 3.43 12.58
C MET A 60 3.27 4.12 13.11
N GLY A 61 4.37 3.92 12.39
CA GLY A 61 5.63 4.52 12.78
C GLY A 61 6.35 3.69 13.84
N HIS A 62 6.11 2.39 13.82
CA HIS A 62 6.72 1.48 14.80
C HIS A 62 7.03 0.14 14.15
N GLY A 63 8.19 0.02 13.55
CA GLY A 63 8.59 -1.26 12.99
C GLY A 63 9.69 -1.15 11.94
N ARG A 64 10.24 -2.30 11.58
CA ARG A 64 11.29 -2.37 10.57
C ARG A 64 10.84 -3.24 9.40
N CYS A 65 11.12 -2.79 8.19
CA CYS A 65 10.71 -3.52 7.00
C CYS A 65 11.82 -4.45 6.55
N GLU A 66 11.45 -5.56 5.92
CA GLU A 66 12.39 -6.57 5.47
C GLU A 66 13.40 -5.98 4.48
N ASN A 67 12.90 -5.14 3.58
CA ASN A 67 13.76 -4.48 2.61
C ASN A 67 13.17 -3.13 2.22
N LEU A 68 14.00 -2.22 1.75
CA LEU A 68 13.55 -0.87 1.43
C LEU A 68 12.75 -0.84 0.13
N GLY A 69 12.84 -1.92 -0.64
CA GLY A 69 12.03 -2.04 -1.84
C GLY A 69 10.55 -2.06 -1.49
N LEU A 70 10.19 -2.85 -0.49
CA LEU A 70 8.82 -2.89 0.01
C LEU A 70 8.46 -1.57 0.68
N ALA A 71 9.40 -1.07 1.49
CA ALA A 71 9.20 0.17 2.22
C ALA A 71 8.98 1.35 1.28
N ALA A 72 9.57 1.28 0.10
CA ALA A 72 9.43 2.32 -0.91
C ALA A 72 7.97 2.50 -1.30
N MET A 73 7.25 1.39 -1.44
CA MET A 73 5.83 1.43 -1.79
C MET A 73 5.05 2.10 -0.67
N VAL A 74 5.38 1.71 0.57
CA VAL A 74 4.72 2.26 1.74
C VAL A 74 4.98 3.76 1.85
N ASP A 75 6.20 4.17 1.54
CA ASP A 75 6.60 5.58 1.61
C ASP A 75 5.73 6.45 0.70
N LYS A 76 5.42 5.92 -0.49
CA LYS A 76 4.59 6.66 -1.45
C LYS A 76 3.17 6.80 -0.92
N ILE A 77 2.67 5.73 -0.33
CA ILE A 77 1.34 5.73 0.27
C ILE A 77 1.29 6.70 1.44
N VAL A 78 2.30 6.65 2.30
CA VAL A 78 2.39 7.55 3.45
C VAL A 78 2.49 9.00 2.98
N ALA A 79 3.24 9.23 1.91
CA ALA A 79 3.38 10.58 1.34
C ALA A 79 2.04 11.12 0.90
N HIS A 80 1.24 10.27 0.25
CA HIS A 80 -0.09 10.66 -0.19
C HIS A 80 -1.03 10.81 1.01
N ASN A 81 -0.83 9.94 1.99
CA ASN A 81 -1.61 9.95 3.23
C ASN A 81 -1.34 11.23 4.02
N LEU A 82 -0.12 11.73 3.95
CA LEU A 82 0.29 12.93 4.68
C LEU A 82 -0.65 14.09 4.36
N SER A 83 -1.07 14.18 3.11
CA SER A 83 -2.03 15.22 2.70
C SER A 83 -3.37 14.98 3.38
N LYS A 84 -3.75 13.70 3.53
CA LYS A 84 -4.98 13.33 4.21
C LYS A 84 -4.89 13.71 5.69
N VAL A 85 -3.68 13.63 6.24
CA VAL A 85 -3.45 14.00 7.62
C VAL A 85 -3.70 15.49 7.83
N ARG A 86 -3.34 16.28 6.83
CA ARG A 86 -3.54 17.71 6.85
C ARG A 86 -5.00 18.07 6.59
N LEU A 87 -5.57 17.47 5.54
CA LEU A 87 -6.96 17.73 5.17
C LEU A 87 -7.89 17.25 6.28
N GLU A 88 -7.70 16.01 6.70
CA GLU A 88 -8.50 15.41 7.75
C GLU A 88 -7.79 15.57 9.09
N HIS A 89 -8.04 16.69 9.76
CA HIS A 89 -7.42 16.99 11.05
C HIS A 89 -7.73 15.90 12.07
N HIS A 90 -6.70 15.14 12.42
CA HIS A 90 -6.82 14.07 13.42
C HIS A 90 -5.98 14.42 14.64
N HIS A 91 -4.74 14.83 14.39
CA HIS A 91 -3.81 15.15 15.47
C HIS A 91 -2.71 16.11 15.01
N HIS A 92 -2.73 16.46 13.72
CA HIS A 92 -1.76 17.40 13.16
C HIS A 92 -2.42 18.29 12.12
N HIS A 93 -1.84 19.47 11.89
CA HIS A 93 -2.31 20.38 10.86
C HIS A 93 -1.16 21.28 10.42
N HIS A 94 -1.45 22.25 9.54
CA HIS A 94 -0.42 23.14 9.03
C HIS A 94 -1.05 24.46 8.61
N MET A 1 3.05 -5.46 -16.02
CA MET A 1 2.29 -6.71 -16.27
C MET A 1 0.96 -6.71 -15.52
N TYR A 2 0.41 -5.52 -15.27
CA TYR A 2 -0.83 -5.42 -14.52
C TYR A 2 -1.89 -4.69 -15.34
N THR A 3 -3.14 -5.10 -15.16
CA THR A 3 -4.24 -4.54 -15.90
C THR A 3 -5.46 -4.33 -14.99
N ALA A 4 -6.60 -3.98 -15.58
CA ALA A 4 -7.80 -3.65 -14.82
C ALA A 4 -8.28 -4.80 -13.93
N GLU A 5 -8.33 -6.00 -14.48
CA GLU A 5 -8.80 -7.16 -13.74
C GLU A 5 -7.83 -7.49 -12.60
N GLN A 6 -6.55 -7.31 -12.87
CA GLN A 6 -5.51 -7.48 -11.87
C GLN A 6 -5.73 -6.54 -10.68
N LYS A 7 -6.16 -5.31 -10.97
CA LYS A 7 -6.45 -4.34 -9.92
C LYS A 7 -7.48 -4.88 -8.94
N ALA A 8 -8.46 -5.60 -9.47
CA ALA A 8 -9.51 -6.19 -8.65
C ALA A 8 -8.92 -7.27 -7.75
N ARG A 9 -8.05 -8.08 -8.33
CA ARG A 9 -7.38 -9.15 -7.60
C ARG A 9 -6.47 -8.56 -6.50
N ILE A 10 -5.85 -7.43 -6.81
CA ILE A 10 -5.01 -6.73 -5.85
C ILE A 10 -5.86 -6.22 -4.69
N LYS A 11 -7.03 -5.66 -5.02
CA LYS A 11 -7.95 -5.19 -4.00
C LYS A 11 -8.39 -6.34 -3.08
N TRP A 12 -8.53 -7.53 -3.63
CA TRP A 12 -8.85 -8.71 -2.84
C TRP A 12 -7.75 -9.05 -1.85
N ALA A 13 -6.53 -8.61 -2.15
CA ALA A 13 -5.38 -8.88 -1.30
C ALA A 13 -5.19 -7.78 -0.26
N CYS A 14 -6.18 -6.91 -0.12
CA CYS A 14 -6.14 -5.86 0.90
C CYS A 14 -6.21 -6.46 2.29
N ARG A 15 -6.81 -7.65 2.37
CA ARG A 15 -6.93 -8.40 3.61
C ARG A 15 -7.93 -7.73 4.56
N ARG A 16 -9.09 -8.36 4.73
CA ARG A 16 -10.15 -7.79 5.56
C ARG A 16 -9.65 -7.61 6.99
N GLY A 17 -9.90 -6.43 7.55
CA GLY A 17 -9.45 -6.14 8.88
C GLY A 17 -9.60 -4.66 9.21
N MET A 18 -9.21 -3.82 8.26
CA MET A 18 -9.37 -2.37 8.41
C MET A 18 -9.47 -1.72 7.03
N LEU A 19 -10.38 -0.76 6.91
CA LEU A 19 -10.65 -0.12 5.63
C LEU A 19 -9.63 0.97 5.33
N GLU A 20 -9.01 1.48 6.38
CA GLU A 20 -8.05 2.57 6.24
C GLU A 20 -6.83 2.17 5.40
N LEU A 21 -6.58 0.87 5.27
CA LEU A 21 -5.48 0.40 4.44
C LEU A 21 -5.89 0.36 2.97
N ASP A 22 -7.11 -0.07 2.69
CA ASP A 22 -7.60 -0.15 1.31
C ASP A 22 -7.63 1.23 0.66
N VAL A 23 -8.08 2.22 1.41
CA VAL A 23 -8.25 3.57 0.89
C VAL A 23 -6.91 4.28 0.65
N VAL A 24 -5.82 3.71 1.14
CA VAL A 24 -4.51 4.31 0.91
C VAL A 24 -3.71 3.51 -0.11
N ILE A 25 -4.15 2.29 -0.38
CA ILE A 25 -3.45 1.42 -1.32
C ILE A 25 -4.02 1.53 -2.74
N MET A 26 -5.33 1.28 -2.88
CA MET A 26 -5.94 1.22 -4.20
C MET A 26 -5.85 2.57 -4.94
N PRO A 27 -6.28 3.69 -4.33
CA PRO A 27 -6.18 5.02 -4.97
C PRO A 27 -4.74 5.38 -5.30
N PHE A 28 -3.80 4.86 -4.51
CA PHE A 28 -2.39 5.10 -4.73
C PHE A 28 -1.93 4.37 -5.99
N PHE A 29 -2.35 3.12 -6.12
CA PHE A 29 -1.99 2.30 -7.26
C PHE A 29 -2.51 2.92 -8.55
N GLU A 30 -3.71 3.47 -8.50
CA GLU A 30 -4.33 4.12 -9.66
C GLU A 30 -3.46 5.25 -10.20
N GLU A 31 -2.88 6.02 -9.29
CA GLU A 31 -2.04 7.15 -9.67
C GLU A 31 -0.60 6.72 -9.98
N CYS A 32 -0.06 5.90 -9.10
CA CYS A 32 1.36 5.57 -9.13
C CYS A 32 1.69 4.48 -10.16
N PHE A 33 0.66 3.75 -10.60
CA PHE A 33 0.84 2.63 -11.55
C PHE A 33 1.69 3.04 -12.75
N ASP A 34 1.50 4.25 -13.23
CA ASP A 34 2.22 4.74 -14.40
C ASP A 34 3.71 4.94 -14.10
N SER A 35 4.04 5.16 -12.83
CA SER A 35 5.41 5.42 -12.43
C SER A 35 6.08 4.19 -11.83
N LEU A 36 5.28 3.26 -11.32
CA LEU A 36 5.78 2.05 -10.68
C LEU A 36 6.36 1.10 -11.72
N THR A 37 7.52 0.54 -11.40
CA THR A 37 8.14 -0.45 -12.26
C THR A 37 7.58 -1.83 -11.98
N GLU A 38 7.81 -2.76 -12.90
CA GLU A 38 7.39 -4.13 -12.74
C GLU A 38 7.97 -4.72 -11.46
N SER A 39 9.22 -4.39 -11.18
CA SER A 39 9.91 -4.83 -9.99
C SER A 39 9.16 -4.39 -8.73
N GLU A 40 8.85 -3.10 -8.64
CA GLU A 40 8.11 -2.57 -7.51
C GLU A 40 6.72 -3.21 -7.43
N GLN A 41 6.07 -3.23 -8.58
CA GLN A 41 4.71 -3.71 -8.70
C GLN A 41 4.58 -5.19 -8.29
N ASP A 42 5.58 -5.98 -8.58
CA ASP A 42 5.55 -7.40 -8.26
C ASP A 42 5.76 -7.63 -6.78
N ASP A 43 6.76 -6.96 -6.23
CA ASP A 43 7.10 -7.12 -4.82
C ASP A 43 6.00 -6.53 -3.93
N PHE A 44 5.38 -5.46 -4.41
CA PHE A 44 4.28 -4.80 -3.71
C PHE A 44 3.11 -5.77 -3.55
N VAL A 45 2.70 -6.40 -4.65
CA VAL A 45 1.58 -7.32 -4.61
C VAL A 45 1.94 -8.60 -3.85
N ALA A 46 3.18 -9.05 -4.04
CA ALA A 46 3.67 -10.24 -3.35
C ALA A 46 3.61 -10.09 -1.83
N LEU A 47 3.79 -8.85 -1.36
CA LEU A 47 3.76 -8.56 0.06
C LEU A 47 2.37 -8.82 0.66
N LEU A 48 1.35 -8.46 -0.09
CA LEU A 48 -0.03 -8.51 0.38
C LEU A 48 -0.52 -9.94 0.57
N GLU A 49 0.17 -10.90 -0.04
CA GLU A 49 -0.25 -12.29 0.01
C GLU A 49 -0.11 -12.89 1.40
N SER A 50 0.98 -12.55 2.09
CA SER A 50 1.19 -13.09 3.42
C SER A 50 1.40 -11.97 4.44
N ASP A 51 0.45 -11.87 5.36
CA ASP A 51 0.49 -10.92 6.47
C ASP A 51 0.79 -9.49 5.99
N ASP A 52 1.25 -8.65 6.90
CA ASP A 52 1.63 -7.29 6.58
C ASP A 52 2.64 -6.77 7.61
N PRO A 53 3.73 -7.51 7.86
CA PRO A 53 4.65 -7.21 8.96
C PRO A 53 5.55 -6.03 8.66
N ASP A 54 6.15 -6.04 7.48
CA ASP A 54 7.02 -4.95 7.04
C ASP A 54 6.20 -3.67 6.84
N LEU A 55 4.97 -3.86 6.38
CA LEU A 55 4.07 -2.74 6.10
C LEU A 55 3.61 -2.11 7.41
N PHE A 56 3.09 -2.95 8.31
CA PHE A 56 2.65 -2.49 9.62
C PHE A 56 3.77 -1.78 10.37
N ALA A 57 4.98 -2.31 10.25
CA ALA A 57 6.14 -1.80 10.97
C ALA A 57 6.42 -0.33 10.63
N TRP A 58 6.54 -0.03 9.35
CA TRP A 58 6.91 1.32 8.93
C TRP A 58 5.75 2.29 9.04
N VAL A 59 4.54 1.80 8.84
CA VAL A 59 3.34 2.63 8.97
C VAL A 59 3.12 3.04 10.43
N MET A 60 3.23 2.08 11.34
CA MET A 60 3.04 2.34 12.76
C MET A 60 4.31 2.92 13.37
N GLY A 61 5.42 2.82 12.65
CA GLY A 61 6.68 3.35 13.14
C GLY A 61 7.12 2.67 14.42
N HIS A 62 7.07 1.35 14.42
CA HIS A 62 7.37 0.57 15.61
C HIS A 62 8.09 -0.72 15.26
N GLY A 63 8.82 -0.72 14.15
CA GLY A 63 9.49 -1.94 13.73
C GLY A 63 10.49 -1.72 12.62
N ARG A 64 10.91 -2.82 12.00
CA ARG A 64 11.90 -2.79 10.94
C ARG A 64 11.52 -3.81 9.86
N CYS A 65 12.05 -3.64 8.66
CA CYS A 65 11.74 -4.55 7.57
C CYS A 65 12.92 -5.47 7.29
N GLU A 66 12.68 -6.52 6.52
CA GLU A 66 13.76 -7.41 6.13
C GLU A 66 14.58 -6.81 4.99
N ASN A 67 13.89 -6.32 3.97
CA ASN A 67 14.57 -5.69 2.83
C ASN A 67 14.00 -4.30 2.58
N LEU A 68 14.83 -3.41 2.08
CA LEU A 68 14.42 -2.04 1.84
C LEU A 68 13.56 -1.90 0.58
N GLY A 69 13.57 -2.93 -0.26
CA GLY A 69 12.71 -2.91 -1.45
C GLY A 69 11.25 -2.81 -1.07
N LEU A 70 10.83 -3.65 -0.12
CA LEU A 70 9.48 -3.56 0.42
C LEU A 70 9.30 -2.27 1.19
N ALA A 71 10.36 -1.83 1.85
CA ALA A 71 10.34 -0.59 2.62
C ALA A 71 10.07 0.61 1.71
N ALA A 72 10.64 0.58 0.51
CA ALA A 72 10.41 1.63 -0.47
C ALA A 72 8.95 1.68 -0.87
N MET A 73 8.32 0.50 -0.94
CA MET A 73 6.90 0.42 -1.25
C MET A 73 6.06 0.93 -0.10
N VAL A 74 6.39 0.49 1.12
CA VAL A 74 5.67 0.91 2.31
C VAL A 74 5.85 2.41 2.54
N ASP A 75 7.04 2.91 2.26
CA ASP A 75 7.35 4.34 2.39
C ASP A 75 6.37 5.18 1.57
N LYS A 76 6.13 4.76 0.34
CA LYS A 76 5.19 5.46 -0.53
C LYS A 76 3.78 5.35 0.01
N ILE A 77 3.45 4.23 0.64
CA ILE A 77 2.16 4.05 1.29
C ILE A 77 2.03 5.01 2.47
N VAL A 78 3.07 5.08 3.30
CA VAL A 78 3.11 5.95 4.46
C VAL A 78 2.94 7.41 4.05
N ALA A 79 3.67 7.83 3.01
CA ALA A 79 3.57 9.20 2.50
C ALA A 79 2.14 9.51 2.08
N HIS A 80 1.49 8.54 1.44
CA HIS A 80 0.13 8.70 0.98
C HIS A 80 -0.84 8.75 2.17
N ASN A 81 -0.57 7.93 3.18
CA ASN A 81 -1.39 7.89 4.39
C ASN A 81 -1.24 9.17 5.19
N LEU A 82 0.00 9.61 5.39
CA LEU A 82 0.29 10.82 6.13
C LEU A 82 -0.45 12.01 5.52
N SER A 83 -0.65 11.96 4.21
CA SER A 83 -1.36 13.01 3.50
C SER A 83 -2.82 13.08 3.94
N LYS A 84 -3.52 11.94 3.96
CA LYS A 84 -4.93 11.94 4.36
C LYS A 84 -5.06 12.23 5.86
N VAL A 85 -4.00 11.97 6.61
CA VAL A 85 -3.99 12.28 8.03
C VAL A 85 -3.78 13.78 8.26
N ARG A 86 -2.87 14.37 7.50
CA ARG A 86 -2.55 15.79 7.63
C ARG A 86 -3.69 16.65 7.09
N LEU A 87 -4.58 16.02 6.33
CA LEU A 87 -5.76 16.69 5.80
C LEU A 87 -6.69 17.14 6.92
N GLU A 88 -6.85 16.30 7.94
CA GLU A 88 -7.76 16.56 9.05
C GLU A 88 -9.22 16.64 8.60
N HIS A 89 -10.10 15.97 9.36
CA HIS A 89 -11.52 15.89 9.03
C HIS A 89 -11.71 15.22 7.67
N HIS A 90 -12.71 15.65 6.92
CA HIS A 90 -12.97 15.17 5.56
C HIS A 90 -13.43 13.71 5.58
N HIS A 91 -13.86 13.25 6.75
CA HIS A 91 -14.46 11.92 6.93
C HIS A 91 -13.48 10.80 6.57
N HIS A 92 -12.17 11.09 6.59
CA HIS A 92 -11.12 10.09 6.34
C HIS A 92 -11.20 9.51 4.93
N HIS A 93 -11.93 10.19 4.04
CA HIS A 93 -12.18 9.69 2.68
C HIS A 93 -12.94 8.36 2.76
N HIS A 94 -14.12 8.42 3.35
CA HIS A 94 -14.99 7.25 3.46
C HIS A 94 -16.31 7.53 2.75
#